data_6U7G
#
_entry.id   6U7G
#
_cell.length_a   99.555
_cell.length_b   98.682
_cell.length_c   147.525
_cell.angle_alpha   90.000
_cell.angle_beta   104.600
_cell.angle_gamma   90.000
#
_symmetry.space_group_name_H-M   'P 1 21 1'
#
loop_
_entity.id
_entity.type
_entity.pdbx_description
1 polymer 'Aminopeptidase N'
2 polymer 'Spike protein'
3 branched 2-acetamido-2-deoxy-beta-D-glucopyranose-(1-4)-2-acetamido-2-deoxy-beta-D-glucopyranose
4 non-polymer 'ZINC ION'
5 non-polymer 2-acetamido-2-deoxy-beta-D-glucopyranose
6 water water
#
loop_
_entity_poly.entity_id
_entity_poly.type
_entity_poly.pdbx_seq_one_letter_code
_entity_poly.pdbx_strand_id
1 'polypeptide(L)'
;GGRPDQSKAWNRYRLPNTLKPDSYRVTLRPYLTPNDRGLYVFKGSSTVRFTCKEATDVIIIHSKKLNYTLSQGHRVVLRG
VGGSQPPDIDKTELVEPTEYLVVHLKGSLVKDSQYEMDSEFEGELADDLAGFYRSEYMEGNVRKVVATTQMQAADARKSF
PCFDEPAMKAEFNITLIHPKDLTALSNMLPKGPSTPLPEDPNWNVTEFHTTPKMSTYLLAFIVSEFDYVEKQASNGVLIR
IWARPSAIAAGHGDYALNVTGPILNFFAGHYDTPYPLPKSDQIGLPDFNAGAMENWGLVTYRENSLLFDPLSSSSSNKER
VVTVIAHELAHQWFGNLVTIEWWNDLWLNEGFASYVEYLGADYAEPTWNLKDLMVLNDVYRVMAVDALASSHPLSTPASE
INTPAQISELFDAISYSKGASVLRMLSSFLSEDVFKQGLASYLHTFAYQNTIYLNLWDHLQEAVNNRSIQLPTTVRDIMN
RWTLQMGFPVITVDTSTGTLSQEHFLLDPDSNVTRPSEFNYVWIVPITSIRDGRQQQDYWLIDVRAQNDLFSTSGNEWVL
LNLNVTGYYRVNYDEENWRKIQTQLQRDHSAIPVINRAQIINDAFNLASAHKVPVTLALNNTLFLIEERQYMPWEAALSS
LSYFKLMFDRSEVYGPMKNYLKKQVTPLFIHFRNNTNNWREIPENLMDQYSEVNAISTACSNGVPECEEMVSGLFKQWME
NPNNNPIHPNLRSTVYCNAIAQGGEEEWDFAWEQFRNATLVNEADKLRAALACSKELWILNRYLSYTLNPDLIRKQDATS
TIISITNNVIGQGLVWDFVQSNWKKLFNDYGGGSFSFSNLIQAVTRRFSTEYELQQLEQFKKDNEETGFGSGTRALEQAL
EKTKANIKWVKENKEVVLQWFTENSK
;
A,B
2 'polypeptide(L)'
;GGRPLPVYHKHMFIVLYVNFELRRGPGRCYNCRPAVVNITLANFNETKGPLCVDTSHFTTQFVGVKFDRWSASINTGNCP
FSFGKVNNFVKFGSVCFSLKDIPGGCAMPIMANLANLNSHNIGTLYVSWSDGDGITGVPQPVEGV
;
C,D
#
loop_
_chem_comp.id
_chem_comp.type
_chem_comp.name
_chem_comp.formula
NAG D-saccharide, beta linking 2-acetamido-2-deoxy-beta-D-glucopyranose 'C8 H15 N O6'
ZN non-polymer 'ZINC ION' 'Zn 2'
#
# COMPACT_ATOMS: atom_id res chain seq x y z
N ASP A 5 -27.85 -37.76 21.76
CA ASP A 5 -26.43 -37.56 21.45
C ASP A 5 -25.49 -37.85 22.63
N GLN A 6 -25.45 -36.86 23.52
CA GLN A 6 -24.62 -36.93 24.72
C GLN A 6 -25.00 -38.08 25.61
N SER A 7 -26.18 -38.66 25.39
CA SER A 7 -26.58 -39.84 26.16
C SER A 7 -25.62 -41.00 25.90
N LYS A 8 -25.13 -41.12 24.66
CA LYS A 8 -24.27 -42.22 24.27
C LYS A 8 -22.81 -41.89 24.58
N ALA A 9 -22.09 -42.87 25.11
CA ALA A 9 -20.71 -42.64 25.51
C ALA A 9 -19.81 -42.31 24.32
N TRP A 10 -20.08 -42.89 23.16
CA TRP A 10 -19.24 -42.64 22.00
C TRP A 10 -19.45 -41.26 21.39
N ASN A 11 -20.37 -40.46 21.92
CA ASN A 11 -20.54 -39.07 21.51
C ASN A 11 -19.99 -38.09 22.53
N ARG A 12 -19.30 -38.59 23.54
CA ARG A 12 -18.64 -37.76 24.55
C ARG A 12 -17.13 -37.84 24.36
N TYR A 13 -16.44 -36.75 24.72
CA TYR A 13 -15.05 -36.59 24.34
C TYR A 13 -14.06 -37.25 25.28
N ARG A 14 -14.43 -37.49 26.53
CA ARG A 14 -13.55 -38.22 27.45
C ARG A 14 -13.85 -39.71 27.39
N LEU A 15 -12.80 -40.52 27.47
CA LEU A 15 -12.96 -41.96 27.43
C LEU A 15 -13.75 -42.43 28.65
N PRO A 16 -14.49 -43.53 28.52
CA PRO A 16 -15.11 -44.14 29.71
C PRO A 16 -14.04 -44.70 30.64
N ASN A 17 -14.44 -44.91 31.89
CA ASN A 17 -13.58 -45.51 32.90
C ASN A 17 -13.65 -47.02 32.92
N THR A 18 -14.37 -47.62 31.96
CA THR A 18 -14.67 -49.05 32.03
C THR A 18 -13.49 -49.92 31.64
N LEU A 19 -12.61 -49.44 30.76
CA LEU A 19 -11.48 -50.23 30.28
C LEU A 19 -10.19 -49.47 30.50
N LYS A 20 -9.13 -50.22 30.82
CA LYS A 20 -7.81 -49.66 31.08
C LYS A 20 -6.75 -50.51 30.39
N PRO A 21 -5.98 -49.95 29.44
CA PRO A 21 -5.00 -50.78 28.73
C PRO A 21 -3.82 -51.12 29.63
N ASP A 22 -3.22 -52.27 29.35
CA ASP A 22 -2.02 -52.73 30.04
C ASP A 22 -0.79 -52.73 29.15
N SER A 23 -0.93 -53.08 27.87
CA SER A 23 0.23 -53.29 27.02
C SER A 23 -0.22 -53.36 25.57
N TYR A 24 0.54 -52.71 24.69
CA TYR A 24 0.29 -52.72 23.26
C TYR A 24 1.45 -53.36 22.52
N ARG A 25 1.18 -53.86 21.32
CA ARG A 25 2.20 -54.14 20.32
C ARG A 25 1.73 -53.56 19.00
N VAL A 26 2.63 -52.87 18.30
CA VAL A 26 2.29 -52.15 17.07
C VAL A 26 3.33 -52.44 16.01
N THR A 27 2.88 -52.72 14.80
CA THR A 27 3.76 -52.86 13.63
C THR A 27 3.32 -51.85 12.59
N LEU A 28 4.25 -51.03 12.13
CA LEU A 28 3.97 -50.00 11.15
C LEU A 28 4.94 -50.10 9.99
N ARG A 29 4.44 -49.84 8.78
CA ARG A 29 5.23 -49.97 7.55
C ARG A 29 4.98 -48.76 6.67
N PRO A 30 5.87 -47.76 6.71
CA PRO A 30 5.72 -46.61 5.81
C PRO A 30 6.10 -46.94 4.37
N TYR A 31 5.35 -46.38 3.44
CA TYR A 31 5.62 -46.51 2.01
C TYR A 31 6.05 -45.13 1.51
N LEU A 32 7.37 -44.96 1.35
CA LEU A 32 7.97 -43.67 1.04
C LEU A 32 7.91 -43.32 -0.43
N THR A 33 7.14 -44.05 -1.23
CA THR A 33 6.82 -43.69 -2.60
C THR A 33 5.31 -43.62 -2.77
N PRO A 34 4.80 -42.70 -3.59
CA PRO A 34 3.35 -42.57 -3.72
C PRO A 34 2.75 -43.71 -4.51
N ASN A 35 1.47 -44.00 -4.23
CA ASN A 35 0.75 -45.05 -4.93
C ASN A 35 0.05 -44.47 -6.16
N ASP A 36 -0.66 -45.34 -6.88
CA ASP A 36 -1.27 -44.91 -8.14
C ASP A 36 -2.32 -43.83 -7.95
N ARG A 37 -2.81 -43.63 -6.73
CA ARG A 37 -3.68 -42.51 -6.41
C ARG A 37 -2.90 -41.27 -5.99
N GLY A 38 -1.57 -41.37 -5.90
CA GLY A 38 -0.74 -40.24 -5.55
C GLY A 38 -0.51 -40.04 -4.07
N LEU A 39 -0.75 -41.06 -3.25
CA LEU A 39 -0.72 -40.93 -1.82
C LEU A 39 0.46 -41.69 -1.22
N TYR A 40 1.14 -41.05 -0.28
CA TYR A 40 2.05 -41.76 0.62
C TYR A 40 1.21 -42.36 1.74
N VAL A 41 1.40 -43.66 2.00
CA VAL A 41 0.58 -44.37 2.98
C VAL A 41 1.47 -45.20 3.88
N PHE A 42 0.92 -45.57 5.03
CA PHE A 42 1.53 -46.53 5.93
C PHE A 42 0.52 -47.61 6.26
N LYS A 43 0.98 -48.84 6.32
CA LYS A 43 0.16 -49.99 6.71
C LYS A 43 0.60 -50.44 8.09
N GLY A 44 -0.36 -50.83 8.92
CA GLY A 44 -0.06 -51.22 10.28
C GLY A 44 -1.03 -52.24 10.84
N SER A 45 -0.61 -52.85 11.94
CA SER A 45 -1.44 -53.74 12.73
C SER A 45 -1.13 -53.47 14.20
N SER A 46 -2.00 -53.96 15.08
CA SER A 46 -1.81 -53.69 16.50
C SER A 46 -2.65 -54.64 17.33
N THR A 47 -2.12 -54.99 18.50
CA THR A 47 -2.85 -55.72 19.52
C THR A 47 -2.73 -54.94 20.83
N VAL A 48 -3.87 -54.63 21.44
CA VAL A 48 -3.90 -53.98 22.75
C VAL A 48 -4.46 -54.97 23.75
N ARG A 49 -3.70 -55.23 24.82
CA ARG A 49 -4.20 -55.98 25.97
C ARG A 49 -4.73 -54.98 26.99
N PHE A 50 -5.98 -55.17 27.41
CA PHE A 50 -6.60 -54.24 28.34
C PHE A 50 -7.37 -55.02 29.40
N THR A 51 -7.66 -54.33 30.49
CA THR A 51 -8.38 -54.90 31.63
C THR A 51 -9.74 -54.23 31.75
N CYS A 52 -10.76 -55.04 32.01
CA CYS A 52 -12.10 -54.51 32.24
C CYS A 52 -12.23 -54.11 33.70
N LYS A 53 -12.22 -52.80 33.97
CA LYS A 53 -12.40 -52.32 35.34
C LYS A 53 -13.87 -52.31 35.74
N GLU A 54 -14.78 -52.21 34.77
CA GLU A 54 -16.21 -52.16 35.03
C GLU A 54 -16.92 -52.81 33.85
N ALA A 55 -17.89 -53.67 34.14
CA ALA A 55 -18.57 -54.42 33.10
C ALA A 55 -19.20 -53.48 32.08
N THR A 56 -18.98 -53.77 30.81
CA THR A 56 -19.51 -52.95 29.72
C THR A 56 -19.63 -53.81 28.47
N ASP A 57 -20.60 -53.47 27.62
CA ASP A 57 -20.86 -54.19 26.39
C ASP A 57 -20.36 -53.43 25.17
N VAL A 58 -19.41 -52.52 25.35
CA VAL A 58 -18.87 -51.73 24.26
C VAL A 58 -17.40 -51.46 24.54
N ILE A 59 -16.60 -51.44 23.49
CA ILE A 59 -15.20 -51.03 23.56
C ILE A 59 -15.06 -49.73 22.78
N ILE A 60 -14.68 -48.66 23.48
CA ILE A 60 -14.47 -47.35 22.87
C ILE A 60 -12.98 -47.03 22.93
N ILE A 61 -12.37 -46.85 21.77
CA ILE A 61 -10.94 -46.60 21.64
C ILE A 61 -10.76 -45.54 20.56
N HIS A 62 -9.68 -44.78 20.66
CA HIS A 62 -9.47 -43.66 19.76
C HIS A 62 -8.95 -44.13 18.40
N SER A 63 -9.43 -43.48 17.34
CA SER A 63 -9.00 -43.79 15.98
C SER A 63 -9.27 -42.56 15.12
N LYS A 64 -8.27 -42.17 14.33
CA LYS A 64 -8.34 -40.93 13.54
C LYS A 64 -7.70 -41.16 12.18
N LYS A 65 -8.50 -41.04 11.12
CA LYS A 65 -8.01 -41.09 9.74
C LYS A 65 -7.33 -42.42 9.45
N LEU A 66 -7.88 -43.50 10.01
CA LEU A 66 -7.38 -44.85 9.79
C LEU A 66 -8.45 -45.68 9.10
N ASN A 67 -8.05 -46.39 8.04
CA ASN A 67 -8.94 -47.26 7.29
C ASN A 67 -8.61 -48.70 7.65
N TYR A 68 -9.62 -49.45 8.07
CA TYR A 68 -9.42 -50.77 8.65
C TYR A 68 -9.72 -51.87 7.65
N THR A 69 -8.88 -52.90 7.66
CA THR A 69 -9.16 -54.13 6.92
C THR A 69 -10.12 -54.98 7.73
N LEU A 70 -11.20 -55.42 7.10
CA LEU A 70 -12.20 -56.22 7.80
C LEU A 70 -11.70 -57.65 7.98
N SER A 71 -11.90 -58.17 9.18
CA SER A 71 -11.53 -59.54 9.52
C SER A 71 -12.75 -60.20 10.15
N GLN A 72 -13.29 -61.22 9.48
CA GLN A 72 -14.48 -61.91 9.95
C GLN A 72 -15.66 -60.95 10.05
N GLY A 73 -15.74 -60.04 9.09
CA GLY A 73 -16.86 -59.10 9.00
C GLY A 73 -16.73 -57.85 9.82
N HIS A 74 -15.65 -57.69 10.59
CA HIS A 74 -15.54 -56.56 11.51
C HIS A 74 -14.14 -55.95 11.45
N ARG A 75 -14.05 -54.72 11.93
CA ARG A 75 -12.80 -53.97 11.89
C ARG A 75 -11.79 -54.45 12.93
N VAL A 76 -12.20 -55.25 13.90
CA VAL A 76 -11.29 -55.80 14.90
C VAL A 76 -11.65 -57.25 15.15
N VAL A 77 -10.69 -57.98 15.70
CA VAL A 77 -10.91 -59.30 16.28
C VAL A 77 -10.68 -59.18 17.78
N LEU A 78 -11.54 -59.82 18.57
CA LEU A 78 -11.44 -59.79 20.02
C LEU A 78 -11.17 -61.19 20.52
N ARG A 79 -10.14 -61.33 21.35
CA ARG A 79 -9.72 -62.62 21.89
C ARG A 79 -9.62 -62.52 23.41
N GLY A 80 -9.61 -63.70 24.05
CA GLY A 80 -9.50 -63.76 25.48
C GLY A 80 -8.07 -63.90 25.95
N VAL A 81 -7.88 -63.67 27.26
CA VAL A 81 -6.57 -63.75 27.88
C VAL A 81 -6.69 -64.63 29.13
N GLY A 82 -5.86 -65.67 29.19
CA GLY A 82 -5.80 -66.53 30.36
C GLY A 82 -7.14 -67.07 30.81
N GLY A 83 -7.90 -67.63 29.87
CA GLY A 83 -9.18 -68.23 30.16
C GLY A 83 -10.37 -67.36 29.83
N SER A 84 -10.19 -66.04 29.77
CA SER A 84 -11.29 -65.15 29.43
C SER A 84 -11.91 -65.55 28.09
N GLN A 85 -13.21 -65.32 27.95
CA GLN A 85 -13.95 -65.66 26.75
C GLN A 85 -14.72 -64.43 26.29
N PRO A 86 -14.35 -63.82 25.17
CA PRO A 86 -14.93 -62.53 24.80
C PRO A 86 -16.25 -62.70 24.07
N PRO A 87 -17.24 -61.85 24.34
CA PRO A 87 -18.50 -61.92 23.59
C PRO A 87 -18.27 -61.63 22.10
N ASP A 88 -19.27 -62.00 21.31
CA ASP A 88 -19.22 -61.76 19.88
C ASP A 88 -19.41 -60.27 19.58
N ILE A 89 -18.82 -59.84 18.47
CA ILE A 89 -18.99 -58.46 18.01
C ILE A 89 -20.31 -58.36 17.26
N ASP A 90 -21.13 -57.37 17.63
CA ASP A 90 -22.33 -57.08 16.85
C ASP A 90 -22.00 -56.21 15.65
N LYS A 91 -21.23 -55.15 15.86
CA LYS A 91 -20.78 -54.30 14.76
C LYS A 91 -19.73 -53.35 15.29
N THR A 92 -18.92 -52.82 14.38
CA THR A 92 -17.99 -51.74 14.67
C THR A 92 -18.39 -50.52 13.86
N GLU A 93 -18.03 -49.34 14.37
CA GLU A 93 -18.29 -48.10 13.66
C GLU A 93 -17.22 -47.08 14.05
N LEU A 94 -17.05 -46.09 13.19
CA LEU A 94 -16.15 -44.97 13.44
C LEU A 94 -17.00 -43.72 13.69
N VAL A 95 -16.73 -43.05 14.81
CA VAL A 95 -17.41 -41.82 15.19
C VAL A 95 -16.40 -40.69 15.02
N GLU A 96 -16.54 -39.93 13.94
CA GLU A 96 -15.48 -38.99 13.56
C GLU A 96 -15.36 -37.83 14.53
N PRO A 97 -16.44 -37.17 14.96
CA PRO A 97 -16.26 -35.99 15.83
C PRO A 97 -15.45 -36.28 17.09
N THR A 98 -15.71 -37.41 17.74
CA THR A 98 -14.97 -37.80 18.93
C THR A 98 -13.76 -38.67 18.62
N GLU A 99 -13.53 -38.99 17.35
CA GLU A 99 -12.38 -39.77 16.91
C GLU A 99 -12.31 -41.10 17.67
N TYR A 100 -13.40 -41.86 17.58
CA TYR A 100 -13.52 -43.14 18.24
C TYR A 100 -13.69 -44.26 17.22
N LEU A 101 -13.17 -45.44 17.57
CA LEU A 101 -13.57 -46.71 16.99
C LEU A 101 -14.37 -47.44 18.06
N VAL A 102 -15.61 -47.79 17.75
CA VAL A 102 -16.55 -48.32 18.73
C VAL A 102 -16.91 -49.74 18.34
N VAL A 103 -16.69 -50.69 19.25
CA VAL A 103 -16.99 -52.10 19.03
C VAL A 103 -18.18 -52.44 19.93
N HIS A 104 -19.35 -52.62 19.31
CA HIS A 104 -20.56 -52.98 20.05
C HIS A 104 -20.60 -54.49 20.23
N LEU A 105 -20.66 -54.93 21.48
CA LEU A 105 -20.64 -56.34 21.81
C LEU A 105 -22.05 -56.87 22.00
N LYS A 106 -22.18 -58.19 21.88
CA LYS A 106 -23.43 -58.87 22.15
C LYS A 106 -23.58 -59.26 23.61
N GLY A 107 -22.46 -59.35 24.34
CA GLY A 107 -22.50 -59.56 25.77
C GLY A 107 -21.68 -58.51 26.48
N SER A 108 -21.52 -58.65 27.79
CA SER A 108 -20.75 -57.72 28.60
C SER A 108 -19.40 -58.32 28.96
N LEU A 109 -18.36 -57.49 28.95
CA LEU A 109 -17.06 -57.90 29.44
C LEU A 109 -17.11 -58.07 30.96
N VAL A 110 -16.33 -59.00 31.46
CA VAL A 110 -16.38 -59.37 32.88
C VAL A 110 -15.34 -58.58 33.66
N LYS A 111 -15.78 -57.98 34.77
CA LYS A 111 -14.91 -57.14 35.58
C LYS A 111 -13.66 -57.89 35.99
N ASP A 112 -12.52 -57.20 35.89
CA ASP A 112 -11.19 -57.65 36.28
C ASP A 112 -10.59 -58.69 35.33
N SER A 113 -11.30 -59.07 34.28
CA SER A 113 -10.75 -59.95 33.27
C SER A 113 -9.99 -59.15 32.21
N GLN A 114 -9.09 -59.82 31.52
CA GLN A 114 -8.26 -59.20 30.51
C GLN A 114 -8.68 -59.67 29.12
N TYR A 115 -8.44 -58.81 28.12
CA TYR A 115 -8.81 -59.09 26.74
C TYR A 115 -7.76 -58.49 25.82
N GLU A 116 -7.72 -58.98 24.60
CA GLU A 116 -6.80 -58.51 23.57
C GLU A 116 -7.58 -58.22 22.30
N MET A 117 -7.27 -57.09 21.67
CA MET A 117 -7.99 -56.60 20.50
C MET A 117 -7.02 -56.42 19.34
N ASP A 118 -7.21 -57.20 18.28
CA ASP A 118 -6.38 -57.12 17.09
C ASP A 118 -7.04 -56.24 16.04
N SER A 119 -6.23 -55.42 15.37
CA SER A 119 -6.72 -54.57 14.30
C SER A 119 -5.67 -54.51 13.19
N GLU A 120 -6.15 -54.24 11.97
CA GLU A 120 -5.32 -54.09 10.79
C GLU A 120 -5.82 -52.88 10.03
N PHE A 121 -4.92 -51.92 9.76
CA PHE A 121 -5.36 -50.60 9.33
C PHE A 121 -4.37 -50.01 8.35
N GLU A 122 -4.81 -48.92 7.71
CA GLU A 122 -4.00 -48.16 6.76
C GLU A 122 -4.26 -46.68 7.00
N GLY A 123 -3.25 -45.87 6.71
CA GLY A 123 -3.37 -44.43 6.89
C GLY A 123 -2.46 -43.70 5.92
N GLU A 124 -2.64 -42.38 5.87
CA GLU A 124 -1.86 -41.55 4.98
C GLU A 124 -0.62 -41.01 5.69
N LEU A 125 0.52 -41.10 5.01
CA LEU A 125 1.74 -40.38 5.43
C LEU A 125 1.69 -38.97 4.85
N ALA A 126 0.78 -38.17 5.39
CA ALA A 126 0.54 -36.84 4.87
C ALA A 126 1.65 -35.87 5.28
N ASP A 127 1.65 -34.70 4.67
CA ASP A 127 2.59 -33.63 5.02
C ASP A 127 2.01 -32.68 6.05
N ASP A 128 1.14 -33.18 6.95
CA ASP A 128 0.41 -32.36 7.90
C ASP A 128 1.12 -32.22 9.24
N LEU A 129 2.29 -32.84 9.41
CA LEU A 129 3.11 -32.69 10.60
C LEU A 129 2.46 -33.26 11.86
N ALA A 130 1.50 -34.19 11.70
CA ALA A 130 0.77 -34.75 12.82
C ALA A 130 0.61 -36.25 12.62
N GLY A 131 0.62 -36.98 13.73
CA GLY A 131 0.57 -38.43 13.66
C GLY A 131 1.81 -38.99 13.00
N PHE A 132 1.63 -40.06 12.24
CA PHE A 132 2.68 -40.65 11.41
C PHE A 132 2.67 -39.91 10.07
N TYR A 133 3.65 -39.03 9.86
CA TYR A 133 3.64 -38.12 8.72
C TYR A 133 5.00 -38.17 8.02
N ARG A 134 5.09 -37.44 6.90
CA ARG A 134 6.27 -37.46 6.07
C ARG A 134 6.95 -36.10 6.04
N SER A 135 8.29 -36.13 5.97
CA SER A 135 9.13 -34.96 5.82
C SER A 135 10.07 -35.20 4.64
N GLU A 136 10.40 -34.12 3.93
CA GLU A 136 11.17 -34.24 2.71
C GLU A 136 12.33 -33.24 2.70
N TYR A 137 13.37 -33.60 1.95
CA TYR A 137 14.55 -32.74 1.81
C TYR A 137 15.31 -33.19 0.57
N MET A 138 16.13 -32.28 0.05
CA MET A 138 16.93 -32.55 -1.14
C MET A 138 18.31 -33.03 -0.73
N GLU A 139 18.78 -34.10 -1.38
CA GLU A 139 20.17 -34.55 -1.29
C GLU A 139 20.66 -34.74 -2.72
N GLY A 140 21.51 -33.83 -3.19
CA GLY A 140 21.79 -33.78 -4.61
C GLY A 140 20.53 -33.39 -5.36
N ASN A 141 20.26 -34.10 -6.46
CA ASN A 141 19.05 -33.89 -7.24
C ASN A 141 17.91 -34.82 -6.82
N VAL A 142 18.05 -35.51 -5.69
CA VAL A 142 17.08 -36.50 -5.25
C VAL A 142 16.31 -35.95 -4.06
N ARG A 143 14.98 -36.02 -4.13
CA ARG A 143 14.12 -35.62 -3.03
C ARG A 143 13.93 -36.82 -2.10
N LYS A 144 14.53 -36.77 -0.92
CA LYS A 144 14.40 -37.84 0.05
C LYS A 144 13.12 -37.67 0.85
N VAL A 145 12.53 -38.80 1.23
CA VAL A 145 11.28 -38.82 2.01
C VAL A 145 11.55 -39.51 3.33
N VAL A 146 11.11 -38.90 4.42
CA VAL A 146 11.31 -39.40 5.77
C VAL A 146 9.95 -39.66 6.40
N ALA A 147 9.82 -40.78 7.10
CA ALA A 147 8.64 -41.09 7.90
C ALA A 147 8.98 -40.78 9.35
N THR A 148 8.17 -39.94 9.99
CA THR A 148 8.43 -39.49 11.35
C THR A 148 7.09 -39.23 12.03
N THR A 149 7.12 -38.89 13.30
CA THR A 149 5.92 -38.85 14.12
C THR A 149 5.85 -37.59 14.96
N GLN A 150 4.61 -37.21 15.30
CA GLN A 150 4.33 -36.18 16.29
C GLN A 150 2.95 -36.50 16.85
N MET A 151 2.89 -36.96 18.10
CA MET A 151 1.63 -37.43 18.67
C MET A 151 0.96 -36.44 19.60
N GLN A 152 1.72 -35.60 20.30
CA GLN A 152 1.10 -34.65 21.22
C GLN A 152 0.23 -33.66 20.45
N ALA A 153 -0.98 -33.39 20.94
CA ALA A 153 -1.49 -33.96 22.19
C ALA A 153 -2.25 -35.26 21.95
N ALA A 154 -3.03 -35.29 20.88
CA ALA A 154 -4.00 -36.36 20.66
C ALA A 154 -3.94 -36.86 19.22
N ASP A 155 -2.73 -37.19 18.76
CA ASP A 155 -2.54 -37.72 17.42
C ASP A 155 -1.93 -39.11 17.38
N ALA A 156 -1.59 -39.70 18.53
CA ALA A 156 -1.21 -41.11 18.54
C ALA A 156 -2.31 -41.96 17.91
N ARG A 157 -3.57 -41.57 18.14
CA ARG A 157 -4.70 -42.22 17.50
C ARG A 157 -4.65 -42.14 15.98
N LYS A 158 -3.86 -41.22 15.42
CA LYS A 158 -3.76 -41.10 13.98
C LYS A 158 -2.80 -42.09 13.35
N SER A 159 -2.01 -42.81 14.16
CA SER A 159 -1.08 -43.81 13.66
C SER A 159 -1.48 -45.23 14.02
N PHE A 160 -2.21 -45.43 15.12
CA PHE A 160 -2.76 -46.74 15.46
C PHE A 160 -3.83 -46.54 16.52
N PRO A 161 -4.81 -47.45 16.62
CA PRO A 161 -5.87 -47.28 17.62
C PRO A 161 -5.34 -47.51 19.03
N CYS A 162 -5.71 -46.62 19.94
CA CYS A 162 -5.22 -46.67 21.32
C CYS A 162 -6.14 -45.87 22.22
N PHE A 163 -6.05 -46.14 23.52
CA PHE A 163 -6.73 -45.33 24.54
C PHE A 163 -5.88 -44.09 24.75
N ASP A 164 -6.17 -43.05 23.97
CA ASP A 164 -5.25 -41.94 23.75
C ASP A 164 -5.54 -40.80 24.73
N GLU A 165 -5.29 -41.07 26.00
CA GLU A 165 -5.31 -40.06 27.05
C GLU A 165 -4.06 -40.25 27.92
N PRO A 166 -3.44 -39.16 28.38
CA PRO A 166 -2.13 -39.30 29.05
C PRO A 166 -2.14 -40.17 30.29
N ALA A 167 -3.30 -40.35 30.94
CA ALA A 167 -3.37 -41.14 32.17
C ALA A 167 -3.60 -42.62 31.92
N MET A 168 -3.75 -43.03 30.67
CA MET A 168 -3.85 -44.45 30.32
C MET A 168 -2.48 -44.99 29.93
N LYS A 169 -1.54 -44.90 30.86
CA LYS A 169 -0.17 -45.32 30.60
C LYS A 169 -0.12 -46.81 30.32
N ALA A 170 0.86 -47.21 29.52
CA ALA A 170 1.01 -48.61 29.12
C ALA A 170 2.40 -48.82 28.56
N GLU A 171 2.74 -50.09 28.36
CA GLU A 171 3.96 -50.49 27.69
C GLU A 171 3.68 -50.75 26.21
N PHE A 172 4.68 -50.50 25.37
CA PHE A 172 4.51 -50.58 23.93
C PHE A 172 5.66 -51.39 23.32
N ASN A 173 5.30 -52.32 22.44
CA ASN A 173 6.25 -53.16 21.71
C ASN A 173 6.18 -52.74 20.24
N ILE A 174 7.14 -51.95 19.80
CA ILE A 174 7.11 -51.37 18.46
C ILE A 174 7.90 -52.25 17.50
N THR A 175 7.33 -52.46 16.31
CA THR A 175 8.02 -53.07 15.19
C THR A 175 7.86 -52.16 13.99
N LEU A 176 8.94 -51.89 13.27
CA LEU A 176 8.91 -51.07 12.07
C LEU A 176 9.43 -51.88 10.88
N ILE A 177 8.66 -51.86 9.79
CA ILE A 177 9.05 -52.49 8.54
C ILE A 177 9.41 -51.37 7.58
N HIS A 178 10.63 -51.40 7.05
CA HIS A 178 11.20 -50.26 6.36
C HIS A 178 12.08 -50.75 5.22
N PRO A 179 12.35 -49.89 4.23
CA PRO A 179 13.32 -50.25 3.19
C PRO A 179 14.65 -50.67 3.80
N LYS A 180 15.32 -51.61 3.14
CA LYS A 180 16.52 -52.21 3.71
C LYS A 180 17.65 -51.18 3.86
N ASP A 181 17.65 -50.14 3.04
CA ASP A 181 18.71 -49.14 3.05
C ASP A 181 18.42 -47.98 3.99
N LEU A 182 17.42 -48.11 4.86
CA LEU A 182 17.05 -47.04 5.78
C LEU A 182 17.11 -47.53 7.22
N THR A 183 17.39 -46.61 8.13
CA THR A 183 17.42 -46.91 9.56
C THR A 183 16.07 -46.61 10.17
N ALA A 184 15.66 -47.45 11.12
CA ALA A 184 14.42 -47.27 11.87
C ALA A 184 14.75 -46.96 13.32
N LEU A 185 14.04 -45.98 13.89
CA LEU A 185 14.28 -45.54 15.25
C LEU A 185 12.96 -45.44 16.00
N SER A 186 13.03 -45.64 17.31
CA SER A 186 11.87 -45.54 18.18
C SER A 186 12.36 -45.13 19.57
N ASN A 187 11.46 -45.21 20.55
CA ASN A 187 11.81 -44.79 21.91
C ASN A 187 12.96 -45.63 22.46
N MET A 188 12.89 -46.95 22.29
CA MET A 188 13.89 -47.85 22.85
C MET A 188 14.92 -48.27 21.79
N LEU A 189 15.92 -49.00 22.25
CA LEU A 189 16.89 -49.59 21.35
C LEU A 189 16.28 -50.80 20.64
N PRO A 190 16.79 -51.15 19.47
CA PRO A 190 16.27 -52.34 18.78
C PRO A 190 16.54 -53.61 19.58
N LYS A 191 15.59 -54.55 19.50
CA LYS A 191 15.70 -55.84 20.18
C LYS A 191 16.34 -56.85 19.23
N GLY A 192 17.61 -56.60 18.93
CA GLY A 192 18.34 -57.41 17.98
C GLY A 192 18.55 -56.68 16.67
N PRO A 193 19.40 -57.23 15.81
CA PRO A 193 19.70 -56.55 14.54
C PRO A 193 18.53 -56.62 13.56
N SER A 194 18.48 -55.63 12.67
CA SER A 194 17.42 -55.54 11.68
C SER A 194 17.52 -56.71 10.70
N THR A 195 16.43 -57.49 10.59
CA THR A 195 16.39 -58.66 9.74
C THR A 195 15.64 -58.36 8.45
N PRO A 196 15.91 -59.11 7.39
CA PRO A 196 15.15 -58.93 6.14
C PRO A 196 13.73 -59.48 6.27
N LEU A 197 12.79 -58.79 5.63
CA LEU A 197 11.40 -59.23 5.64
C LEU A 197 11.28 -60.48 4.77
N PRO A 198 10.91 -61.64 5.32
CA PRO A 198 10.87 -62.85 4.50
C PRO A 198 10.03 -62.71 3.24
N GLU A 199 8.89 -62.03 3.34
CA GLU A 199 8.05 -61.85 2.16
C GLU A 199 8.77 -61.09 1.06
N ASP A 200 9.60 -60.11 1.43
CA ASP A 200 10.30 -59.28 0.45
C ASP A 200 11.64 -58.85 1.01
N PRO A 201 12.76 -59.32 0.46
CA PRO A 201 14.08 -58.95 1.02
C PRO A 201 14.42 -57.48 0.84
N ASN A 202 13.72 -56.75 -0.02
CA ASN A 202 13.96 -55.33 -0.18
C ASN A 202 13.52 -54.53 1.03
N TRP A 203 12.86 -55.16 2.01
CA TRP A 203 12.48 -54.52 3.25
C TRP A 203 13.12 -55.26 4.41
N ASN A 204 13.39 -54.53 5.50
CA ASN A 204 13.87 -55.11 6.74
C ASN A 204 12.83 -54.91 7.83
N VAL A 205 12.98 -55.66 8.92
CA VAL A 205 12.11 -55.56 10.08
C VAL A 205 12.99 -55.24 11.28
N THR A 206 12.63 -54.18 12.01
CA THR A 206 13.32 -53.78 13.23
C THR A 206 12.34 -53.84 14.38
N GLU A 207 12.61 -54.69 15.36
CA GLU A 207 11.81 -54.77 16.57
C GLU A 207 12.55 -54.06 17.69
N PHE A 208 11.81 -53.35 18.53
CA PHE A 208 12.39 -52.53 19.58
C PHE A 208 11.97 -53.07 20.94
N HIS A 209 12.85 -52.89 21.92
CA HIS A 209 12.56 -53.33 23.28
C HIS A 209 11.27 -52.69 23.78
N THR A 210 10.64 -53.35 24.74
CA THR A 210 9.42 -52.83 25.32
C THR A 210 9.70 -51.52 26.06
N THR A 211 8.88 -50.52 25.80
CA THR A 211 9.02 -49.24 26.50
C THR A 211 8.61 -49.39 27.96
N PRO A 212 8.98 -48.43 28.80
CA PRO A 212 8.39 -48.36 30.15
C PRO A 212 6.93 -47.93 30.08
N LYS A 213 6.25 -48.05 31.22
CA LYS A 213 4.90 -47.50 31.35
C LYS A 213 4.91 -46.04 30.93
N MET A 214 4.12 -45.71 29.91
CA MET A 214 4.28 -44.44 29.20
C MET A 214 2.95 -43.98 28.63
N SER A 215 2.85 -42.68 28.42
CA SER A 215 1.70 -42.09 27.74
C SER A 215 1.83 -42.27 26.24
N THR A 216 0.69 -42.42 25.58
CA THR A 216 0.69 -42.62 24.13
C THR A 216 1.28 -41.43 23.40
N TYR A 217 1.11 -40.21 23.93
CA TYR A 217 1.57 -39.02 23.23
C TYR A 217 3.08 -38.88 23.21
N LEU A 218 3.82 -39.82 23.82
CA LEU A 218 5.28 -39.77 23.83
C LEU A 218 5.91 -40.81 22.92
N LEU A 219 5.11 -41.56 22.17
CA LEU A 219 5.66 -42.54 21.22
C LEU A 219 6.26 -41.83 20.02
N ALA A 220 7.23 -42.49 19.39
CA ALA A 220 7.90 -41.92 18.22
C ALA A 220 8.39 -43.05 17.32
N PHE A 221 8.13 -42.91 16.02
CA PHE A 221 8.60 -43.84 15.00
C PHE A 221 9.22 -43.04 13.88
N ILE A 222 10.45 -43.38 13.49
CA ILE A 222 11.17 -42.65 12.46
C ILE A 222 11.90 -43.63 11.54
N VAL A 223 11.78 -43.40 10.24
CA VAL A 223 12.48 -44.18 9.22
C VAL A 223 13.17 -43.17 8.31
N SER A 224 14.50 -43.28 8.21
CA SER A 224 15.27 -42.24 7.55
C SER A 224 16.61 -42.78 7.08
N GLU A 225 17.23 -42.03 6.17
CA GLU A 225 18.60 -42.25 5.73
C GLU A 225 19.59 -41.38 6.51
N PHE A 226 19.20 -40.92 7.70
CA PHE A 226 20.01 -39.98 8.45
C PHE A 226 21.29 -40.64 8.97
N ASP A 227 22.29 -39.81 9.22
CA ASP A 227 23.50 -40.17 9.94
C ASP A 227 23.47 -39.51 11.32
N TYR A 228 24.54 -39.71 12.09
CA TYR A 228 24.57 -39.15 13.43
C TYR A 228 26.01 -39.05 13.93
N VAL A 229 26.15 -38.30 15.03
CA VAL A 229 27.35 -38.30 15.86
C VAL A 229 26.93 -38.73 17.25
N GLU A 230 27.83 -39.38 17.98
CA GLU A 230 27.48 -39.95 19.27
C GLU A 230 28.53 -39.62 20.31
N LYS A 231 28.09 -39.60 21.57
CA LYS A 231 28.96 -39.43 22.73
C LYS A 231 28.22 -39.98 23.94
N GLN A 232 28.90 -40.79 24.74
CA GLN A 232 28.31 -41.33 25.95
C GLN A 232 28.33 -40.28 27.06
N ALA A 233 27.19 -40.04 27.68
CA ALA A 233 27.11 -39.09 28.78
C ALA A 233 27.82 -39.64 30.00
N SER A 234 28.17 -38.73 30.91
CA SER A 234 28.87 -39.10 32.14
C SER A 234 28.01 -39.91 33.09
N ASN A 235 26.73 -40.12 32.79
CA ASN A 235 25.86 -40.95 33.61
C ASN A 235 25.49 -42.25 32.90
N GLY A 236 26.28 -42.67 31.90
CA GLY A 236 26.08 -43.92 31.22
C GLY A 236 25.17 -43.86 30.01
N VAL A 237 24.34 -42.83 29.89
CA VAL A 237 23.38 -42.76 28.80
C VAL A 237 24.10 -42.42 27.50
N LEU A 238 23.72 -43.12 26.43
CA LEU A 238 24.28 -42.85 25.11
C LEU A 238 23.47 -41.76 24.41
N ILE A 239 24.17 -40.73 23.93
CA ILE A 239 23.54 -39.62 23.22
C ILE A 239 23.94 -39.72 21.75
N ARG A 240 22.96 -39.55 20.87
CA ARG A 240 23.19 -39.48 19.43
C ARG A 240 22.41 -38.31 18.85
N ILE A 241 23.07 -37.55 17.98
CA ILE A 241 22.44 -36.43 17.29
C ILE A 241 22.24 -36.86 15.84
N TRP A 242 20.99 -37.05 15.44
CA TRP A 242 20.64 -37.51 14.10
C TRP A 242 20.21 -36.33 13.23
N ALA A 243 20.57 -36.38 11.95
CA ALA A 243 20.20 -35.33 11.01
C ALA A 243 20.57 -35.77 9.61
N ARG A 244 20.17 -34.96 8.62
CA ARG A 244 20.56 -35.22 7.25
C ARG A 244 22.06 -35.48 7.16
N PRO A 245 22.50 -36.40 6.31
CA PRO A 245 23.95 -36.72 6.25
C PRO A 245 24.83 -35.50 6.03
N SER A 246 24.41 -34.56 5.17
CA SER A 246 25.25 -33.41 4.89
C SER A 246 25.40 -32.52 6.12
N ALA A 247 24.34 -32.37 6.91
CA ALA A 247 24.42 -31.55 8.12
C ALA A 247 25.35 -32.18 9.14
N ILE A 248 25.25 -33.49 9.33
CA ILE A 248 26.12 -34.18 10.28
C ILE A 248 27.58 -34.05 9.85
N ALA A 249 27.86 -34.37 8.58
CA ALA A 249 29.23 -34.28 8.09
C ALA A 249 29.80 -32.88 8.27
N ALA A 250 29.00 -31.85 7.98
CA ALA A 250 29.46 -30.48 8.12
C ALA A 250 29.65 -30.08 9.58
N GLY A 251 29.18 -30.88 10.52
CA GLY A 251 29.32 -30.60 11.93
C GLY A 251 28.21 -29.80 12.56
N HIS A 252 27.07 -29.66 11.88
CA HIS A 252 25.98 -28.86 12.40
C HIS A 252 25.30 -29.48 13.61
N GLY A 253 25.58 -30.74 13.91
CA GLY A 253 25.09 -31.37 15.11
C GLY A 253 26.09 -31.44 16.24
N ASP A 254 27.30 -30.92 16.05
CA ASP A 254 28.40 -31.02 17.03
C ASP A 254 28.08 -30.27 18.32
N TYR A 255 27.49 -29.08 18.24
CA TYR A 255 27.14 -28.26 19.42
C TYR A 255 26.07 -28.98 20.25
N ALA A 256 25.08 -29.57 19.62
CA ALA A 256 24.08 -30.35 20.34
C ALA A 256 24.73 -31.50 21.09
N LEU A 257 25.70 -32.18 20.45
CA LEU A 257 26.41 -33.26 21.12
C LEU A 257 27.18 -32.74 22.32
N ASN A 258 27.79 -31.58 22.20
CA ASN A 258 28.59 -31.00 23.29
C ASN A 258 27.76 -30.69 24.53
N VAL A 259 26.49 -30.35 24.41
CA VAL A 259 25.71 -29.90 25.56
C VAL A 259 24.65 -30.89 26.00
N THR A 260 24.22 -31.81 25.14
CA THR A 260 23.06 -32.64 25.48
C THR A 260 23.37 -33.55 26.67
N GLY A 261 24.44 -34.34 26.58
CA GLY A 261 24.83 -35.23 27.64
C GLY A 261 24.99 -34.54 28.97
N PRO A 262 25.84 -33.50 29.01
CA PRO A 262 26.05 -32.78 30.29
C PRO A 262 24.76 -32.25 30.91
N ILE A 263 23.86 -31.69 30.10
CA ILE A 263 22.62 -31.16 30.65
C ILE A 263 21.78 -32.30 31.22
N LEU A 264 21.74 -33.44 30.53
CA LEU A 264 20.96 -34.56 31.02
C LEU A 264 21.46 -35.03 32.38
N ASN A 265 22.79 -35.15 32.55
CA ASN A 265 23.27 -35.61 33.84
C ASN A 265 23.16 -34.52 34.90
N PHE A 266 23.27 -33.24 34.51
CA PHE A 266 23.03 -32.16 35.46
C PHE A 266 21.63 -32.28 36.05
N PHE A 267 20.62 -32.45 35.19
CA PHE A 267 19.26 -32.61 35.68
C PHE A 267 19.14 -33.82 36.60
N ALA A 268 19.73 -34.95 36.19
CA ALA A 268 19.66 -36.16 37.01
C ALA A 268 20.20 -35.89 38.41
N GLY A 269 21.36 -35.23 38.48
CA GLY A 269 21.94 -34.93 39.78
C GLY A 269 21.17 -33.86 40.53
N HIS A 270 20.70 -32.84 39.81
CA HIS A 270 20.03 -31.73 40.48
C HIS A 270 18.76 -32.17 41.19
N TYR A 271 18.00 -33.07 40.56
CA TYR A 271 16.76 -33.57 41.13
C TYR A 271 16.91 -34.96 41.74
N ASP A 272 18.14 -35.45 41.89
CA ASP A 272 18.42 -36.71 42.56
C ASP A 272 17.53 -37.83 42.00
N THR A 273 17.44 -37.89 40.68
CA THR A 273 16.57 -38.84 40.00
C THR A 273 17.22 -39.30 38.70
N PRO A 274 17.53 -40.59 38.57
CA PRO A 274 18.22 -41.05 37.35
C PRO A 274 17.31 -41.01 36.12
N TYR A 275 17.95 -40.86 34.96
CA TYR A 275 17.30 -41.02 33.67
C TYR A 275 17.23 -42.51 33.38
N PRO A 276 16.04 -43.12 33.35
CA PRO A 276 15.96 -44.59 33.40
C PRO A 276 16.23 -45.31 32.08
N LEU A 277 16.42 -44.59 30.99
CA LEU A 277 16.61 -45.24 29.71
C LEU A 277 18.08 -45.34 29.36
N PRO A 278 18.46 -46.28 28.49
CA PRO A 278 19.88 -46.45 28.15
C PRO A 278 20.38 -45.48 27.08
N LYS A 279 19.49 -44.80 26.37
CA LYS A 279 19.91 -43.85 25.35
C LYS A 279 18.89 -42.73 25.26
N SER A 280 19.32 -41.63 24.62
CA SER A 280 18.44 -40.49 24.34
C SER A 280 18.87 -39.93 22.99
N ASP A 281 18.08 -40.23 21.96
CA ASP A 281 18.38 -39.77 20.61
C ASP A 281 17.79 -38.38 20.41
N GLN A 282 18.58 -37.47 19.85
CA GLN A 282 18.12 -36.17 19.38
C GLN A 282 18.14 -36.18 17.86
N ILE A 283 17.02 -35.86 17.23
CA ILE A 283 16.89 -35.93 15.78
C ILE A 283 16.22 -34.65 15.28
N GLY A 284 16.81 -34.05 14.25
CA GLY A 284 16.28 -32.85 13.65
C GLY A 284 15.58 -33.18 12.34
N LEU A 285 14.32 -32.74 12.24
CA LEU A 285 13.52 -33.06 11.07
C LEU A 285 13.39 -31.84 10.15
N PRO A 286 13.42 -32.04 8.83
CA PRO A 286 13.19 -30.90 7.92
C PRO A 286 11.79 -30.32 8.01
N ASP A 287 10.80 -31.10 8.45
CA ASP A 287 9.42 -30.63 8.57
C ASP A 287 8.90 -30.98 9.97
N PHE A 288 8.49 -29.97 10.72
CA PHE A 288 8.13 -30.15 12.12
C PHE A 288 7.37 -28.93 12.60
N ASN A 289 6.22 -29.16 13.24
CA ASN A 289 5.30 -28.07 13.56
C ASN A 289 5.85 -27.19 14.66
N ALA A 290 6.01 -27.74 15.86
CA ALA A 290 6.49 -26.96 17.01
C ALA A 290 8.00 -26.80 16.94
N GLY A 291 8.62 -26.42 18.07
CA GLY A 291 10.06 -26.28 18.11
C GLY A 291 10.75 -27.60 18.34
N ALA A 292 10.14 -28.46 19.15
CA ALA A 292 10.69 -29.79 19.45
C ALA A 292 9.63 -30.55 20.22
N MET A 293 9.88 -31.84 20.43
CA MET A 293 8.95 -32.71 21.14
C MET A 293 9.73 -33.72 21.95
N GLU A 294 9.32 -33.92 23.19
CA GLU A 294 10.10 -34.63 24.21
C GLU A 294 9.88 -36.13 24.20
N ASN A 295 9.70 -36.75 23.03
CA ASN A 295 9.44 -38.19 22.97
C ASN A 295 10.53 -38.96 23.72
N TRP A 296 10.10 -39.78 24.68
CA TRP A 296 11.00 -40.46 25.59
C TRP A 296 12.02 -41.32 24.86
N GLY A 297 13.29 -40.90 24.87
CA GLY A 297 14.34 -41.62 24.22
C GLY A 297 14.59 -41.26 22.77
N LEU A 298 13.72 -40.43 22.18
CA LEU A 298 13.81 -40.07 20.77
C LEU A 298 13.26 -38.65 20.60
N VAL A 299 14.02 -37.67 21.09
CA VAL A 299 13.58 -36.28 21.08
C VAL A 299 13.69 -35.72 19.67
N THR A 300 12.59 -35.16 19.17
CA THR A 300 12.52 -34.61 17.83
C THR A 300 12.61 -33.09 17.88
N TYR A 301 13.23 -32.52 16.85
CA TYR A 301 13.51 -31.09 16.82
C TYR A 301 13.25 -30.52 15.44
N ARG A 302 12.82 -29.26 15.40
CA ARG A 302 13.04 -28.44 14.22
C ARG A 302 14.53 -28.30 13.99
N GLU A 303 14.95 -28.28 12.72
CA GLU A 303 16.37 -28.13 12.43
C GLU A 303 16.93 -26.87 13.08
N ASN A 304 16.14 -25.79 13.11
CA ASN A 304 16.62 -24.53 13.66
C ASN A 304 16.62 -24.50 15.18
N SER A 305 16.26 -25.60 15.84
CA SER A 305 16.34 -25.72 17.28
C SER A 305 17.37 -26.74 17.73
N LEU A 306 18.09 -27.35 16.79
CA LEU A 306 19.08 -28.38 17.11
C LEU A 306 20.39 -28.20 16.36
N LEU A 307 20.35 -27.80 15.09
CA LEU A 307 21.55 -27.69 14.28
C LEU A 307 22.14 -26.28 14.38
N PHE A 308 23.46 -26.18 14.35
CA PHE A 308 24.21 -24.93 14.57
C PHE A 308 25.50 -24.89 13.75
N ASP A 309 25.69 -23.89 12.91
CA ASP A 309 26.94 -23.73 12.15
C ASP A 309 27.75 -22.63 12.84
N PRO A 310 28.92 -22.85 13.46
CA PRO A 310 29.68 -21.76 14.08
C PRO A 310 29.99 -20.54 13.20
N LEU A 311 30.18 -20.71 11.92
CA LEU A 311 30.53 -19.62 10.99
C LEU A 311 29.31 -18.91 10.40
N SER A 312 28.15 -19.52 10.36
CA SER A 312 26.93 -18.95 9.73
C SER A 312 25.74 -18.77 10.70
N SER A 313 25.66 -19.49 11.79
CA SER A 313 24.62 -19.30 12.77
C SER A 313 25.02 -18.18 13.74
N SER A 314 24.01 -17.53 14.31
CA SER A 314 24.25 -16.41 15.21
C SER A 314 24.27 -16.89 16.66
N SER A 315 24.67 -15.98 17.55
CA SER A 315 24.65 -16.28 18.98
C SER A 315 23.23 -16.51 19.47
N SER A 316 22.26 -15.81 18.90
CA SER A 316 20.86 -16.04 19.27
C SER A 316 20.39 -17.42 18.82
N ASN A 317 20.86 -17.88 17.64
CA ASN A 317 20.58 -19.25 17.24
C ASN A 317 21.17 -20.24 18.24
N LYS A 318 22.39 -19.98 18.70
CA LYS A 318 23.11 -20.85 19.66
C LYS A 318 22.33 -20.90 20.95
N GLU A 319 21.82 -19.77 21.43
CA GLU A 319 21.00 -19.75 22.63
C GLU A 319 19.74 -20.59 22.44
N ARG A 320 19.09 -20.47 21.28
CA ARG A 320 17.90 -21.24 21.01
C ARG A 320 18.18 -22.74 21.10
N VAL A 321 19.29 -23.18 20.50
CA VAL A 321 19.60 -24.61 20.47
C VAL A 321 19.75 -25.15 21.89
N VAL A 322 20.61 -24.52 22.69
CA VAL A 322 20.88 -25.04 24.03
C VAL A 322 19.65 -24.88 24.92
N THR A 323 18.83 -23.87 24.66
CA THR A 323 17.64 -23.66 25.48
C THR A 323 16.57 -24.71 25.18
N VAL A 324 16.35 -25.02 23.91
CA VAL A 324 15.34 -26.01 23.57
C VAL A 324 15.77 -27.40 24.02
N ILE A 325 17.03 -27.76 23.77
CA ILE A 325 17.55 -29.03 24.28
C ILE A 325 17.31 -29.13 25.78
N ALA A 326 17.70 -28.11 26.52
CA ALA A 326 17.46 -28.09 27.96
C ALA A 326 15.97 -28.22 28.26
N HIS A 327 15.12 -27.55 27.48
CA HIS A 327 13.69 -27.66 27.68
C HIS A 327 13.22 -29.10 27.45
N GLU A 328 13.67 -29.71 26.36
CA GLU A 328 13.22 -31.06 26.04
C GLU A 328 13.75 -32.07 27.05
N LEU A 329 15.00 -31.89 27.50
CA LEU A 329 15.57 -32.83 28.48
C LEU A 329 14.87 -32.70 29.83
N ALA A 330 14.53 -31.47 30.23
CA ALA A 330 13.76 -31.31 31.47
C ALA A 330 12.46 -32.10 31.41
N HIS A 331 11.85 -32.21 30.22
CA HIS A 331 10.60 -32.94 30.09
C HIS A 331 10.77 -34.42 30.43
N GLN A 332 11.99 -34.95 30.28
CA GLN A 332 12.21 -36.35 30.62
C GLN A 332 11.78 -36.65 32.06
N TRP A 333 11.91 -35.66 32.94
CA TRP A 333 11.45 -35.80 34.32
C TRP A 333 10.03 -35.26 34.48
N PHE A 334 9.83 -33.99 34.13
CA PHE A 334 8.52 -33.34 34.26
C PHE A 334 7.77 -33.50 32.95
N GLY A 335 7.09 -34.64 32.82
CA GLY A 335 6.32 -34.93 31.62
C GLY A 335 6.33 -36.39 31.23
N ASN A 336 7.53 -36.97 31.15
CA ASN A 336 7.67 -38.36 30.71
C ASN A 336 7.66 -39.34 31.89
N LEU A 337 8.54 -39.12 32.88
CA LEU A 337 8.51 -39.98 34.06
C LEU A 337 7.30 -39.68 34.92
N VAL A 338 6.99 -38.40 35.13
CA VAL A 338 5.80 -37.96 35.84
C VAL A 338 4.98 -37.15 34.85
N THR A 339 3.72 -37.55 34.64
CA THR A 339 2.88 -36.99 33.60
C THR A 339 1.64 -36.36 34.19
N ILE A 340 1.11 -35.36 33.48
CA ILE A 340 -0.14 -34.73 33.91
C ILE A 340 -1.27 -35.75 33.86
N GLU A 341 -2.24 -35.59 34.76
CA GLU A 341 -3.43 -36.44 34.73
C GLU A 341 -4.32 -36.11 33.54
N TRP A 342 -4.49 -34.82 33.25
CA TRP A 342 -5.28 -34.37 32.12
C TRP A 342 -4.72 -33.02 31.68
N TRP A 343 -5.05 -32.63 30.44
CA TRP A 343 -4.41 -31.47 29.83
C TRP A 343 -4.71 -30.17 30.55
N ASN A 344 -5.75 -30.15 31.39
CA ASN A 344 -6.07 -28.93 32.13
C ASN A 344 -4.93 -28.49 33.04
N ASP A 345 -4.06 -29.41 33.45
CA ASP A 345 -2.91 -29.11 34.29
C ASP A 345 -1.60 -29.05 33.50
N LEU A 346 -1.69 -28.71 32.21
CA LEU A 346 -0.53 -28.80 31.33
C LEU A 346 0.70 -28.11 31.91
N TRP A 347 0.50 -27.08 32.74
CA TRP A 347 1.65 -26.34 33.27
C TRP A 347 2.58 -27.25 34.08
N LEU A 348 2.05 -28.31 34.68
CA LEU A 348 2.92 -29.25 35.38
C LEU A 348 3.97 -29.83 34.44
N ASN A 349 3.67 -29.86 33.14
CA ASN A 349 4.64 -30.27 32.12
C ASN A 349 5.43 -29.07 31.60
N GLU A 350 4.72 -28.09 31.06
CA GLU A 350 5.37 -27.02 30.31
C GLU A 350 5.85 -25.88 31.20
N GLY A 351 5.18 -25.66 32.34
CA GLY A 351 5.68 -24.67 33.28
C GLY A 351 7.03 -25.04 33.85
N PHE A 352 7.18 -26.29 34.26
CA PHE A 352 8.46 -26.74 34.80
C PHE A 352 9.53 -26.76 33.72
N ALA A 353 9.19 -27.27 32.53
CA ALA A 353 10.16 -27.31 31.45
C ALA A 353 10.63 -25.91 31.07
N SER A 354 9.70 -24.95 31.02
CA SER A 354 10.06 -23.59 30.66
C SER A 354 10.86 -22.89 31.75
N TYR A 355 10.75 -23.35 33.00
CA TYR A 355 11.60 -22.83 34.06
C TYR A 355 12.93 -23.59 34.14
N VAL A 356 12.85 -24.92 34.17
CA VAL A 356 14.05 -25.73 34.34
C VAL A 356 14.99 -25.56 33.16
N GLU A 357 14.46 -25.23 31.97
CA GLU A 357 15.32 -25.05 30.81
C GLU A 357 16.43 -24.05 31.09
N TYR A 358 16.18 -23.06 31.95
CA TYR A 358 17.18 -22.04 32.23
C TYR A 358 18.29 -22.58 33.13
N LEU A 359 17.94 -23.45 34.08
CA LEU A 359 18.97 -24.06 34.92
C LEU A 359 19.89 -24.93 34.09
N GLY A 360 19.32 -25.77 33.22
CA GLY A 360 20.14 -26.63 32.38
C GLY A 360 20.98 -25.84 31.39
N ALA A 361 20.38 -24.84 30.74
CA ALA A 361 21.14 -24.03 29.79
C ALA A 361 22.21 -23.21 30.49
N ASP A 362 21.93 -22.74 31.72
CA ASP A 362 22.93 -21.99 32.46
C ASP A 362 24.11 -22.87 32.86
N TYR A 363 23.85 -24.14 33.16
CA TYR A 363 24.95 -25.06 33.50
C TYR A 363 25.84 -25.28 32.28
N ALA A 364 25.26 -25.34 31.09
CA ALA A 364 26.05 -25.62 29.89
C ALA A 364 26.84 -24.39 29.45
N GLU A 365 26.25 -23.20 29.55
CA GLU A 365 26.90 -21.96 29.15
C GLU A 365 26.83 -20.99 30.32
N PRO A 366 27.67 -21.19 31.35
CA PRO A 366 27.57 -20.35 32.56
C PRO A 366 27.96 -18.90 32.33
N THR A 367 28.70 -18.59 31.27
CA THR A 367 29.14 -17.23 31.04
C THR A 367 28.06 -16.34 30.45
N TRP A 368 26.95 -16.92 29.99
CA TRP A 368 25.93 -16.13 29.31
C TRP A 368 24.97 -15.46 30.27
N ASN A 369 24.76 -16.03 31.46
CA ASN A 369 23.79 -15.54 32.42
C ASN A 369 22.40 -15.48 31.80
N LEU A 370 21.95 -16.64 31.30
CA LEU A 370 20.67 -16.72 30.62
C LEU A 370 19.49 -16.58 31.57
N LYS A 371 19.67 -16.89 32.86
CA LYS A 371 18.54 -16.89 33.79
C LYS A 371 17.93 -15.50 33.91
N ASP A 372 18.72 -14.45 33.70
CA ASP A 372 18.18 -13.10 33.77
C ASP A 372 17.18 -12.83 32.66
N LEU A 373 17.37 -13.46 31.50
CA LEU A 373 16.47 -13.24 30.37
C LEU A 373 15.07 -13.75 30.62
N MET A 374 14.84 -14.50 31.70
CA MET A 374 13.51 -15.02 31.99
C MET A 374 12.52 -13.90 32.27
N VAL A 375 12.99 -12.73 32.70
CA VAL A 375 12.08 -11.64 33.00
C VAL A 375 11.48 -11.08 31.72
N LEU A 376 12.28 -10.97 30.66
CA LEU A 376 11.78 -10.47 29.39
C LEU A 376 11.03 -11.55 28.62
N ASN A 377 11.65 -12.72 28.46
CA ASN A 377 11.13 -13.73 27.56
C ASN A 377 9.97 -14.53 28.14
N ASP A 378 9.72 -14.44 29.44
CA ASP A 378 8.65 -15.21 30.06
C ASP A 378 7.72 -14.32 30.88
N VAL A 379 8.26 -13.63 31.88
CA VAL A 379 7.42 -12.89 32.82
C VAL A 379 6.62 -11.81 32.09
N TYR A 380 7.32 -10.86 31.48
CA TYR A 380 6.63 -9.76 30.81
C TYR A 380 5.98 -10.20 29.51
N ARG A 381 6.40 -11.32 28.93
CA ARG A 381 5.74 -11.83 27.73
C ARG A 381 4.32 -12.27 28.04
N VAL A 382 4.13 -12.99 29.15
CA VAL A 382 2.81 -13.51 29.48
C VAL A 382 1.95 -12.51 30.24
N MET A 383 2.55 -11.55 30.93
CA MET A 383 1.74 -10.54 31.62
C MET A 383 0.91 -9.73 30.64
N ALA A 384 1.35 -9.65 29.37
CA ALA A 384 0.55 -8.93 28.37
C ALA A 384 -0.80 -9.59 28.18
N VAL A 385 -0.84 -10.92 28.15
CA VAL A 385 -2.10 -11.64 27.97
C VAL A 385 -2.79 -11.92 29.31
N ASP A 386 -2.01 -12.15 30.37
CA ASP A 386 -2.61 -12.44 31.67
C ASP A 386 -3.27 -11.22 32.28
N ALA A 387 -3.08 -10.03 31.70
CA ALA A 387 -3.75 -8.81 32.15
C ALA A 387 -5.08 -8.57 31.43
N LEU A 388 -5.65 -9.60 30.82
CA LEU A 388 -6.92 -9.51 30.14
C LEU A 388 -8.00 -10.23 30.95
N ALA A 389 -9.25 -9.79 30.78
CA ALA A 389 -10.37 -10.50 31.35
C ALA A 389 -10.60 -11.84 30.65
N SER A 390 -10.05 -12.02 29.45
CA SER A 390 -10.23 -13.26 28.69
C SER A 390 -9.04 -14.19 28.81
N SER A 391 -8.17 -13.97 29.79
CA SER A 391 -7.12 -14.93 30.10
C SER A 391 -7.77 -16.16 30.74
N HIS A 392 -6.95 -17.03 31.34
CA HIS A 392 -7.47 -18.22 31.99
C HIS A 392 -6.47 -18.68 33.05
N PRO A 393 -6.93 -19.36 34.09
CA PRO A 393 -6.02 -19.76 35.17
C PRO A 393 -4.98 -20.78 34.69
N LEU A 394 -3.85 -20.79 35.39
CA LEU A 394 -2.81 -21.78 35.12
C LEU A 394 -3.38 -23.18 35.16
N SER A 395 -4.20 -23.48 36.15
CA SER A 395 -4.87 -24.79 36.27
C SER A 395 -6.36 -24.58 36.03
N THR A 396 -6.79 -24.83 34.80
CA THR A 396 -8.20 -24.75 34.45
C THR A 396 -8.95 -25.96 35.02
N PRO A 397 -10.24 -25.79 35.35
CA PRO A 397 -11.01 -26.97 35.77
C PRO A 397 -11.07 -28.01 34.67
N ALA A 398 -10.85 -29.28 35.06
CA ALA A 398 -10.77 -30.35 34.07
C ALA A 398 -12.06 -30.49 33.28
N SER A 399 -13.19 -30.21 33.90
CA SER A 399 -14.48 -30.29 33.20
C SER A 399 -14.52 -29.41 31.96
N GLU A 400 -13.68 -28.38 31.90
CA GLU A 400 -13.74 -27.40 30.82
C GLU A 400 -12.87 -27.78 29.62
N ILE A 401 -12.04 -28.81 29.72
CA ILE A 401 -11.09 -29.19 28.68
C ILE A 401 -11.49 -30.56 28.18
N ASN A 402 -11.96 -30.64 26.94
CA ASN A 402 -12.48 -31.90 26.41
C ASN A 402 -12.06 -32.16 24.96
N THR A 403 -12.23 -31.17 24.10
CA THR A 403 -11.98 -31.38 22.68
C THR A 403 -10.50 -31.20 22.35
N PRO A 404 -10.05 -31.75 21.22
CA PRO A 404 -8.67 -31.48 20.79
C PRO A 404 -8.37 -30.00 20.57
N ALA A 405 -9.36 -29.22 20.16
CA ALA A 405 -9.14 -27.78 19.98
C ALA A 405 -8.94 -27.09 21.33
N GLN A 406 -9.77 -27.42 22.32
CA GLN A 406 -9.58 -26.88 23.65
C GLN A 406 -8.21 -27.28 24.21
N ILE A 407 -7.78 -28.50 23.95
CA ILE A 407 -6.50 -28.98 24.46
C ILE A 407 -5.35 -28.22 23.80
N SER A 408 -5.36 -28.16 22.47
CA SER A 408 -4.30 -27.45 21.75
C SER A 408 -4.21 -26.00 22.21
N GLU A 409 -5.36 -25.40 22.53
CA GLU A 409 -5.38 -23.98 22.89
C GLU A 409 -4.53 -23.70 24.13
N LEU A 410 -4.35 -24.69 25.00
CA LEU A 410 -3.64 -24.47 26.26
C LEU A 410 -2.13 -24.59 26.13
N PHE A 411 -1.62 -24.94 24.94
CA PHE A 411 -0.19 -24.83 24.66
C PHE A 411 0.06 -23.36 24.30
N ASP A 412 0.08 -22.52 25.33
CA ASP A 412 0.05 -21.07 25.15
C ASP A 412 0.97 -20.43 26.18
N ALA A 413 0.94 -19.09 26.24
CA ALA A 413 1.86 -18.36 27.10
C ALA A 413 1.55 -18.55 28.58
N ILE A 414 0.31 -18.88 28.92
CA ILE A 414 -0.02 -19.15 30.31
C ILE A 414 0.68 -20.43 30.77
N SER A 415 0.36 -21.56 30.13
CA SER A 415 0.91 -22.83 30.55
C SER A 415 2.43 -22.84 30.51
N TYR A 416 3.03 -22.11 29.57
CA TYR A 416 4.49 -22.06 29.44
C TYR A 416 5.08 -20.96 30.32
N SER A 417 4.86 -19.70 29.94
CA SER A 417 5.62 -18.61 30.52
C SER A 417 5.13 -18.25 31.93
N LYS A 418 3.82 -18.21 32.15
CA LYS A 418 3.33 -17.96 33.50
C LYS A 418 3.71 -19.10 34.43
N GLY A 419 3.55 -20.34 33.97
CA GLY A 419 4.02 -21.47 34.75
C GLY A 419 5.48 -21.34 35.12
N ALA A 420 6.31 -20.87 34.17
CA ALA A 420 7.71 -20.63 34.49
C ALA A 420 7.87 -19.53 35.53
N SER A 421 7.03 -18.50 35.46
CA SER A 421 7.21 -17.34 36.34
C SER A 421 6.75 -17.64 37.76
N VAL A 422 5.68 -18.43 37.92
CA VAL A 422 5.26 -18.79 39.26
C VAL A 422 6.27 -19.75 39.89
N LEU A 423 6.93 -20.57 39.08
CA LEU A 423 7.99 -21.42 39.60
C LEU A 423 9.22 -20.60 39.95
N ARG A 424 9.57 -19.62 39.10
CA ARG A 424 10.66 -18.70 39.43
C ARG A 424 10.42 -18.02 40.77
N MET A 425 9.17 -17.62 41.03
CA MET A 425 8.83 -17.01 42.32
C MET A 425 8.77 -18.06 43.42
N LEU A 426 8.13 -19.20 43.16
CA LEU A 426 8.07 -20.27 44.15
C LEU A 426 9.47 -20.67 44.60
N SER A 427 10.36 -20.86 43.64
CA SER A 427 11.77 -21.25 43.87
C SER A 427 12.58 -20.08 44.41
N SER A 428 11.96 -18.94 44.71
CA SER A 428 12.65 -17.73 45.25
C SER A 428 12.31 -17.53 46.72
N PHE A 429 11.04 -17.60 47.14
CA PHE A 429 10.66 -17.43 48.56
C PHE A 429 11.21 -18.64 49.32
N LEU A 430 11.05 -19.86 48.79
CA LEU A 430 11.79 -21.05 49.30
C LEU A 430 13.14 -21.02 48.60
N SER A 431 14.18 -21.68 49.09
CA SER A 431 15.46 -21.66 48.32
C SER A 431 15.35 -22.64 47.13
N GLU A 432 16.21 -22.49 46.13
CA GLU A 432 16.25 -23.45 45.00
C GLU A 432 16.63 -24.82 45.58
N ASP A 433 17.42 -24.88 46.65
CA ASP A 433 17.78 -26.17 47.22
C ASP A 433 16.62 -26.80 47.97
N VAL A 434 15.77 -25.98 48.60
CA VAL A 434 14.55 -26.52 49.19
C VAL A 434 13.57 -26.93 48.10
N PHE A 435 13.41 -26.08 47.09
CA PHE A 435 12.55 -26.40 45.95
C PHE A 435 12.94 -27.74 45.33
N LYS A 436 14.21 -27.88 44.96
CA LYS A 436 14.64 -29.10 44.29
C LYS A 436 14.51 -30.32 45.18
N GLN A 437 14.58 -30.14 46.50
CA GLN A 437 14.38 -31.27 47.41
C GLN A 437 12.92 -31.73 47.38
N GLY A 438 11.97 -30.80 47.41
CA GLY A 438 10.58 -31.18 47.31
C GLY A 438 10.25 -31.87 46.00
N LEU A 439 10.83 -31.37 44.91
CA LEU A 439 10.58 -31.99 43.61
C LEU A 439 11.19 -33.39 43.53
N ALA A 440 12.37 -33.58 44.13
CA ALA A 440 12.97 -34.91 44.15
C ALA A 440 12.02 -35.94 44.74
N SER A 441 11.36 -35.59 45.85
CA SER A 441 10.38 -36.49 46.44
C SER A 441 9.17 -36.66 45.52
N TYR A 442 8.69 -35.55 44.95
CA TYR A 442 7.57 -35.60 44.02
C TYR A 442 7.85 -36.53 42.85
N LEU A 443 9.08 -36.48 42.31
CA LEU A 443 9.42 -37.33 41.18
C LEU A 443 9.53 -38.79 41.60
N HIS A 444 10.15 -39.07 42.75
CA HIS A 444 10.31 -40.44 43.19
C HIS A 444 8.97 -41.10 43.49
N THR A 445 8.07 -40.37 44.16
CA THR A 445 6.80 -40.97 44.57
C THR A 445 5.90 -41.25 43.36
N PHE A 446 5.91 -40.38 42.36
CA PHE A 446 4.98 -40.47 41.25
C PHE A 446 5.62 -40.94 39.96
N ALA A 447 6.78 -41.60 40.04
CA ALA A 447 7.42 -42.14 38.86
C ALA A 447 6.50 -43.10 38.13
N TYR A 448 6.40 -42.94 36.81
CA TYR A 448 5.57 -43.78 35.96
C TYR A 448 4.09 -43.66 36.34
N GLN A 449 3.69 -42.50 36.84
CA GLN A 449 2.32 -42.27 37.27
C GLN A 449 1.88 -40.90 36.73
N ASN A 450 0.74 -40.43 37.23
CA ASN A 450 0.17 -39.14 36.82
C ASN A 450 -0.16 -38.32 38.06
N THR A 451 -0.11 -37.00 37.90
CA THR A 451 -0.23 -36.08 39.02
C THR A 451 -1.19 -34.95 38.68
N ILE A 452 -1.76 -34.38 39.74
CA ILE A 452 -2.47 -33.11 39.67
C ILE A 452 -1.75 -32.11 40.57
N TYR A 453 -2.14 -30.84 40.46
CA TYR A 453 -1.38 -29.78 41.12
C TYR A 453 -1.26 -30.01 42.63
N LEU A 454 -2.31 -30.55 43.25
CA LEU A 454 -2.26 -30.76 44.69
C LEU A 454 -1.18 -31.77 45.08
N ASN A 455 -0.84 -32.69 44.18
CA ASN A 455 0.21 -33.65 44.48
C ASN A 455 1.55 -32.96 44.66
N LEU A 456 1.77 -31.84 43.96
CA LEU A 456 3.05 -31.14 44.05
C LEU A 456 3.15 -30.32 45.32
N TRP A 457 2.07 -29.61 45.69
CA TRP A 457 2.10 -28.84 46.93
C TRP A 457 2.47 -29.73 48.11
N ASP A 458 1.94 -30.95 48.14
CA ASP A 458 2.18 -31.84 49.28
C ASP A 458 3.67 -32.10 49.48
N HIS A 459 4.38 -32.38 48.38
CA HIS A 459 5.80 -32.71 48.48
C HIS A 459 6.66 -31.47 48.67
N LEU A 460 6.19 -30.30 48.22
CA LEU A 460 6.86 -29.06 48.57
C LEU A 460 6.63 -28.71 50.04
N GLN A 461 5.47 -29.09 50.59
CA GLN A 461 5.24 -28.92 52.02
C GLN A 461 6.14 -29.85 52.82
N GLU A 462 6.35 -31.08 52.33
CA GLU A 462 7.26 -32.00 53.02
C GLU A 462 8.67 -31.41 53.11
N ALA A 463 9.10 -30.71 52.06
CA ALA A 463 10.42 -30.08 52.09
C ALA A 463 10.42 -28.87 53.02
N VAL A 464 9.37 -28.06 52.96
CA VAL A 464 9.25 -26.92 53.88
C VAL A 464 9.40 -27.39 55.32
N ASN A 465 8.74 -28.50 55.66
CA ASN A 465 8.75 -28.97 57.04
C ASN A 465 10.11 -29.54 57.42
N ASN A 466 10.69 -30.36 56.57
CA ASN A 466 11.96 -30.99 56.89
C ASN A 466 13.09 -29.97 57.01
N ARG A 467 12.99 -28.85 56.30
CA ARG A 467 14.04 -27.83 56.29
C ARG A 467 13.72 -26.66 57.22
N SER A 468 12.60 -26.71 57.94
CA SER A 468 12.25 -25.69 58.94
C SER A 468 12.09 -24.32 58.30
N ILE A 469 11.35 -24.27 57.20
CA ILE A 469 11.07 -23.02 56.50
C ILE A 469 9.76 -22.45 57.04
N GLN A 470 9.78 -21.18 57.42
CA GLN A 470 8.60 -20.52 57.98
C GLN A 470 7.93 -19.69 56.90
N LEU A 471 6.72 -20.10 56.52
CA LEU A 471 5.88 -19.39 55.58
C LEU A 471 4.64 -18.86 56.28
N PRO A 472 3.96 -17.86 55.71
CA PRO A 472 2.73 -17.36 56.36
C PRO A 472 1.63 -18.40 56.43
N THR A 473 1.67 -19.43 55.61
CA THR A 473 0.69 -20.51 55.66
C THR A 473 1.24 -21.69 54.87
N THR A 474 0.35 -22.61 54.46
CA THR A 474 0.78 -23.78 53.71
C THR A 474 1.21 -23.38 52.30
N VAL A 475 2.09 -24.21 51.72
CA VAL A 475 2.41 -24.06 50.31
C VAL A 475 1.15 -24.14 49.47
N ARG A 476 0.21 -25.01 49.88
CA ARG A 476 -1.04 -25.17 49.16
C ARG A 476 -1.80 -23.85 49.07
N ASP A 477 -2.04 -23.20 50.21
CA ASP A 477 -2.88 -22.02 50.22
C ASP A 477 -2.20 -20.83 49.57
N ILE A 478 -0.86 -20.77 49.61
CA ILE A 478 -0.15 -19.68 48.95
C ILE A 478 -0.23 -19.84 47.43
N MET A 479 0.07 -21.04 46.94
CA MET A 479 0.22 -21.24 45.50
C MET A 479 -1.09 -21.47 44.77
N ASN A 480 -2.15 -21.87 45.49
CA ASN A 480 -3.46 -21.93 44.86
C ASN A 480 -3.89 -20.55 44.37
N ARG A 481 -3.47 -19.49 45.06
CA ARG A 481 -3.81 -18.14 44.63
C ARG A 481 -3.23 -17.83 43.26
N TRP A 482 -2.09 -18.42 42.93
CA TRP A 482 -1.41 -18.19 41.66
C TRP A 482 -1.73 -19.25 40.62
N THR A 483 -2.50 -20.27 40.98
CA THR A 483 -2.75 -21.41 40.12
C THR A 483 -4.20 -21.59 39.74
N LEU A 484 -5.14 -21.27 40.62
CA LEU A 484 -6.55 -21.54 40.38
C LEU A 484 -7.33 -20.33 39.90
N GLN A 485 -6.78 -19.12 40.05
CA GLN A 485 -7.38 -17.91 39.51
C GLN A 485 -6.41 -17.28 38.52
N MET A 486 -6.98 -16.63 37.51
CA MET A 486 -6.17 -16.04 36.44
C MET A 486 -5.53 -14.74 36.91
N GLY A 487 -4.60 -14.25 36.10
CA GLY A 487 -4.08 -12.92 36.27
C GLY A 487 -3.03 -12.80 37.36
N PHE A 488 -2.81 -11.54 37.76
CA PHE A 488 -1.79 -11.18 38.73
C PHE A 488 -2.18 -9.84 39.33
N PRO A 489 -1.58 -9.47 40.45
CA PRO A 489 -1.91 -8.19 41.08
C PRO A 489 -0.95 -7.08 40.66
N VAL A 490 -1.40 -5.85 40.90
CA VAL A 490 -0.55 -4.67 40.88
C VAL A 490 -0.42 -4.20 42.32
N ILE A 491 0.82 -4.11 42.80
CA ILE A 491 1.10 -3.68 44.16
C ILE A 491 1.41 -2.19 44.11
N THR A 492 0.51 -1.38 44.66
CA THR A 492 0.68 0.07 44.71
C THR A 492 1.28 0.45 46.06
N VAL A 493 2.37 1.20 46.02
CA VAL A 493 3.13 1.58 47.22
C VAL A 493 2.91 3.07 47.47
N ASP A 494 2.61 3.41 48.72
CA ASP A 494 2.55 4.81 49.18
C ASP A 494 3.69 4.98 50.18
N THR A 495 4.81 5.53 49.71
CA THR A 495 5.99 5.65 50.55
C THR A 495 5.84 6.73 51.62
N SER A 496 4.91 7.66 51.45
CA SER A 496 4.63 8.62 52.52
C SER A 496 4.07 7.91 53.75
N THR A 497 3.30 6.86 53.55
CA THR A 497 2.67 6.11 54.62
C THR A 497 3.30 4.75 54.88
N GLY A 498 3.84 4.12 53.84
CA GLY A 498 4.29 2.75 53.97
C GLY A 498 3.19 1.72 53.78
N THR A 499 2.08 2.10 53.15
CA THR A 499 0.97 1.20 52.94
C THR A 499 1.07 0.52 51.58
N LEU A 500 0.67 -0.75 51.53
CA LEU A 500 0.67 -1.53 50.30
C LEU A 500 -0.76 -1.90 49.96
N SER A 501 -1.09 -1.85 48.67
CA SER A 501 -2.42 -2.18 48.18
C SER A 501 -2.30 -3.02 46.94
N GLN A 502 -3.01 -4.15 46.90
CA GLN A 502 -3.02 -5.04 45.75
C GLN A 502 -4.42 -5.08 45.15
N GLU A 503 -4.47 -5.36 43.84
CA GLU A 503 -5.73 -5.50 43.14
C GLU A 503 -5.45 -6.15 41.79
N HIS A 504 -6.47 -6.83 41.26
CA HIS A 504 -6.35 -7.45 39.95
C HIS A 504 -5.99 -6.42 38.90
N PHE A 505 -4.82 -6.58 38.28
CA PHE A 505 -4.40 -5.67 37.23
C PHE A 505 -5.05 -6.05 35.91
N LEU A 506 -5.72 -5.08 35.28
CA LEU A 506 -6.35 -5.28 33.99
C LEU A 506 -5.91 -4.15 33.06
N LEU A 507 -5.44 -4.50 31.87
CA LEU A 507 -4.91 -3.49 30.95
C LEU A 507 -5.96 -2.44 30.62
N ASP A 508 -7.24 -2.80 30.69
CA ASP A 508 -8.35 -1.88 30.43
C ASP A 508 -9.22 -1.85 31.69
N PRO A 509 -9.33 -0.69 32.38
CA PRO A 509 -10.18 -0.68 33.58
C PRO A 509 -11.61 -1.09 33.31
N ASP A 510 -12.12 -0.88 32.10
CA ASP A 510 -13.50 -1.15 31.76
C ASP A 510 -13.75 -2.59 31.34
N SER A 511 -12.73 -3.42 31.24
CA SER A 511 -12.94 -4.82 30.90
C SER A 511 -13.79 -5.49 31.97
N ASN A 512 -14.61 -6.46 31.55
CA ASN A 512 -15.56 -7.14 32.43
C ASN A 512 -15.02 -8.53 32.74
N VAL A 513 -14.59 -8.73 33.98
CA VAL A 513 -14.13 -10.04 34.43
C VAL A 513 -15.36 -10.89 34.73
N THR A 514 -15.57 -11.95 33.94
CA THR A 514 -16.71 -12.83 34.12
C THR A 514 -16.34 -14.14 34.80
N ARG A 515 -15.11 -14.59 34.69
CA ARG A 515 -14.69 -15.81 35.37
C ARG A 515 -14.65 -15.58 36.87
N PRO A 516 -15.40 -16.34 37.66
CA PRO A 516 -15.34 -16.15 39.11
C PRO A 516 -14.08 -16.75 39.72
N SER A 517 -13.71 -16.22 40.86
CA SER A 517 -12.53 -16.68 41.60
C SER A 517 -12.92 -16.94 43.05
N GLU A 518 -12.59 -18.12 43.54
CA GLU A 518 -12.87 -18.46 44.94
C GLU A 518 -12.06 -17.61 45.91
N PHE A 519 -11.06 -16.88 45.43
CA PHE A 519 -10.27 -15.98 46.26
C PHE A 519 -10.57 -14.52 45.97
N ASN A 520 -11.54 -14.24 45.11
CA ASN A 520 -11.93 -12.87 44.79
C ASN A 520 -10.72 -12.04 44.33
N TYR A 521 -9.84 -12.70 43.58
CA TYR A 521 -8.69 -12.05 42.96
C TYR A 521 -7.87 -11.28 44.00
N VAL A 522 -7.49 -11.98 45.05
CA VAL A 522 -6.52 -11.51 46.04
C VAL A 522 -5.46 -12.59 46.18
N TRP A 523 -4.20 -12.17 46.18
CA TRP A 523 -3.08 -13.10 46.22
C TRP A 523 -2.32 -12.98 47.54
N ILE A 524 -1.53 -14.01 47.83
CA ILE A 524 -0.50 -13.95 48.87
C ILE A 524 0.82 -13.75 48.15
N VAL A 525 1.42 -12.57 48.31
CA VAL A 525 2.51 -12.11 47.47
C VAL A 525 3.78 -12.07 48.31
N PRO A 526 4.86 -12.73 47.89
CA PRO A 526 6.17 -12.53 48.55
C PRO A 526 6.84 -11.30 47.97
N ILE A 527 7.12 -10.31 48.81
CA ILE A 527 7.59 -9.01 48.36
C ILE A 527 9.04 -8.82 48.84
N THR A 528 9.94 -8.62 47.89
CA THR A 528 11.30 -8.18 48.16
C THR A 528 11.39 -6.68 47.90
N SER A 529 12.51 -6.09 48.31
CA SER A 529 12.63 -4.64 48.24
C SER A 529 14.09 -4.22 48.34
N ILE A 530 14.39 -3.06 47.76
CA ILE A 530 15.68 -2.40 47.94
C ILE A 530 15.42 -0.96 48.34
N ARG A 531 16.31 -0.43 49.18
CA ARG A 531 16.26 0.97 49.62
C ARG A 531 17.56 1.64 49.19
N ASP A 532 17.46 2.58 48.25
CA ASP A 532 18.63 3.27 47.71
C ASP A 532 19.67 2.27 47.21
N GLY A 533 19.18 1.18 46.61
CA GLY A 533 20.05 0.17 46.06
C GLY A 533 20.53 -0.87 47.06
N ARG A 534 19.79 -1.09 48.15
CA ARG A 534 20.22 -1.95 49.23
C ARG A 534 19.03 -2.80 49.67
N GLN A 535 19.16 -4.11 49.55
CA GLN A 535 18.03 -4.99 49.79
C GLN A 535 17.58 -4.92 51.25
N GLN A 536 16.27 -4.79 51.45
CA GLN A 536 15.68 -4.82 52.77
C GLN A 536 15.26 -6.25 53.12
N GLN A 537 14.55 -6.42 54.22
CA GLN A 537 14.06 -7.74 54.60
C GLN A 537 12.83 -8.11 53.78
N ASP A 538 12.66 -9.40 53.56
CA ASP A 538 11.50 -9.89 52.83
C ASP A 538 10.22 -9.63 53.63
N TYR A 539 9.10 -9.55 52.92
CA TYR A 539 7.81 -9.28 53.52
C TYR A 539 6.74 -10.04 52.76
N TRP A 540 5.74 -10.52 53.48
CA TRP A 540 4.62 -11.25 52.90
C TRP A 540 3.36 -10.40 52.99
N LEU A 541 2.78 -10.07 51.83
CA LEU A 541 1.48 -9.41 51.78
C LEU A 541 0.40 -10.48 51.74
N ILE A 542 -0.43 -10.53 52.79
CA ILE A 542 -1.44 -11.57 52.93
C ILE A 542 -2.85 -11.03 52.87
N ASP A 543 -3.02 -9.72 52.65
CA ASP A 543 -4.34 -9.12 52.61
C ASP A 543 -4.37 -8.05 51.53
N VAL A 544 -5.57 -7.53 51.28
CA VAL A 544 -5.75 -6.53 50.23
C VAL A 544 -4.93 -5.27 50.53
N ARG A 545 -4.80 -4.92 51.81
CA ARG A 545 -4.15 -3.68 52.22
C ARG A 545 -3.38 -3.92 53.51
N ALA A 546 -2.15 -3.40 53.55
CA ALA A 546 -1.29 -3.55 54.72
C ALA A 546 -0.42 -2.32 54.88
N GLN A 547 0.34 -2.29 55.97
CA GLN A 547 1.23 -1.18 56.27
C GLN A 547 2.47 -1.73 56.95
N ASN A 548 3.64 -1.20 56.57
CA ASN A 548 4.90 -1.62 57.17
C ASN A 548 5.94 -0.56 56.87
N ASP A 549 6.75 -0.23 57.88
CA ASP A 549 7.77 0.79 57.72
C ASP A 549 8.86 0.39 56.73
N LEU A 550 8.88 -0.86 56.29
CA LEU A 550 9.81 -1.26 55.25
C LEU A 550 9.59 -0.50 53.95
N PHE A 551 8.38 0.05 53.75
CA PHE A 551 8.02 0.75 52.53
C PHE A 551 7.79 2.24 52.75
N SER A 552 8.15 2.75 53.92
CA SER A 552 8.09 4.19 54.19
C SER A 552 9.45 4.82 53.92
N THR A 553 9.43 6.08 53.49
CA THR A 553 10.66 6.75 53.10
C THR A 553 10.70 8.16 53.68
N SER A 554 11.92 8.71 53.68
CA SER A 554 12.20 10.02 54.27
C SER A 554 13.22 10.74 53.39
N GLY A 555 12.88 11.96 52.98
CA GLY A 555 13.85 12.78 52.27
C GLY A 555 14.14 12.24 50.89
N ASN A 556 15.42 12.13 50.56
CA ASN A 556 15.87 11.67 49.26
C ASN A 556 15.78 10.16 49.10
N GLU A 557 15.21 9.45 50.08
CA GLU A 557 15.12 8.01 50.00
C GLU A 557 14.13 7.58 48.92
N TRP A 558 14.48 6.53 48.19
CA TRP A 558 13.56 5.86 47.28
C TRP A 558 13.63 4.36 47.52
N VAL A 559 12.51 3.68 47.28
CA VAL A 559 12.44 2.24 47.41
C VAL A 559 11.91 1.66 46.11
N LEU A 560 12.28 0.41 45.85
CA LEU A 560 11.73 -0.36 44.74
C LEU A 560 11.27 -1.71 45.28
N LEU A 561 10.19 -2.23 44.71
CA LEU A 561 9.66 -3.54 45.07
C LEU A 561 9.95 -4.55 43.97
N ASN A 562 9.96 -5.82 44.36
CA ASN A 562 10.22 -6.91 43.42
C ASN A 562 11.64 -6.84 42.88
N LEU A 563 12.61 -7.12 43.75
CA LEU A 563 14.02 -7.10 43.33
C LEU A 563 14.28 -8.16 42.27
N ASN A 564 14.85 -7.74 41.15
CA ASN A 564 15.16 -8.62 40.03
C ASN A 564 13.91 -9.35 39.52
N VAL A 565 12.75 -8.74 39.73
CA VAL A 565 11.46 -9.27 39.28
C VAL A 565 11.40 -10.78 39.46
N THR A 566 11.52 -11.24 40.71
CA THR A 566 11.31 -12.66 41.00
C THR A 566 9.84 -12.99 41.18
N GLY A 567 9.04 -12.02 41.60
CA GLY A 567 7.64 -12.22 41.86
C GLY A 567 6.78 -11.84 40.68
N TYR A 568 5.63 -12.49 40.57
CA TYR A 568 4.74 -12.35 39.41
C TYR A 568 3.69 -11.28 39.69
N TYR A 569 4.16 -10.02 39.71
CA TYR A 569 3.27 -8.90 39.95
C TYR A 569 3.93 -7.62 39.46
N ARG A 570 3.09 -6.61 39.24
CA ARG A 570 3.53 -5.28 38.85
C ARG A 570 3.49 -4.35 40.05
N VAL A 571 4.25 -3.25 39.95
CA VAL A 571 4.42 -2.32 41.06
C VAL A 571 4.12 -0.91 40.59
N ASN A 572 3.35 -0.16 41.38
CA ASN A 572 3.13 1.25 41.16
C ASN A 572 3.52 2.03 42.42
N TYR A 573 3.97 3.26 42.23
CA TYR A 573 4.42 4.09 43.32
C TYR A 573 3.69 5.43 43.32
N ASP A 574 3.68 6.07 44.49
CA ASP A 574 3.24 7.45 44.57
C ASP A 574 4.10 8.33 43.68
N GLU A 575 3.56 9.49 43.31
CA GLU A 575 4.26 10.37 42.39
C GLU A 575 5.68 10.67 42.86
N GLU A 576 5.84 10.98 44.14
CA GLU A 576 7.14 11.46 44.63
C GLU A 576 8.21 10.38 44.50
N ASN A 577 7.87 9.13 44.82
CA ASN A 577 8.86 8.06 44.66
C ASN A 577 9.27 7.92 43.20
N TRP A 578 8.29 7.95 42.29
CA TRP A 578 8.59 7.92 40.86
C TRP A 578 9.62 8.98 40.51
N ARG A 579 9.39 10.22 40.95
CA ARG A 579 10.27 11.32 40.59
C ARG A 579 11.70 11.05 41.05
N LYS A 580 11.86 10.51 42.26
CA LYS A 580 13.19 10.21 42.76
C LYS A 580 13.83 9.06 41.98
N ILE A 581 13.02 8.09 41.54
CA ILE A 581 13.52 7.06 40.63
C ILE A 581 14.07 7.70 39.37
N GLN A 582 13.25 8.55 38.74
CA GLN A 582 13.67 9.20 37.50
C GLN A 582 14.90 10.07 37.73
N THR A 583 14.95 10.78 38.86
CA THR A 583 16.15 11.53 39.19
C THR A 583 17.35 10.60 39.36
N GLN A 584 17.14 9.42 39.94
CA GLN A 584 18.22 8.46 40.09
C GLN A 584 18.68 7.93 38.73
N LEU A 585 17.74 7.69 37.83
CA LEU A 585 18.10 7.21 36.49
C LEU A 585 18.90 8.26 35.72
N GLN A 586 18.61 9.54 35.94
CA GLN A 586 19.33 10.60 35.23
C GLN A 586 20.72 10.82 35.84
N ARG A 587 20.82 10.81 37.17
CA ARG A 587 22.10 11.08 37.82
C ARG A 587 23.05 9.90 37.65
N ASP A 588 22.58 8.68 37.93
CA ASP A 588 23.42 7.50 37.88
C ASP A 588 22.55 6.24 37.92
N HIS A 589 22.13 5.76 36.75
CA HIS A 589 21.20 4.65 36.69
C HIS A 589 21.80 3.32 37.15
N SER A 590 23.13 3.24 37.28
CA SER A 590 23.75 2.01 37.77
C SER A 590 23.30 1.67 39.18
N ALA A 591 22.84 2.66 39.96
CA ALA A 591 22.40 2.38 41.32
C ALA A 591 21.18 1.47 41.35
N ILE A 592 20.39 1.47 40.28
CA ILE A 592 19.24 0.58 40.17
C ILE A 592 19.69 -0.67 39.43
N PRO A 593 19.39 -1.88 39.93
CA PRO A 593 19.81 -3.08 39.22
C PRO A 593 19.31 -3.09 37.78
N VAL A 594 20.06 -3.77 36.92
CA VAL A 594 19.73 -3.78 35.49
C VAL A 594 18.30 -4.29 35.28
N ILE A 595 17.96 -5.41 35.92
CA ILE A 595 16.64 -6.00 35.70
C ILE A 595 15.55 -5.04 36.15
N ASN A 596 15.78 -4.31 37.23
CA ASN A 596 14.77 -3.38 37.74
C ASN A 596 14.67 -2.11 36.92
N ARG A 597 15.70 -1.76 36.15
CA ARG A 597 15.55 -0.71 35.16
C ARG A 597 14.58 -1.12 34.07
N ALA A 598 14.64 -2.39 33.65
CA ALA A 598 13.65 -2.92 32.72
C ALA A 598 12.27 -2.95 33.37
N GLN A 599 12.20 -3.28 34.65
CA GLN A 599 10.93 -3.27 35.37
C GLN A 599 10.33 -1.87 35.39
N ILE A 600 11.15 -0.86 35.71
CA ILE A 600 10.65 0.52 35.76
C ILE A 600 10.04 0.90 34.43
N ILE A 601 10.69 0.53 33.33
CA ILE A 601 10.19 0.88 32.00
C ILE A 601 8.91 0.11 31.70
N ASN A 602 8.97 -1.22 31.79
CA ASN A 602 7.84 -2.03 31.36
C ASN A 602 6.62 -1.80 32.24
N ASP A 603 6.80 -1.71 33.56
CA ASP A 603 5.67 -1.52 34.45
C ASP A 603 4.95 -0.20 34.17
N ALA A 604 5.72 0.88 33.95
CA ALA A 604 5.11 2.18 33.76
C ALA A 604 4.30 2.24 32.47
N PHE A 605 4.82 1.65 31.39
CA PHE A 605 4.08 1.65 30.13
C PHE A 605 2.77 0.89 30.28
N ASN A 606 2.79 -0.25 30.98
CA ASN A 606 1.57 -1.01 31.17
C ASN A 606 0.64 -0.33 32.15
N LEU A 607 1.20 0.23 33.23
CA LEU A 607 0.38 1.03 34.15
C LEU A 607 -0.30 2.18 33.41
N ALA A 608 0.40 2.80 32.47
CA ALA A 608 -0.18 3.92 31.72
C ALA A 608 -1.34 3.46 30.86
N SER A 609 -1.23 2.30 30.23
CA SER A 609 -2.35 1.77 29.45
C SER A 609 -3.55 1.50 30.35
N ALA A 610 -3.32 1.10 31.59
CA ALA A 610 -4.39 0.83 32.54
C ALA A 610 -4.90 2.08 33.25
N HIS A 611 -4.44 3.26 32.84
CA HIS A 611 -4.87 4.53 33.44
C HIS A 611 -4.55 4.56 34.93
N LYS A 612 -3.37 4.06 35.29
CA LYS A 612 -2.90 4.11 36.67
C LYS A 612 -1.68 5.02 36.84
N VAL A 613 -1.03 5.42 35.76
CA VAL A 613 -0.06 6.51 35.77
C VAL A 613 -0.19 7.28 34.46
N PRO A 614 0.27 8.52 34.43
CA PRO A 614 0.24 9.27 33.16
C PRO A 614 1.19 8.68 32.14
N VAL A 615 0.74 8.64 30.89
CA VAL A 615 1.58 8.10 29.83
C VAL A 615 2.90 8.86 29.75
N THR A 616 2.90 10.15 30.13
CA THR A 616 4.13 10.92 30.07
C THR A 616 5.14 10.45 31.12
N LEU A 617 4.67 9.87 32.22
CA LEU A 617 5.58 9.27 33.19
C LEU A 617 6.32 8.08 32.58
N ALA A 618 5.58 7.20 31.89
CA ALA A 618 6.22 6.05 31.25
C ALA A 618 7.23 6.50 30.20
N LEU A 619 6.88 7.51 29.40
CA LEU A 619 7.80 7.99 28.38
C LEU A 619 9.01 8.67 29.00
N ASN A 620 8.80 9.42 30.08
CA ASN A 620 9.93 10.06 30.76
C ASN A 620 10.92 9.02 31.27
N ASN A 621 10.44 7.81 31.58
CA ASN A 621 11.33 6.75 32.03
C ASN A 621 12.28 6.26 30.94
N THR A 622 12.03 6.63 29.68
CA THR A 622 12.89 6.23 28.58
C THR A 622 13.94 7.29 28.25
N LEU A 623 13.94 8.43 28.94
CA LEU A 623 14.87 9.50 28.60
C LEU A 623 16.30 9.11 28.92
N PHE A 624 16.53 8.39 30.01
CA PHE A 624 17.88 8.00 30.39
C PHE A 624 18.48 6.97 29.43
N LEU A 625 17.68 6.36 28.56
CA LEU A 625 18.19 5.32 27.67
C LEU A 625 19.29 5.84 26.75
N ILE A 626 19.33 7.15 26.49
CA ILE A 626 20.36 7.69 25.61
C ILE A 626 21.75 7.48 26.20
N GLU A 627 21.84 7.20 27.50
CA GLU A 627 23.10 6.86 28.15
C GLU A 627 23.17 5.39 28.56
N GLU A 628 22.14 4.60 28.24
CA GLU A 628 22.11 3.19 28.61
C GLU A 628 22.79 2.36 27.53
N ARG A 629 23.64 1.43 27.96
CA ARG A 629 24.32 0.52 27.05
C ARG A 629 23.91 -0.94 27.22
N GLN A 630 23.23 -1.28 28.32
CA GLN A 630 22.88 -2.66 28.58
C GLN A 630 21.70 -3.10 27.71
N TYR A 631 21.61 -4.43 27.52
CA TYR A 631 20.61 -4.98 26.61
C TYR A 631 19.21 -4.93 27.22
N MET A 632 19.07 -5.36 28.47
CA MET A 632 17.75 -5.58 29.03
C MET A 632 16.91 -4.31 29.11
N PRO A 633 17.42 -3.19 29.63
CA PRO A 633 16.56 -1.99 29.69
C PRO A 633 16.14 -1.49 28.32
N TRP A 634 17.06 -1.51 27.35
CA TRP A 634 16.70 -1.09 25.99
C TRP A 634 15.63 -2.00 25.41
N GLU A 635 15.79 -3.32 25.58
CA GLU A 635 14.82 -4.25 25.01
C GLU A 635 13.46 -4.11 25.67
N ALA A 636 13.43 -3.84 26.98
CA ALA A 636 12.16 -3.58 27.65
C ALA A 636 11.47 -2.36 27.05
N ALA A 637 12.24 -1.30 26.76
CA ALA A 637 11.65 -0.11 26.16
C ALA A 637 11.18 -0.40 24.75
N LEU A 638 12.03 -1.04 23.94
CA LEU A 638 11.64 -1.31 22.56
C LEU A 638 10.39 -2.17 22.49
N SER A 639 10.25 -3.12 23.41
CA SER A 639 9.08 -4.01 23.37
C SER A 639 7.82 -3.26 23.82
N SER A 640 7.92 -2.47 24.89
CA SER A 640 6.78 -1.67 25.31
C SER A 640 6.37 -0.69 24.23
N LEU A 641 7.35 -0.05 23.59
CA LEU A 641 7.05 0.93 22.55
C LEU A 641 6.60 0.29 21.25
N SER A 642 6.77 -1.02 21.08
CA SER A 642 6.21 -1.69 19.91
C SER A 642 4.69 -1.55 19.88
N TYR A 643 4.06 -1.44 21.06
CA TYR A 643 2.64 -1.13 21.10
C TYR A 643 2.37 0.26 20.51
N PHE A 644 3.21 1.23 20.84
CA PHE A 644 3.05 2.56 20.25
C PHE A 644 3.21 2.50 18.74
N LYS A 645 4.16 1.72 18.24
CA LYS A 645 4.31 1.53 16.80
C LYS A 645 3.06 0.92 16.21
N LEU A 646 2.52 -0.12 16.86
CA LEU A 646 1.32 -0.76 16.36
C LEU A 646 0.17 0.23 16.27
N MET A 647 0.06 1.12 17.26
CA MET A 647 -1.08 2.04 17.29
C MET A 647 -0.87 3.22 16.36
N PHE A 648 0.37 3.61 16.08
CA PHE A 648 0.65 4.89 15.45
C PHE A 648 1.41 4.81 14.12
N ASP A 649 1.89 3.64 13.71
CA ASP A 649 2.75 3.64 12.51
C ASP A 649 1.96 3.84 11.21
N ARG A 650 0.67 4.14 11.27
CA ARG A 650 -0.12 4.52 10.10
C ARG A 650 -0.72 5.92 10.27
N SER A 651 -0.13 6.73 11.15
CA SER A 651 -0.69 8.03 11.50
C SER A 651 0.42 9.07 11.57
N GLU A 652 0.02 10.33 11.73
CA GLU A 652 0.97 11.43 11.79
C GLU A 652 1.91 11.32 12.98
N VAL A 653 1.56 10.52 13.99
CA VAL A 653 2.38 10.44 15.18
C VAL A 653 3.68 9.68 14.93
N TYR A 654 3.74 8.84 13.89
CA TYR A 654 4.92 7.99 13.70
C TYR A 654 6.17 8.81 13.41
N GLY A 655 6.03 9.92 12.69
CA GLY A 655 7.17 10.76 12.39
C GLY A 655 7.88 11.21 13.64
N PRO A 656 7.16 11.92 14.52
CA PRO A 656 7.79 12.37 15.77
C PRO A 656 8.32 11.23 16.62
N MET A 657 7.65 10.08 16.67
CA MET A 657 8.18 8.97 17.46
C MET A 657 9.50 8.49 16.90
N LYS A 658 9.60 8.35 15.57
CA LYS A 658 10.84 7.90 14.97
C LYS A 658 11.98 8.88 15.27
N ASN A 659 11.71 10.18 15.19
CA ASN A 659 12.74 11.17 15.50
C ASN A 659 13.18 11.04 16.95
N TYR A 660 12.26 10.76 17.87
CA TYR A 660 12.63 10.57 19.26
C TYR A 660 13.55 9.36 19.42
N LEU A 661 13.15 8.22 18.83
CA LEU A 661 13.98 7.03 18.91
C LEU A 661 15.32 7.25 18.22
N LYS A 662 15.34 7.96 17.10
CA LYS A 662 16.58 8.30 16.45
C LYS A 662 17.51 9.03 17.41
N LYS A 663 16.99 10.06 18.08
CA LYS A 663 17.80 10.81 19.03
C LYS A 663 18.32 9.91 20.14
N GLN A 664 17.45 9.05 20.68
CA GLN A 664 17.83 8.26 21.85
C GLN A 664 18.86 7.20 21.53
N VAL A 665 18.83 6.64 20.31
CA VAL A 665 19.68 5.50 19.99
C VAL A 665 20.97 5.88 19.28
N THR A 666 21.05 7.09 18.72
CA THR A 666 22.21 7.42 17.89
C THR A 666 23.52 7.34 18.66
N PRO A 667 23.63 7.88 19.88
CA PRO A 667 24.91 7.72 20.61
C PRO A 667 25.28 6.27 20.84
N LEU A 668 24.30 5.41 21.17
CA LEU A 668 24.58 4.00 21.34
C LEU A 668 25.06 3.36 20.04
N PHE A 669 24.41 3.71 18.92
CA PHE A 669 24.83 3.18 17.62
C PHE A 669 26.25 3.61 17.31
N ILE A 670 26.59 4.87 17.56
CA ILE A 670 27.95 5.35 17.32
C ILE A 670 28.93 4.67 18.26
N HIS A 671 28.51 4.40 19.50
CA HIS A 671 29.37 3.69 20.44
C HIS A 671 29.76 2.32 19.90
N PHE A 672 28.77 1.55 19.41
CA PHE A 672 29.07 0.24 18.86
C PHE A 672 29.86 0.34 17.56
N ARG A 673 29.62 1.41 16.80
CA ARG A 673 30.39 1.60 15.55
C ARG A 673 31.87 1.66 15.92
N ASN A 674 32.18 2.33 17.04
CA ASN A 674 33.56 2.41 17.50
C ASN A 674 34.01 1.10 18.14
N ASN A 675 33.21 0.57 19.06
CA ASN A 675 33.60 -0.62 19.81
C ASN A 675 33.82 -1.83 18.91
N THR A 676 33.35 -1.80 17.66
CA THR A 676 33.45 -2.95 16.77
C THR A 676 34.38 -2.75 15.59
N ASN A 677 35.06 -1.61 15.50
CA ASN A 677 35.90 -1.27 14.34
C ASN A 677 35.07 -1.27 13.07
N ASN A 678 34.07 -0.41 13.03
CA ASN A 678 33.15 -0.35 11.89
C ASN A 678 32.65 -1.74 11.55
N TRP A 679 32.20 -2.45 12.59
CA TRP A 679 31.39 -3.66 12.45
C TRP A 679 32.19 -4.87 11.98
N ARG A 680 33.49 -4.90 12.21
CA ARG A 680 34.29 -6.08 11.89
C ARG A 680 34.51 -6.99 13.10
N GLU A 681 34.13 -6.56 14.30
CA GLU A 681 34.16 -7.40 15.48
C GLU A 681 32.79 -7.38 16.13
N ILE A 682 32.56 -8.33 17.04
CA ILE A 682 31.34 -8.35 17.84
C ILE A 682 31.73 -8.36 19.31
N PRO A 683 30.90 -7.81 20.20
CA PRO A 683 31.27 -7.81 21.62
C PRO A 683 31.49 -9.22 22.15
N GLU A 684 32.32 -9.32 23.19
CA GLU A 684 32.59 -10.62 23.79
C GLU A 684 31.42 -11.09 24.64
N ASN A 685 30.81 -10.19 25.40
CA ASN A 685 29.71 -10.55 26.27
C ASN A 685 28.43 -10.74 25.47
N LEU A 686 27.70 -11.81 25.79
CA LEU A 686 26.52 -12.16 25.00
C LEU A 686 25.47 -11.06 25.05
N MET A 687 25.19 -10.54 26.25
CA MET A 687 24.18 -9.49 26.36
C MET A 687 24.59 -8.25 25.56
N ASP A 688 25.88 -7.93 25.55
CA ASP A 688 26.36 -6.82 24.74
C ASP A 688 26.19 -7.10 23.25
N GLN A 689 26.30 -8.36 22.84
CA GLN A 689 26.05 -8.70 21.44
C GLN A 689 24.60 -8.40 21.08
N TYR A 690 23.67 -8.71 21.98
CA TYR A 690 22.25 -8.50 21.70
C TYR A 690 21.91 -7.01 21.70
N SER A 691 22.54 -6.24 22.60
CA SER A 691 22.31 -4.79 22.60
C SER A 691 22.84 -4.15 21.32
N GLU A 692 23.94 -4.68 20.78
CA GLU A 692 24.43 -4.17 19.51
C GLU A 692 23.40 -4.38 18.41
N VAL A 693 22.83 -5.58 18.33
CA VAL A 693 21.84 -5.86 17.30
C VAL A 693 20.66 -4.91 17.45
N ASN A 694 20.19 -4.68 18.67
CA ASN A 694 19.05 -3.79 18.87
C ASN A 694 19.41 -2.34 18.57
N ALA A 695 20.65 -1.93 18.85
CA ALA A 695 21.08 -0.59 18.49
C ALA A 695 21.07 -0.40 16.98
N ILE A 696 21.59 -1.38 16.24
CA ILE A 696 21.57 -1.30 14.78
C ILE A 696 20.13 -1.35 14.27
N SER A 697 19.34 -2.28 14.79
CA SER A 697 17.96 -2.42 14.32
C SER A 697 17.16 -1.16 14.60
N THR A 698 17.31 -0.60 15.80
CA THR A 698 16.57 0.60 16.16
C THR A 698 17.04 1.80 15.35
N ALA A 699 18.36 1.97 15.20
CA ALA A 699 18.89 3.08 14.44
C ALA A 699 18.41 3.04 13.00
N CYS A 700 18.52 1.87 12.35
CA CYS A 700 18.10 1.76 10.96
C CYS A 700 16.60 1.94 10.81
N SER A 701 15.83 1.35 11.72
CA SER A 701 14.37 1.39 11.61
C SER A 701 13.80 2.78 11.81
N ASN A 702 14.52 3.66 12.51
CA ASN A 702 14.04 5.01 12.79
C ASN A 702 14.79 6.08 12.01
N GLY A 703 15.62 5.69 11.05
CA GLY A 703 16.14 6.62 10.08
C GLY A 703 17.47 7.27 10.37
N VAL A 704 18.37 6.58 11.06
CA VAL A 704 19.73 7.07 11.22
C VAL A 704 20.46 6.86 9.89
N PRO A 705 20.81 7.93 9.16
CA PRO A 705 21.39 7.71 7.82
C PRO A 705 22.63 6.84 7.82
N GLU A 706 23.48 6.93 8.84
CA GLU A 706 24.70 6.12 8.87
C GLU A 706 24.36 4.64 8.83
N CYS A 707 23.36 4.20 9.60
CA CYS A 707 23.00 2.79 9.62
C CYS A 707 22.38 2.36 8.29
N GLU A 708 21.53 3.22 7.71
CA GLU A 708 20.94 2.91 6.41
C GLU A 708 22.01 2.72 5.35
N GLU A 709 23.03 3.58 5.36
CA GLU A 709 24.13 3.41 4.41
C GLU A 709 24.92 2.15 4.70
N MET A 710 25.08 1.80 5.97
CA MET A 710 25.90 0.65 6.33
C MET A 710 25.25 -0.64 5.87
N VAL A 711 23.94 -0.80 6.11
CA VAL A 711 23.31 -2.09 5.84
C VAL A 711 23.15 -2.31 4.34
N SER A 712 22.80 -1.25 3.60
CA SER A 712 22.71 -1.39 2.14
C SER A 712 24.09 -1.60 1.53
N GLY A 713 25.12 -1.02 2.13
CA GLY A 713 26.47 -1.26 1.64
C GLY A 713 26.90 -2.70 1.84
N LEU A 714 26.66 -3.24 3.04
CA LEU A 714 27.02 -4.63 3.30
C LEU A 714 26.28 -5.57 2.36
N PHE A 715 24.99 -5.32 2.13
CA PHE A 715 24.20 -6.20 1.27
C PHE A 715 24.67 -6.14 -0.17
N LYS A 716 24.95 -4.94 -0.69
CA LYS A 716 25.45 -4.82 -2.05
C LYS A 716 26.81 -5.51 -2.18
N GLN A 717 27.69 -5.32 -1.19
CA GLN A 717 28.96 -6.04 -1.19
C GLN A 717 28.76 -7.54 -1.23
N TRP A 718 27.69 -8.04 -0.59
CA TRP A 718 27.43 -9.47 -0.61
C TRP A 718 26.98 -9.93 -2.00
N MET A 719 26.09 -9.17 -2.64
CA MET A 719 25.62 -9.58 -3.96
C MET A 719 26.76 -9.60 -4.97
N GLU A 720 27.78 -8.75 -4.78
CA GLU A 720 28.95 -8.77 -5.65
C GLU A 720 29.89 -9.92 -5.36
N ASN A 721 29.73 -10.59 -4.21
CA ASN A 721 30.52 -11.77 -3.85
C ASN A 721 29.62 -12.74 -3.11
N PRO A 722 28.72 -13.41 -3.82
CA PRO A 722 27.67 -14.18 -3.13
C PRO A 722 28.20 -15.30 -2.25
N ASN A 723 29.31 -15.94 -2.62
CA ASN A 723 29.80 -17.09 -1.88
C ASN A 723 30.66 -16.73 -0.69
N ASN A 724 30.89 -15.45 -0.44
CA ASN A 724 31.62 -14.98 0.75
C ASN A 724 30.74 -13.92 1.41
N ASN A 725 29.93 -14.33 2.37
CA ASN A 725 29.03 -13.41 3.06
C ASN A 725 29.81 -12.52 4.01
N PRO A 726 29.83 -11.20 3.80
CA PRO A 726 30.60 -10.32 4.70
C PRO A 726 29.86 -9.94 5.97
N ILE A 727 28.61 -10.34 6.13
CA ILE A 727 27.78 -9.92 7.26
C ILE A 727 27.89 -10.97 8.36
N HIS A 728 28.28 -10.54 9.55
CA HIS A 728 28.34 -11.46 10.67
C HIS A 728 26.93 -11.98 10.97
N PRO A 729 26.80 -13.27 11.32
CA PRO A 729 25.45 -13.82 11.52
C PRO A 729 24.58 -13.05 12.50
N ASN A 730 25.19 -12.38 13.49
CA ASN A 730 24.40 -11.62 14.45
C ASN A 730 23.64 -10.49 13.78
N LEU A 731 24.20 -9.92 12.72
CA LEU A 731 23.62 -8.75 12.08
C LEU A 731 22.78 -9.09 10.85
N ARG A 732 22.63 -10.39 10.53
CA ARG A 732 22.02 -10.75 9.26
C ARG A 732 20.53 -10.45 9.23
N SER A 733 19.81 -10.76 10.32
CA SER A 733 18.38 -10.47 10.33
C SER A 733 18.11 -8.99 10.08
N THR A 734 18.87 -8.11 10.74
CA THR A 734 18.64 -6.68 10.58
C THR A 734 19.12 -6.19 9.22
N VAL A 735 20.31 -6.61 8.81
CA VAL A 735 20.87 -6.13 7.54
C VAL A 735 20.02 -6.60 6.37
N TYR A 736 19.60 -7.86 6.39
CA TYR A 736 18.78 -8.39 5.30
C TYR A 736 17.47 -7.61 5.18
N CYS A 737 16.75 -7.45 6.30
CA CYS A 737 15.44 -6.81 6.24
C CYS A 737 15.54 -5.36 5.79
N ASN A 738 16.53 -4.62 6.30
CA ASN A 738 16.64 -3.21 5.96
C ASN A 738 17.17 -3.03 4.53
N ALA A 739 18.08 -3.90 4.09
CA ALA A 739 18.53 -3.83 2.70
C ALA A 739 17.39 -4.15 1.74
N ILE A 740 16.49 -5.06 2.12
CA ILE A 740 15.35 -5.39 1.27
C ILE A 740 14.39 -4.21 1.20
N ALA A 741 14.10 -3.60 2.35
CA ALA A 741 13.16 -2.48 2.37
C ALA A 741 13.69 -1.28 1.60
N GLN A 742 15.00 -1.03 1.70
CA GLN A 742 15.59 0.11 1.02
C GLN A 742 15.80 -0.16 -0.47
N GLY A 743 15.99 -1.42 -0.84
CA GLY A 743 16.26 -1.78 -2.22
C GLY A 743 15.01 -1.95 -3.04
N GLY A 744 15.07 -2.86 -4.00
CA GLY A 744 13.94 -3.15 -4.89
C GLY A 744 13.96 -4.56 -5.38
N GLU A 745 13.55 -4.76 -6.63
CA GLU A 745 13.37 -6.10 -7.17
C GLU A 745 14.67 -6.88 -7.20
N GLU A 746 15.80 -6.21 -7.46
CA GLU A 746 17.07 -6.92 -7.55
C GLU A 746 17.46 -7.53 -6.22
N GLU A 747 17.33 -6.77 -5.13
CA GLU A 747 17.68 -7.30 -3.81
C GLU A 747 16.71 -8.38 -3.37
N TRP A 748 15.42 -8.22 -3.70
CA TRP A 748 14.43 -9.22 -3.31
C TRP A 748 14.70 -10.54 -4.04
N ASP A 749 14.99 -10.47 -5.33
CA ASP A 749 15.28 -11.69 -6.10
C ASP A 749 16.53 -12.38 -5.58
N PHE A 750 17.58 -11.61 -5.31
CA PHE A 750 18.82 -12.20 -4.81
C PHE A 750 18.59 -12.96 -3.52
N ALA A 751 17.85 -12.37 -2.58
CA ALA A 751 17.58 -13.05 -1.32
C ALA A 751 16.68 -14.26 -1.52
N TRP A 752 15.72 -14.16 -2.45
CA TRP A 752 14.83 -15.29 -2.71
C TRP A 752 15.63 -16.50 -3.22
N GLU A 753 16.55 -16.27 -4.15
CA GLU A 753 17.38 -17.37 -4.62
C GLU A 753 18.25 -17.92 -3.50
N GLN A 754 18.80 -17.03 -2.66
CA GLN A 754 19.58 -17.49 -1.52
C GLN A 754 18.74 -18.35 -0.59
N PHE A 755 17.46 -18.00 -0.43
CA PHE A 755 16.58 -18.80 0.41
C PHE A 755 16.30 -20.16 -0.21
N ARG A 756 16.11 -20.19 -1.54
CA ARG A 756 15.79 -21.44 -2.20
C ARG A 756 16.96 -22.41 -2.18
N ASN A 757 18.18 -21.90 -2.30
CA ASN A 757 19.37 -22.73 -2.35
C ASN A 757 20.01 -22.91 -0.98
N ALA A 758 19.31 -22.55 0.09
CA ALA A 758 19.91 -22.55 1.41
C ALA A 758 20.22 -23.97 1.88
N THR A 759 21.40 -24.14 2.47
CA THR A 759 21.82 -25.40 3.07
C THR A 759 21.68 -25.39 4.59
N LEU A 760 21.37 -24.24 5.18
CA LEU A 760 21.27 -24.08 6.63
C LEU A 760 19.96 -23.38 6.96
N VAL A 761 19.12 -24.02 7.76
CA VAL A 761 17.80 -23.48 8.04
C VAL A 761 17.91 -22.15 8.78
N ASN A 762 18.91 -22.02 9.65
CA ASN A 762 19.12 -20.73 10.32
C ASN A 762 19.22 -19.60 9.31
N GLU A 763 19.95 -19.82 8.21
CA GLU A 763 20.07 -18.80 7.19
C GLU A 763 18.76 -18.61 6.44
N ALA A 764 18.07 -19.71 6.12
CA ALA A 764 16.80 -19.62 5.42
C ALA A 764 15.78 -18.82 6.23
N ASP A 765 15.76 -19.03 7.55
CA ASP A 765 14.81 -18.33 8.41
C ASP A 765 15.01 -16.82 8.32
N LYS A 766 16.27 -16.37 8.38
CA LYS A 766 16.53 -14.94 8.32
C LYS A 766 16.13 -14.37 6.97
N LEU A 767 16.43 -15.09 5.89
CA LEU A 767 16.03 -14.61 4.57
C LEU A 767 14.51 -14.60 4.42
N ARG A 768 13.86 -15.67 4.87
CA ARG A 768 12.40 -15.75 4.79
C ARG A 768 11.75 -14.54 5.47
N ALA A 769 12.29 -14.13 6.61
CA ALA A 769 11.70 -13.01 7.34
C ALA A 769 12.01 -11.68 6.67
N ALA A 770 13.24 -11.53 6.15
CA ALA A 770 13.63 -10.27 5.54
C ALA A 770 12.90 -10.02 4.23
N LEU A 771 12.51 -11.08 3.52
CA LEU A 771 11.77 -10.89 2.27
C LEU A 771 10.43 -10.23 2.51
N ALA A 772 9.90 -10.29 3.73
CA ALA A 772 8.63 -9.67 4.05
C ALA A 772 8.75 -8.18 4.35
N CYS A 773 9.96 -7.63 4.35
CA CYS A 773 10.16 -6.22 4.62
C CYS A 773 10.11 -5.36 3.36
N SER A 774 9.79 -5.95 2.21
CA SER A 774 9.71 -5.18 0.98
C SER A 774 8.66 -4.07 1.11
N LYS A 775 8.97 -2.93 0.50
CA LYS A 775 8.04 -1.79 0.47
C LYS A 775 7.14 -1.82 -0.76
N GLU A 776 7.31 -2.78 -1.66
CA GLU A 776 6.52 -2.86 -2.88
C GLU A 776 5.32 -3.78 -2.63
N LEU A 777 4.12 -3.20 -2.70
CA LEU A 777 2.91 -3.97 -2.41
C LEU A 777 2.78 -5.16 -3.35
N TRP A 778 3.15 -5.00 -4.63
CA TRP A 778 3.04 -6.12 -5.57
C TRP A 778 4.00 -7.25 -5.20
N ILE A 779 5.17 -6.90 -4.64
CA ILE A 779 6.09 -7.94 -4.18
C ILE A 779 5.51 -8.67 -2.98
N LEU A 780 4.91 -7.93 -2.05
CA LEU A 780 4.33 -8.56 -0.87
C LEU A 780 3.15 -9.46 -1.25
N ASN A 781 2.36 -9.05 -2.24
CA ASN A 781 1.26 -9.89 -2.68
C ASN A 781 1.77 -11.17 -3.34
N ARG A 782 2.80 -11.07 -4.16
CA ARG A 782 3.39 -12.26 -4.76
C ARG A 782 3.97 -13.18 -3.70
N TYR A 783 4.66 -12.61 -2.71
CA TYR A 783 5.22 -13.41 -1.62
C TYR A 783 4.13 -14.11 -0.84
N LEU A 784 3.01 -13.44 -0.61
CA LEU A 784 1.90 -14.07 0.09
C LEU A 784 1.42 -15.33 -0.63
N SER A 785 1.36 -15.28 -1.96
CA SER A 785 0.95 -16.46 -2.71
C SER A 785 1.97 -17.58 -2.59
N TYR A 786 3.23 -17.24 -2.33
CA TYR A 786 4.25 -18.28 -2.14
C TYR A 786 4.06 -19.02 -0.83
N THR A 787 3.58 -18.33 0.21
CA THR A 787 3.53 -18.92 1.55
C THR A 787 2.64 -20.16 1.60
N LEU A 788 1.66 -20.25 0.70
CA LEU A 788 0.73 -21.37 0.66
C LEU A 788 1.08 -22.39 -0.41
N ASN A 789 2.23 -22.24 -1.06
CA ASN A 789 2.71 -23.21 -2.01
C ASN A 789 3.76 -24.08 -1.35
N PRO A 790 3.45 -25.34 -1.00
CA PRO A 790 4.44 -26.16 -0.25
C PRO A 790 5.74 -26.38 -0.98
N ASP A 791 5.79 -26.19 -2.30
CA ASP A 791 7.03 -26.37 -3.04
C ASP A 791 7.95 -25.15 -2.96
N LEU A 792 7.45 -24.01 -2.48
CA LEU A 792 8.23 -22.80 -2.33
C LEU A 792 8.52 -22.46 -0.88
N ILE A 793 7.55 -22.67 0.01
CA ILE A 793 7.71 -22.45 1.44
C ILE A 793 7.10 -23.64 2.16
N ARG A 794 7.89 -24.30 3.00
CA ARG A 794 7.40 -25.47 3.71
C ARG A 794 6.16 -25.10 4.54
N LYS A 795 5.23 -26.05 4.63
CA LYS A 795 4.02 -25.82 5.41
C LYS A 795 4.34 -25.44 6.85
N GLN A 796 5.46 -25.93 7.39
CA GLN A 796 5.84 -25.59 8.76
C GLN A 796 6.18 -24.11 8.91
N ASP A 797 6.41 -23.40 7.80
CA ASP A 797 6.79 -21.99 7.85
C ASP A 797 5.72 -21.08 7.26
N ALA A 798 4.56 -21.63 6.90
CA ALA A 798 3.55 -20.85 6.19
C ALA A 798 3.05 -19.69 7.05
N THR A 799 2.45 -20.01 8.19
CA THR A 799 1.84 -18.96 9.01
C THR A 799 2.90 -18.00 9.54
N SER A 800 4.07 -18.52 9.89
CA SER A 800 5.15 -17.65 10.36
C SER A 800 5.51 -16.61 9.30
N THR A 801 5.57 -17.01 8.03
CA THR A 801 5.88 -16.07 6.97
C THR A 801 4.74 -15.08 6.76
N ILE A 802 3.49 -15.54 6.82
CA ILE A 802 2.37 -14.62 6.67
C ILE A 802 2.38 -13.60 7.79
N ILE A 803 2.79 -14.00 9.00
CA ILE A 803 2.89 -13.06 10.11
C ILE A 803 3.98 -12.04 9.86
N SER A 804 5.08 -12.45 9.22
CA SER A 804 6.11 -11.49 8.88
C SER A 804 5.58 -10.44 7.90
N ILE A 805 4.70 -10.86 6.98
CA ILE A 805 4.14 -9.92 6.02
C ILE A 805 3.19 -8.94 6.72
N THR A 806 2.35 -9.44 7.63
CA THR A 806 1.42 -8.55 8.31
C THR A 806 2.13 -7.56 9.23
N ASN A 807 3.33 -7.91 9.71
CA ASN A 807 4.09 -6.96 10.52
C ASN A 807 4.57 -5.78 9.69
N ASN A 808 4.77 -5.99 8.39
CA ASN A 808 5.04 -4.89 7.47
C ASN A 808 3.79 -4.00 7.37
N VAL A 809 3.97 -2.70 7.62
CA VAL A 809 2.82 -1.79 7.60
C VAL A 809 2.12 -1.84 6.24
N ILE A 810 2.86 -2.09 5.16
CA ILE A 810 2.24 -2.22 3.85
C ILE A 810 1.51 -3.56 3.73
N GLY A 811 1.95 -4.57 4.48
CA GLY A 811 1.29 -5.86 4.42
C GLY A 811 0.06 -6.01 5.29
N GLN A 812 -0.16 -5.07 6.21
CA GLN A 812 -1.27 -5.18 7.15
C GLN A 812 -2.60 -5.34 6.43
N GLY A 813 -2.93 -4.41 5.53
CA GLY A 813 -4.20 -4.48 4.83
C GLY A 813 -4.29 -5.66 3.89
N LEU A 814 -3.16 -6.06 3.30
CA LEU A 814 -3.15 -7.21 2.41
C LEU A 814 -3.54 -8.48 3.15
N VAL A 815 -2.94 -8.71 4.32
CA VAL A 815 -3.17 -9.96 5.04
C VAL A 815 -4.55 -9.98 5.67
N TRP A 816 -4.96 -8.87 6.30
CA TRP A 816 -6.29 -8.81 6.90
C TRP A 816 -7.37 -9.07 5.86
N ASP A 817 -7.25 -8.44 4.68
CA ASP A 817 -8.18 -8.73 3.60
C ASP A 817 -8.10 -10.20 3.21
N PHE A 818 -6.88 -10.76 3.15
CA PHE A 818 -6.72 -12.16 2.79
C PHE A 818 -7.36 -13.07 3.84
N VAL A 819 -7.22 -12.73 5.11
CA VAL A 819 -7.80 -13.56 6.17
C VAL A 819 -9.32 -13.50 6.12
N GLN A 820 -9.88 -12.31 5.92
CA GLN A 820 -11.33 -12.19 5.82
C GLN A 820 -11.85 -12.94 4.60
N SER A 821 -11.10 -12.90 3.50
CA SER A 821 -11.58 -13.45 2.24
C SER A 821 -11.51 -14.97 2.21
N ASN A 822 -10.47 -15.54 2.85
CA ASN A 822 -10.16 -16.95 2.64
C ASN A 822 -10.27 -17.80 3.90
N TRP A 823 -10.90 -17.28 4.98
CA TRP A 823 -10.92 -18.02 6.23
C TRP A 823 -11.57 -19.39 6.04
N LYS A 824 -12.75 -19.44 5.44
CA LYS A 824 -13.44 -20.71 5.24
C LYS A 824 -12.55 -21.70 4.49
N LYS A 825 -12.02 -21.30 3.34
CA LYS A 825 -11.09 -22.15 2.59
C LYS A 825 -9.88 -22.49 3.44
N LEU A 826 -9.29 -21.49 4.09
CA LEU A 826 -8.10 -21.72 4.90
C LEU A 826 -8.36 -22.76 5.97
N PHE A 827 -9.48 -22.64 6.70
CA PHE A 827 -9.63 -23.34 7.97
C PHE A 827 -9.38 -24.84 7.84
N ASN A 828 -9.80 -25.43 6.71
CA ASN A 828 -9.61 -26.87 6.53
C ASN A 828 -8.13 -27.25 6.65
N ASP A 829 -7.26 -26.55 5.93
CA ASP A 829 -5.84 -26.84 5.96
C ASP A 829 -5.02 -25.56 5.88
N SER A 834 -0.87 -27.97 11.50
CA SER A 834 0.21 -27.45 10.67
C SER A 834 0.12 -25.94 10.52
N PHE A 835 -1.07 -25.39 10.79
CA PHE A 835 -1.38 -23.98 10.51
C PHE A 835 -1.95 -23.36 11.78
N SER A 836 -1.21 -22.45 12.39
CA SER A 836 -1.63 -21.84 13.66
C SER A 836 -2.62 -20.72 13.37
N PHE A 837 -3.91 -21.07 13.41
CA PHE A 837 -4.96 -20.07 13.29
C PHE A 837 -4.96 -19.10 14.47
N SER A 838 -4.43 -19.52 15.61
CA SER A 838 -4.41 -18.65 16.78
C SER A 838 -3.37 -17.54 16.63
N ASN A 839 -2.14 -17.91 16.26
CA ASN A 839 -1.08 -16.90 16.15
C ASN A 839 -1.40 -15.88 15.06
N LEU A 840 -1.99 -16.33 13.95
CA LEU A 840 -2.29 -15.42 12.86
C LEU A 840 -3.35 -14.40 13.28
N ILE A 841 -4.39 -14.85 13.98
CA ILE A 841 -5.39 -13.91 14.50
C ILE A 841 -4.73 -12.89 15.40
N GLN A 842 -3.85 -13.34 16.30
CA GLN A 842 -3.16 -12.43 17.19
C GLN A 842 -2.36 -11.40 16.41
N ALA A 843 -1.68 -11.83 15.34
CA ALA A 843 -0.77 -10.94 14.64
C ALA A 843 -1.52 -9.95 13.75
N VAL A 844 -2.55 -10.41 13.05
CA VAL A 844 -3.22 -9.55 12.08
C VAL A 844 -4.14 -8.54 12.74
N THR A 845 -4.46 -8.71 14.03
CA THR A 845 -5.40 -7.83 14.70
C THR A 845 -4.75 -6.85 15.66
N ARG A 846 -3.48 -7.04 16.02
CA ARG A 846 -2.92 -6.22 17.08
C ARG A 846 -2.76 -4.75 16.68
N ARG A 847 -2.86 -4.42 15.40
CA ARG A 847 -2.86 -3.03 14.97
C ARG A 847 -4.23 -2.38 15.10
N PHE A 848 -5.30 -3.15 15.30
CA PHE A 848 -6.64 -2.60 15.27
C PHE A 848 -6.81 -1.55 16.36
N SER A 849 -7.22 -0.33 15.96
CA SER A 849 -7.43 0.73 16.94
C SER A 849 -8.57 1.67 16.53
N THR A 850 -9.47 1.25 15.65
CA THR A 850 -10.58 2.08 15.21
C THR A 850 -11.88 1.28 15.30
N GLU A 851 -12.99 2.02 15.40
CA GLU A 851 -14.30 1.38 15.38
C GLU A 851 -14.53 0.61 14.08
N TYR A 852 -13.98 1.12 12.98
CA TYR A 852 -14.12 0.42 11.69
C TYR A 852 -13.45 -0.95 11.74
N GLU A 853 -12.22 -1.01 12.25
CA GLU A 853 -11.53 -2.28 12.34
C GLU A 853 -12.25 -3.21 13.32
N LEU A 854 -12.75 -2.66 14.42
CA LEU A 854 -13.55 -3.46 15.35
C LEU A 854 -14.79 -4.02 14.65
N GLN A 855 -15.44 -3.21 13.81
CA GLN A 855 -16.59 -3.68 13.07
C GLN A 855 -16.23 -4.87 12.20
N GLN A 856 -15.13 -4.76 11.45
CA GLN A 856 -14.70 -5.87 10.61
C GLN A 856 -14.41 -7.12 11.44
N LEU A 857 -13.73 -6.96 12.57
CA LEU A 857 -13.44 -8.11 13.42
C LEU A 857 -14.72 -8.75 13.94
N GLU A 858 -15.68 -7.94 14.37
CA GLU A 858 -16.97 -8.47 14.81
C GLU A 858 -17.65 -9.23 13.68
N GLN A 859 -17.68 -8.64 12.47
CA GLN A 859 -18.29 -9.31 11.33
C GLN A 859 -17.53 -10.58 10.96
N PHE A 860 -16.20 -10.53 11.06
CA PHE A 860 -15.39 -11.72 10.85
C PHE A 860 -15.80 -12.84 11.80
N LYS A 861 -16.11 -12.50 13.06
CA LYS A 861 -16.59 -13.49 14.00
C LYS A 861 -17.93 -14.06 13.55
N LYS A 862 -18.88 -13.18 13.19
CA LYS A 862 -20.20 -13.66 12.80
C LYS A 862 -20.14 -14.51 11.53
N ASP A 863 -19.35 -14.07 10.55
CA ASP A 863 -19.32 -14.76 9.26
C ASP A 863 -18.76 -16.17 9.36
N ASN A 864 -18.01 -16.48 10.42
CA ASN A 864 -17.37 -17.78 10.56
C ASN A 864 -17.72 -18.44 11.88
N GLU A 865 -18.76 -17.97 12.56
CA GLU A 865 -19.03 -18.42 13.92
C GLU A 865 -19.39 -19.90 13.95
N GLU A 866 -20.24 -20.36 13.02
CA GLU A 866 -20.75 -21.72 13.10
C GLU A 866 -19.69 -22.74 12.71
N THR A 867 -18.87 -22.45 11.69
CA THR A 867 -17.75 -23.32 11.39
C THR A 867 -16.80 -23.41 12.57
N GLY A 868 -16.54 -22.27 13.21
CA GLY A 868 -15.72 -22.24 14.42
C GLY A 868 -14.30 -21.77 14.15
N PHE A 869 -13.60 -21.51 15.25
CA PHE A 869 -12.22 -21.06 15.19
C PHE A 869 -11.25 -22.02 15.85
N GLY A 870 -11.73 -23.16 16.32
CA GLY A 870 -10.83 -24.18 16.86
C GLY A 870 -9.92 -23.61 17.93
N SER A 871 -8.63 -23.91 17.82
CA SER A 871 -7.67 -23.45 18.80
C SER A 871 -7.38 -21.96 18.72
N GLY A 872 -8.09 -21.22 17.87
CA GLY A 872 -8.00 -19.77 17.85
C GLY A 872 -9.14 -19.06 18.53
N THR A 873 -9.99 -19.79 19.27
CA THR A 873 -11.19 -19.18 19.85
C THR A 873 -10.82 -18.15 20.91
N ARG A 874 -9.94 -18.51 21.84
CA ARG A 874 -9.52 -17.54 22.85
C ARG A 874 -8.80 -16.37 22.20
N ALA A 875 -7.94 -16.65 21.22
CA ALA A 875 -7.22 -15.57 20.55
C ALA A 875 -8.16 -14.51 20.00
N LEU A 876 -9.27 -14.93 19.41
CA LEU A 876 -10.22 -13.99 18.85
C LEU A 876 -10.88 -13.16 19.94
N GLU A 877 -11.36 -13.80 21.00
CA GLU A 877 -11.95 -13.05 22.11
C GLU A 877 -10.96 -12.06 22.68
N GLN A 878 -9.69 -12.45 22.80
CA GLN A 878 -8.68 -11.52 23.31
C GLN A 878 -8.41 -10.40 22.31
N ALA A 879 -8.51 -10.69 21.01
CA ALA A 879 -8.35 -9.64 20.01
C ALA A 879 -9.47 -8.61 20.12
N LEU A 880 -10.69 -9.07 20.40
CA LEU A 880 -11.80 -8.15 20.57
C LEU A 880 -11.60 -7.26 21.79
N GLU A 881 -11.20 -7.87 22.92
CA GLU A 881 -10.97 -7.09 24.13
C GLU A 881 -9.87 -6.06 23.92
N LYS A 882 -8.78 -6.45 23.27
CA LYS A 882 -7.66 -5.53 23.07
C LYS A 882 -8.02 -4.44 22.06
N THR A 883 -8.79 -4.78 21.03
CA THR A 883 -9.18 -3.78 20.04
C THR A 883 -10.04 -2.69 20.67
N LYS A 884 -10.99 -3.07 21.52
CA LYS A 884 -11.81 -2.08 22.21
C LYS A 884 -10.96 -1.19 23.11
N ALA A 885 -9.99 -1.78 23.80
CA ALA A 885 -9.10 -0.98 24.63
C ALA A 885 -8.23 -0.07 23.78
N ASN A 886 -7.78 -0.55 22.62
CA ASN A 886 -6.94 0.27 21.76
C ASN A 886 -7.70 1.50 21.27
N ILE A 887 -8.98 1.35 20.95
CA ILE A 887 -9.78 2.50 20.52
C ILE A 887 -9.76 3.57 21.59
N LYS A 888 -10.09 3.20 22.82
CA LYS A 888 -10.11 4.17 23.92
C LYS A 888 -8.72 4.71 24.19
N TRP A 889 -7.69 3.86 24.11
CA TRP A 889 -6.33 4.31 24.44
C TRP A 889 -5.85 5.36 23.44
N VAL A 890 -6.16 5.18 22.16
CA VAL A 890 -5.65 6.10 21.15
C VAL A 890 -6.34 7.45 21.27
N LYS A 891 -7.65 7.46 21.50
CA LYS A 891 -8.36 8.74 21.62
C LYS A 891 -7.84 9.53 22.81
N GLU A 892 -7.59 8.87 23.91
CA GLU A 892 -7.11 9.46 25.17
C GLU A 892 -5.63 9.84 25.15
N ASN A 893 -4.80 9.26 24.31
CA ASN A 893 -3.36 9.45 24.38
C ASN A 893 -2.74 10.04 23.11
N LYS A 894 -3.46 10.07 22.00
CA LYS A 894 -2.88 10.50 20.73
C LYS A 894 -2.21 11.86 20.86
N GLU A 895 -2.96 12.86 21.31
CA GLU A 895 -2.41 14.22 21.33
C GLU A 895 -1.33 14.36 22.40
N VAL A 896 -1.53 13.73 23.55
CA VAL A 896 -0.50 13.75 24.59
C VAL A 896 0.81 13.19 24.03
N VAL A 897 0.75 12.00 23.45
CA VAL A 897 1.93 11.26 22.90
C VAL A 897 2.57 12.05 21.76
N LEU A 898 1.78 12.57 20.83
CA LEU A 898 2.28 13.34 19.66
C LEU A 898 3.13 14.51 20.16
N GLN A 899 2.61 15.25 21.13
CA GLN A 899 3.27 16.44 21.73
C GLN A 899 4.55 16.03 22.48
N TRP A 900 4.49 14.97 23.28
CA TRP A 900 5.65 14.47 24.05
C TRP A 900 6.79 14.13 23.09
N PHE A 901 6.53 13.35 22.04
CA PHE A 901 7.58 12.97 21.09
C PHE A 901 8.15 14.20 20.39
N THR A 902 7.27 15.12 19.97
CA THR A 902 7.73 16.32 19.26
C THR A 902 8.65 17.16 20.15
N GLU A 903 8.31 17.30 21.42
CA GLU A 903 9.10 18.14 22.32
C GLU A 903 10.41 17.47 22.71
N ASN A 904 10.37 16.18 23.03
CA ASN A 904 11.55 15.46 23.47
C ASN A 904 12.38 14.93 22.31
N SER A 905 12.01 15.26 21.08
CA SER A 905 12.73 14.81 19.90
C SER A 905 13.77 15.82 19.42
N LYS A 906 13.83 17.00 20.03
CA LYS A 906 14.70 18.07 19.54
C LYS A 906 16.11 17.94 20.07
N ASP B 5 -52.21 21.04 -10.06
CA ASP B 5 -51.14 22.02 -10.23
C ASP B 5 -50.93 22.35 -11.69
N GLN B 6 -50.58 21.33 -12.48
CA GLN B 6 -50.15 21.55 -13.85
C GLN B 6 -51.23 22.15 -14.74
N SER B 7 -52.48 22.20 -14.27
CA SER B 7 -53.51 22.88 -15.05
C SER B 7 -53.20 24.36 -15.21
N LYS B 8 -52.53 24.96 -14.22
CA LYS B 8 -52.21 26.37 -14.25
C LYS B 8 -50.85 26.60 -14.87
N ALA B 9 -50.77 27.61 -15.75
CA ALA B 9 -49.55 27.86 -16.50
C ALA B 9 -48.36 28.14 -15.59
N TRP B 10 -48.58 28.92 -14.54
CA TRP B 10 -47.48 29.30 -13.65
C TRP B 10 -46.96 28.14 -12.82
N ASN B 11 -47.55 26.95 -12.92
CA ASN B 11 -47.01 25.76 -12.28
C ASN B 11 -46.27 24.86 -13.24
N ARG B 12 -46.22 25.22 -14.52
CA ARG B 12 -45.46 24.50 -15.53
C ARG B 12 -44.14 25.19 -15.80
N TYR B 13 -43.12 24.41 -16.14
CA TYR B 13 -41.75 24.92 -16.13
C TYR B 13 -41.39 25.71 -17.38
N ARG B 14 -42.01 25.41 -18.52
CA ARG B 14 -41.75 26.16 -19.74
C ARG B 14 -42.66 27.38 -19.80
N LEU B 15 -42.11 28.48 -20.29
CA LEU B 15 -42.86 29.73 -20.35
C LEU B 15 -44.03 29.61 -21.33
N PRO B 16 -45.07 30.42 -21.13
CA PRO B 16 -46.13 30.49 -22.13
C PRO B 16 -45.63 31.11 -23.44
N ASN B 17 -46.44 30.93 -24.48
CA ASN B 17 -46.15 31.50 -25.79
C ASN B 17 -46.87 32.82 -26.01
N THR B 18 -47.51 33.35 -24.98
CA THR B 18 -48.41 34.50 -25.16
C THR B 18 -47.65 35.81 -25.28
N LEU B 19 -46.57 35.98 -24.51
CA LEU B 19 -45.85 37.24 -24.47
C LEU B 19 -44.37 37.03 -24.84
N LYS B 20 -43.86 37.90 -25.69
CA LYS B 20 -42.51 37.80 -26.22
C LYS B 20 -41.85 39.16 -26.02
N PRO B 21 -40.74 39.25 -25.28
CA PRO B 21 -40.13 40.56 -25.04
C PRO B 21 -39.44 41.09 -26.29
N ASP B 22 -39.32 42.41 -26.33
CA ASP B 22 -38.63 43.12 -27.41
C ASP B 22 -37.38 43.83 -26.93
N SER B 23 -37.46 44.55 -25.82
CA SER B 23 -36.35 45.35 -25.33
C SER B 23 -36.42 45.40 -23.81
N TYR B 24 -35.24 45.42 -23.18
CA TYR B 24 -35.13 45.51 -21.74
C TYR B 24 -34.36 46.76 -21.36
N ARG B 25 -34.69 47.30 -20.18
CA ARG B 25 -33.92 48.37 -19.54
C ARG B 25 -33.64 47.87 -18.13
N VAL B 26 -32.36 47.80 -17.75
CA VAL B 26 -31.97 47.23 -16.46
C VAL B 26 -30.92 48.12 -15.82
N THR B 27 -31.10 48.42 -14.53
CA THR B 27 -30.13 49.14 -13.73
C THR B 27 -29.83 48.31 -12.50
N LEU B 28 -28.55 48.10 -12.22
CA LEU B 28 -28.12 47.29 -11.07
C LEU B 28 -27.07 48.05 -10.28
N ARG B 29 -27.09 47.84 -8.96
CA ARG B 29 -26.20 48.56 -8.04
C ARG B 29 -25.72 47.61 -6.96
N PRO B 30 -24.52 47.04 -7.11
CA PRO B 30 -24.00 46.14 -6.08
C PRO B 30 -23.44 46.91 -4.90
N TYR B 31 -23.66 46.37 -3.70
CA TYR B 31 -23.08 46.89 -2.47
C TYR B 31 -22.04 45.89 -1.99
N LEU B 32 -20.77 46.22 -2.17
CA LEU B 32 -19.67 45.32 -1.87
C LEU B 32 -19.20 45.43 -0.42
N THR B 33 -20.01 46.01 0.46
CA THR B 33 -19.83 45.95 1.90
C THR B 33 -21.13 45.51 2.53
N PRO B 34 -21.08 44.73 3.62
CA PRO B 34 -22.31 44.22 4.21
C PRO B 34 -23.08 45.30 4.96
N ASN B 35 -24.38 45.05 5.10
CA ASN B 35 -25.28 46.01 5.73
C ASN B 35 -25.36 45.72 7.23
N ASP B 36 -26.31 46.37 7.90
CA ASP B 36 -26.45 46.22 9.35
C ASP B 36 -26.53 44.76 9.77
N ARG B 37 -27.08 43.90 8.92
CA ARG B 37 -27.34 42.51 9.26
C ARG B 37 -26.30 41.55 8.71
N GLY B 38 -25.23 42.07 8.10
CA GLY B 38 -24.19 41.23 7.58
C GLY B 38 -24.42 40.71 6.18
N LEU B 39 -25.33 41.33 5.43
CA LEU B 39 -25.74 40.84 4.13
C LEU B 39 -25.18 41.74 3.03
N TYR B 40 -24.58 41.12 2.01
CA TYR B 40 -24.27 41.81 0.77
C TYR B 40 -25.52 41.83 -0.10
N VAL B 41 -25.88 43.00 -0.61
CA VAL B 41 -27.09 43.14 -1.41
C VAL B 41 -26.76 43.88 -2.70
N PHE B 42 -27.66 43.78 -3.67
CA PHE B 42 -27.66 44.62 -4.85
C PHE B 42 -29.08 45.15 -5.03
N LYS B 43 -29.18 46.41 -5.46
CA LYS B 43 -30.45 47.05 -5.73
C LYS B 43 -30.55 47.29 -7.23
N GLY B 44 -31.76 47.11 -7.77
CA GLY B 44 -31.94 47.24 -9.21
C GLY B 44 -33.35 47.64 -9.57
N SER B 45 -33.48 48.11 -10.81
CA SER B 45 -34.77 48.41 -11.41
C SER B 45 -34.75 47.88 -12.83
N SER B 46 -35.93 47.71 -13.42
CA SER B 46 -35.99 47.20 -14.78
C SER B 46 -37.32 47.57 -15.42
N THR B 47 -37.26 47.87 -16.71
CA THR B 47 -38.42 48.01 -17.57
C THR B 47 -38.25 47.04 -18.73
N VAL B 48 -39.29 46.24 -18.98
CA VAL B 48 -39.29 45.30 -20.10
C VAL B 48 -40.45 45.66 -21.02
N ARG B 49 -40.14 45.89 -22.29
CA ARG B 49 -41.14 46.09 -23.33
C ARG B 49 -41.37 44.75 -24.02
N PHE B 50 -42.62 44.29 -24.04
CA PHE B 50 -42.96 43.02 -24.65
C PHE B 50 -44.19 43.17 -25.53
N THR B 51 -44.39 42.20 -26.40
CA THR B 51 -45.51 42.17 -27.34
C THR B 51 -46.43 41.01 -26.99
N CYS B 52 -47.73 41.25 -27.06
CA CYS B 52 -48.73 40.21 -26.83
C CYS B 52 -49.02 39.54 -28.17
N LYS B 53 -48.59 38.29 -28.31
CA LYS B 53 -48.86 37.52 -29.51
C LYS B 53 -50.20 36.78 -29.45
N GLU B 54 -50.75 36.60 -28.25
CA GLU B 54 -52.03 35.93 -28.06
C GLU B 54 -52.66 36.49 -26.79
N ALA B 55 -53.95 36.81 -26.86
CA ALA B 55 -54.64 37.40 -25.72
C ALA B 55 -54.45 36.53 -24.48
N THR B 56 -54.17 37.20 -23.36
CA THR B 56 -53.94 36.52 -22.10
C THR B 56 -54.23 37.50 -20.97
N ASP B 57 -54.60 36.94 -19.80
CA ASP B 57 -54.96 37.75 -18.64
C ASP B 57 -53.93 37.62 -17.53
N VAL B 58 -52.74 37.12 -17.83
CA VAL B 58 -51.70 36.90 -16.82
C VAL B 58 -50.34 37.10 -17.47
N ILE B 59 -49.46 37.80 -16.77
CA ILE B 59 -48.07 37.99 -17.18
C ILE B 59 -47.22 37.04 -16.35
N ILE B 60 -46.61 36.05 -16.99
CA ILE B 60 -45.73 35.09 -16.32
C ILE B 60 -44.31 35.37 -16.78
N ILE B 61 -43.46 35.76 -15.83
CA ILE B 61 -42.08 36.13 -16.10
C ILE B 61 -41.21 35.51 -15.01
N HIS B 62 -39.95 35.23 -15.36
CA HIS B 62 -39.05 34.55 -14.43
C HIS B 62 -38.54 35.53 -13.36
N SER B 63 -38.41 35.02 -12.14
CA SER B 63 -37.85 35.80 -11.04
C SER B 63 -37.40 34.83 -9.96
N LYS B 64 -36.20 35.03 -9.43
CA LYS B 64 -35.59 34.09 -8.50
C LYS B 64 -34.94 34.83 -7.35
N LYS B 65 -35.47 34.63 -6.14
CA LYS B 65 -34.90 35.19 -4.92
C LYS B 65 -34.71 36.70 -5.03
N LEU B 66 -35.75 37.37 -5.51
CA LEU B 66 -35.78 38.82 -5.61
C LEU B 66 -36.93 39.36 -4.76
N ASN B 67 -36.67 40.46 -4.06
CA ASN B 67 -37.68 41.14 -3.25
C ASN B 67 -38.07 42.44 -3.94
N TYR B 68 -39.36 42.57 -4.26
CA TYR B 68 -39.82 43.69 -5.07
C TYR B 68 -40.34 44.83 -4.19
N THR B 69 -40.06 46.06 -4.63
CA THR B 69 -40.57 47.25 -3.97
C THR B 69 -42.00 47.51 -4.44
N LEU B 70 -42.96 47.42 -3.51
CA LEU B 70 -44.35 47.61 -3.87
C LEU B 70 -44.58 49.03 -4.37
N SER B 71 -45.19 49.15 -5.54
CA SER B 71 -45.48 50.42 -6.18
C SER B 71 -46.93 50.44 -6.60
N GLN B 72 -47.69 51.41 -6.08
CA GLN B 72 -49.13 51.48 -6.33
C GLN B 72 -49.83 50.21 -5.87
N GLY B 73 -49.33 49.64 -4.77
CA GLY B 73 -49.96 48.50 -4.15
C GLY B 73 -49.57 47.14 -4.69
N HIS B 74 -48.74 47.07 -5.72
CA HIS B 74 -48.39 45.80 -6.33
C HIS B 74 -46.91 45.77 -6.70
N ARG B 75 -46.40 44.56 -6.92
CA ARG B 75 -44.97 44.34 -7.08
C ARG B 75 -44.43 44.94 -8.38
N VAL B 76 -45.30 45.28 -9.32
CA VAL B 76 -44.88 45.85 -10.60
C VAL B 76 -45.87 46.92 -11.02
N VAL B 77 -45.50 47.68 -12.05
CA VAL B 77 -46.35 48.66 -12.69
C VAL B 77 -46.46 48.29 -14.16
N LEU B 78 -47.68 48.38 -14.72
CA LEU B 78 -47.94 48.03 -16.10
C LEU B 78 -48.42 49.27 -16.85
N ARG B 79 -47.74 49.58 -17.95
CA ARG B 79 -48.07 50.72 -18.79
C ARG B 79 -48.20 50.27 -20.23
N GLY B 80 -48.85 51.12 -21.04
CA GLY B 80 -49.06 50.82 -22.44
C GLY B 80 -48.04 51.49 -23.34
N VAL B 81 -47.99 51.02 -24.59
CA VAL B 81 -47.06 51.52 -25.59
C VAL B 81 -47.84 51.89 -26.84
N GLY B 82 -47.55 53.06 -27.40
CA GLY B 82 -48.16 53.47 -28.65
C GLY B 82 -49.68 53.48 -28.65
N GLY B 83 -50.27 53.96 -27.57
CA GLY B 83 -51.72 54.01 -27.45
C GLY B 83 -52.34 52.84 -26.72
N SER B 84 -51.56 51.80 -26.44
CA SER B 84 -52.05 50.67 -25.66
C SER B 84 -52.56 51.16 -24.31
N GLN B 85 -53.57 50.46 -23.78
CA GLN B 85 -54.13 50.76 -22.48
C GLN B 85 -54.27 49.46 -21.69
N PRO B 86 -53.29 49.15 -20.83
CA PRO B 86 -53.32 47.83 -20.18
C PRO B 86 -54.37 47.78 -19.09
N PRO B 87 -54.93 46.59 -18.84
CA PRO B 87 -55.88 46.46 -17.71
C PRO B 87 -55.16 46.68 -16.38
N ASP B 88 -55.96 46.70 -15.32
CA ASP B 88 -55.42 46.89 -13.99
C ASP B 88 -54.87 45.59 -13.43
N ILE B 89 -53.93 45.71 -12.50
CA ILE B 89 -53.38 44.57 -11.80
C ILE B 89 -54.34 44.18 -10.68
N ASP B 90 -54.76 42.91 -10.67
CA ASP B 90 -55.60 42.42 -9.60
C ASP B 90 -54.78 41.77 -8.49
N LYS B 91 -53.72 41.07 -8.85
CA LYS B 91 -52.94 40.29 -7.88
C LYS B 91 -51.58 39.97 -8.49
N THR B 92 -50.58 39.83 -7.63
CA THR B 92 -49.27 39.31 -8.03
C THR B 92 -48.83 38.28 -7.00
N GLU B 93 -48.03 37.32 -7.44
CA GLU B 93 -47.53 36.29 -6.56
C GLU B 93 -46.21 35.77 -7.09
N LEU B 94 -45.45 35.13 -6.19
CA LEU B 94 -44.19 34.49 -6.53
C LEU B 94 -44.37 32.98 -6.36
N VAL B 95 -44.09 32.23 -7.41
CA VAL B 95 -44.14 30.77 -7.39
C VAL B 95 -42.71 30.27 -7.47
N GLU B 96 -42.25 29.61 -6.42
CA GLU B 96 -40.83 29.34 -6.24
C GLU B 96 -40.35 28.16 -7.08
N PRO B 97 -41.06 27.02 -7.09
CA PRO B 97 -40.55 25.87 -7.85
C PRO B 97 -40.27 26.20 -9.31
N THR B 98 -41.17 26.95 -9.97
CA THR B 98 -40.98 27.36 -11.35
C THR B 98 -40.26 28.69 -11.49
N GLU B 99 -39.92 29.33 -10.37
CA GLU B 99 -39.17 30.59 -10.37
C GLU B 99 -39.88 31.63 -11.23
N TYR B 100 -41.15 31.87 -10.93
CA TYR B 100 -41.98 32.79 -11.69
C TYR B 100 -42.44 33.96 -10.81
N LEU B 101 -42.59 35.12 -11.46
CA LEU B 101 -43.38 36.23 -10.94
C LEU B 101 -44.64 36.29 -11.79
N VAL B 102 -45.81 36.19 -11.15
CA VAL B 102 -47.09 36.06 -11.85
C VAL B 102 -47.93 37.30 -11.54
N VAL B 103 -48.32 38.02 -12.58
CA VAL B 103 -49.12 39.23 -12.45
C VAL B 103 -50.49 38.92 -13.02
N HIS B 104 -51.44 38.61 -12.15
CA HIS B 104 -52.82 38.36 -12.56
C HIS B 104 -53.50 39.69 -12.86
N LEU B 105 -54.09 39.80 -14.05
CA LEU B 105 -54.70 41.03 -14.50
C LEU B 105 -56.22 40.97 -14.36
N LYS B 106 -56.84 42.16 -14.31
CA LYS B 106 -58.29 42.25 -14.28
C LYS B 106 -58.90 42.03 -15.65
N GLY B 107 -58.21 42.46 -16.71
CA GLY B 107 -58.64 42.20 -18.07
C GLY B 107 -57.61 41.43 -18.84
N SER B 108 -57.83 41.26 -20.14
CA SER B 108 -56.91 40.57 -21.02
C SER B 108 -56.20 41.57 -21.91
N LEU B 109 -54.92 41.33 -22.17
CA LEU B 109 -54.17 42.21 -23.05
C LEU B 109 -54.48 41.87 -24.51
N VAL B 110 -54.23 42.83 -25.38
CA VAL B 110 -54.70 42.78 -26.76
C VAL B 110 -53.63 42.19 -27.65
N LYS B 111 -54.03 41.26 -28.52
CA LYS B 111 -53.11 40.64 -29.44
C LYS B 111 -52.43 41.68 -30.32
N ASP B 112 -51.11 41.57 -30.45
CA ASP B 112 -50.24 42.39 -31.28
C ASP B 112 -49.99 43.77 -30.69
N SER B 113 -50.57 44.11 -29.55
CA SER B 113 -50.27 45.37 -28.88
C SER B 113 -49.08 45.19 -27.95
N GLN B 114 -48.35 46.28 -27.72
CA GLN B 114 -47.17 46.27 -26.87
C GLN B 114 -47.48 46.82 -25.49
N TYR B 115 -46.65 46.43 -24.52
CA TYR B 115 -46.80 46.88 -23.14
C TYR B 115 -45.42 46.97 -22.51
N GLU B 116 -45.35 47.68 -21.38
CA GLU B 116 -44.12 47.81 -20.61
C GLU B 116 -44.42 47.54 -19.15
N MET B 117 -43.49 46.88 -18.47
CA MET B 117 -43.65 46.50 -17.07
C MET B 117 -42.43 46.95 -16.28
N ASP B 118 -42.65 47.83 -15.31
CA ASP B 118 -41.59 48.37 -14.48
C ASP B 118 -41.51 47.62 -13.16
N SER B 119 -40.29 47.46 -12.65
CA SER B 119 -40.08 46.79 -11.37
C SER B 119 -38.90 47.45 -10.67
N GLU B 120 -38.88 47.33 -9.34
CA GLU B 120 -37.76 47.73 -8.52
C GLU B 120 -37.58 46.64 -7.46
N PHE B 121 -36.33 46.28 -7.20
CA PHE B 121 -36.08 45.05 -6.46
C PHE B 121 -34.70 45.10 -5.81
N GLU B 122 -34.51 44.21 -4.85
CA GLU B 122 -33.22 43.95 -4.23
C GLU B 122 -33.02 42.45 -4.13
N GLY B 123 -31.75 42.04 -4.14
CA GLY B 123 -31.40 40.64 -3.96
C GLY B 123 -30.08 40.55 -3.24
N GLU B 124 -29.77 39.33 -2.79
CA GLU B 124 -28.50 39.10 -2.11
C GLU B 124 -27.38 38.93 -3.14
N LEU B 125 -26.32 39.71 -2.99
CA LEU B 125 -25.09 39.54 -3.77
C LEU B 125 -24.25 38.47 -3.07
N ALA B 126 -24.72 37.24 -3.18
CA ALA B 126 -24.18 36.14 -2.38
C ALA B 126 -22.89 35.61 -2.97
N ASP B 127 -22.22 34.75 -2.19
CA ASP B 127 -21.02 34.05 -2.63
C ASP B 127 -21.39 32.68 -3.17
N ASP B 128 -22.27 32.69 -4.18
CA ASP B 128 -22.88 31.46 -4.68
C ASP B 128 -22.70 31.20 -6.17
N LEU B 129 -21.93 32.04 -6.86
CA LEU B 129 -21.59 31.82 -8.27
C LEU B 129 -22.84 31.68 -9.15
N ALA B 130 -23.90 32.41 -8.82
CA ALA B 130 -25.15 32.33 -9.56
C ALA B 130 -25.76 33.71 -9.70
N GLY B 131 -26.20 34.03 -10.91
CA GLY B 131 -26.76 35.35 -11.16
C GLY B 131 -25.74 36.45 -10.90
N PHE B 132 -26.20 37.55 -10.32
CA PHE B 132 -25.32 38.63 -9.87
C PHE B 132 -24.79 38.25 -8.50
N TYR B 133 -23.52 37.86 -8.44
CA TYR B 133 -22.91 37.37 -7.21
C TYR B 133 -21.60 38.12 -6.96
N ARG B 134 -20.97 37.82 -5.82
CA ARG B 134 -19.71 38.43 -5.44
C ARG B 134 -18.61 37.39 -5.41
N SER B 135 -17.45 37.74 -5.98
CA SER B 135 -16.26 36.90 -5.97
C SER B 135 -15.18 37.61 -5.15
N GLU B 136 -14.63 36.90 -4.19
CA GLU B 136 -13.65 37.48 -3.26
C GLU B 136 -12.28 36.88 -3.50
N TYR B 137 -11.25 37.66 -3.16
CA TYR B 137 -9.87 37.22 -3.29
C TYR B 137 -8.99 38.16 -2.47
N MET B 138 -7.82 37.65 -2.07
CA MET B 138 -6.89 38.39 -1.25
C MET B 138 -5.79 38.99 -2.11
N GLU B 139 -5.48 40.24 -1.87
CA GLU B 139 -4.29 40.91 -2.40
C GLU B 139 -3.57 41.41 -1.14
N GLY B 140 -2.58 40.66 -0.67
CA GLY B 140 -1.93 40.97 0.58
C GLY B 140 -2.75 40.55 1.77
N ASN B 141 -3.13 41.52 2.61
CA ASN B 141 -3.98 41.28 3.75
C ASN B 141 -5.37 41.89 3.57
N VAL B 142 -5.71 42.34 2.37
CA VAL B 142 -6.97 43.02 2.09
C VAL B 142 -7.86 42.08 1.27
N ARG B 143 -9.09 41.90 1.73
CA ARG B 143 -10.06 41.06 1.02
C ARG B 143 -10.78 41.91 -0.02
N LYS B 144 -10.49 41.67 -1.29
CA LYS B 144 -11.13 42.39 -2.38
C LYS B 144 -12.41 41.66 -2.79
N VAL B 145 -13.46 42.43 -3.08
CA VAL B 145 -14.76 41.90 -3.43
C VAL B 145 -15.13 42.40 -4.82
N VAL B 146 -15.36 41.47 -5.74
CA VAL B 146 -15.76 41.77 -7.11
C VAL B 146 -17.22 41.40 -7.28
N ALA B 147 -17.98 42.24 -7.97
CA ALA B 147 -19.34 41.94 -8.39
C ALA B 147 -19.29 41.44 -9.82
N THR B 148 -19.80 40.23 -10.05
CA THR B 148 -19.71 39.59 -11.37
C THR B 148 -20.95 38.72 -11.56
N THR B 149 -21.02 38.06 -12.72
CA THR B 149 -22.24 37.36 -13.12
C THR B 149 -21.94 35.97 -13.63
N GLN B 150 -22.94 35.09 -13.47
CA GLN B 150 -22.94 33.76 -14.07
C GLN B 150 -24.40 33.39 -14.32
N MET B 151 -24.86 33.63 -15.54
CA MET B 151 -26.27 33.46 -15.87
C MET B 151 -26.64 32.05 -16.33
N GLN B 152 -25.72 31.33 -16.96
CA GLN B 152 -26.05 30.04 -17.53
C GLN B 152 -26.36 29.01 -16.44
N ALA B 153 -27.43 28.25 -16.61
CA ALA B 153 -28.33 28.32 -17.77
C ALA B 153 -29.51 29.23 -17.50
N ALA B 154 -29.98 29.21 -16.25
CA ALA B 154 -31.26 29.80 -15.87
C ALA B 154 -31.14 30.63 -14.61
N ASP B 155 -30.14 31.53 -14.59
CA ASP B 155 -29.90 32.37 -13.43
C ASP B 155 -29.92 33.86 -13.73
N ALA B 156 -30.16 34.26 -14.98
CA ALA B 156 -30.42 35.68 -15.24
C ALA B 156 -31.62 36.17 -14.44
N ARG B 157 -32.62 35.29 -14.24
CA ARG B 157 -33.78 35.62 -13.43
C ARG B 157 -33.40 35.94 -11.99
N LYS B 158 -32.22 35.53 -11.55
CA LYS B 158 -31.74 35.83 -10.20
C LYS B 158 -31.26 37.26 -10.05
N SER B 159 -31.08 37.99 -11.16
CA SER B 159 -30.57 39.35 -11.12
C SER B 159 -31.60 40.40 -11.53
N PHE B 160 -32.61 40.02 -12.31
CA PHE B 160 -33.71 40.91 -12.63
C PHE B 160 -34.81 40.09 -13.32
N PRO B 161 -36.06 40.55 -13.25
CA PRO B 161 -37.16 39.79 -13.88
C PRO B 161 -37.03 39.83 -15.39
N CYS B 162 -37.13 38.65 -16.01
CA CYS B 162 -36.99 38.54 -17.46
C CYS B 162 -37.63 37.24 -17.93
N PHE B 163 -37.87 37.16 -19.24
CA PHE B 163 -38.29 35.92 -19.88
C PHE B 163 -37.02 35.12 -20.14
N ASP B 164 -36.67 34.26 -19.18
CA ASP B 164 -35.33 33.66 -19.11
C ASP B 164 -35.31 32.31 -19.81
N GLU B 165 -35.45 32.37 -21.14
CA GLU B 165 -35.31 31.21 -22.01
C GLU B 165 -34.50 31.66 -23.22
N PRO B 166 -33.62 30.81 -23.75
CA PRO B 166 -32.69 31.28 -24.80
C PRO B 166 -33.38 31.77 -26.07
N ALA B 167 -34.63 31.38 -26.30
CA ALA B 167 -35.34 31.84 -27.49
C ALA B 167 -36.06 33.17 -27.28
N MET B 168 -36.17 33.64 -26.04
CA MET B 168 -36.77 34.95 -25.75
C MET B 168 -35.71 36.05 -25.92
N LYS B 169 -35.19 36.16 -27.15
CA LYS B 169 -34.14 37.12 -27.42
C LYS B 169 -34.70 38.55 -27.40
N ALA B 170 -33.84 39.49 -27.01
CA ALA B 170 -34.25 40.89 -26.91
C ALA B 170 -33.00 41.77 -26.78
N GLU B 171 -33.20 43.06 -27.00
CA GLU B 171 -32.15 44.05 -26.76
C GLU B 171 -32.13 44.43 -25.28
N PHE B 172 -30.95 44.80 -24.79
CA PHE B 172 -30.77 45.12 -23.39
C PHE B 172 -30.01 46.42 -23.23
N ASN B 173 -30.59 47.35 -22.47
CA ASN B 173 -29.97 48.62 -22.11
C ASN B 173 -29.53 48.50 -20.66
N ILE B 174 -28.23 48.33 -20.45
CA ILE B 174 -27.68 48.04 -19.13
C ILE B 174 -27.08 49.30 -18.53
N THR B 175 -27.32 49.49 -17.23
CA THR B 175 -26.74 50.59 -16.47
C THR B 175 -26.25 50.04 -15.14
N LEU B 176 -25.00 50.35 -14.78
CA LEU B 176 -24.41 49.89 -13.54
C LEU B 176 -24.05 51.10 -12.68
N ILE B 177 -24.42 51.04 -11.41
CA ILE B 177 -24.06 52.04 -10.41
C ILE B 177 -23.09 51.40 -9.46
N HIS B 178 -21.91 51.99 -9.33
CA HIS B 178 -20.77 51.34 -8.69
C HIS B 178 -19.96 52.35 -7.93
N PRO B 179 -19.08 51.91 -7.02
CA PRO B 179 -18.15 52.83 -6.38
C PRO B 179 -17.33 53.59 -7.41
N LYS B 180 -17.11 54.88 -7.16
CA LYS B 180 -16.39 55.72 -8.10
C LYS B 180 -14.99 55.21 -8.39
N ASP B 181 -14.40 54.43 -7.48
CA ASP B 181 -13.04 53.94 -7.63
C ASP B 181 -12.97 52.61 -8.37
N LEU B 182 -14.09 52.13 -8.91
CA LEU B 182 -14.13 50.83 -9.57
C LEU B 182 -14.67 50.98 -10.99
N THR B 183 -14.28 50.05 -11.85
CA THR B 183 -14.69 50.03 -13.24
C THR B 183 -15.88 49.10 -13.43
N ALA B 184 -16.83 49.52 -14.27
CA ALA B 184 -18.00 48.72 -14.61
C ALA B 184 -17.86 48.20 -16.03
N LEU B 185 -18.19 46.92 -16.22
CA LEU B 185 -18.09 46.27 -17.52
C LEU B 185 -19.38 45.53 -17.84
N SER B 186 -19.74 45.50 -19.11
CA SER B 186 -20.89 44.75 -19.57
C SER B 186 -20.61 44.24 -20.99
N ASN B 187 -21.66 43.78 -21.66
CA ASN B 187 -21.49 43.16 -22.97
C ASN B 187 -21.04 44.17 -24.02
N MET B 188 -21.58 45.37 -23.98
CA MET B 188 -21.24 46.41 -24.95
C MET B 188 -20.33 47.45 -24.30
N LEU B 189 -20.01 48.49 -25.07
CA LEU B 189 -19.19 49.58 -24.58
C LEU B 189 -20.05 50.62 -23.88
N PRO B 190 -19.44 51.45 -23.03
CA PRO B 190 -20.20 52.55 -22.41
C PRO B 190 -20.71 53.53 -23.46
N LYS B 191 -21.92 54.05 -23.21
CA LYS B 191 -22.44 55.11 -24.07
C LYS B 191 -21.57 56.36 -23.98
N GLY B 192 -21.16 56.71 -22.76
CA GLY B 192 -20.26 57.81 -22.54
C GLY B 192 -19.37 57.54 -21.35
N PRO B 193 -18.64 58.55 -20.89
CA PRO B 193 -17.80 58.35 -19.69
C PRO B 193 -18.64 58.15 -18.44
N SER B 194 -18.04 57.49 -17.47
CA SER B 194 -18.74 57.19 -16.21
C SER B 194 -18.96 58.48 -15.42
N THR B 195 -20.23 58.78 -15.13
CA THR B 195 -20.63 59.97 -14.41
C THR B 195 -20.74 59.68 -12.92
N PRO B 196 -20.67 60.71 -12.08
CA PRO B 196 -21.01 60.52 -10.66
C PRO B 196 -22.52 60.51 -10.46
N LEU B 197 -22.96 59.73 -9.49
CA LEU B 197 -24.38 59.66 -9.17
C LEU B 197 -24.79 60.91 -8.39
N PRO B 198 -25.79 61.67 -8.86
CA PRO B 198 -26.15 62.90 -8.13
C PRO B 198 -26.47 62.68 -6.67
N GLU B 199 -27.14 61.57 -6.34
CA GLU B 199 -27.54 61.34 -4.96
C GLU B 199 -26.33 61.20 -4.04
N ASP B 200 -25.19 60.74 -4.57
CA ASP B 200 -24.02 60.43 -3.76
C ASP B 200 -22.77 60.39 -4.63
N PRO B 201 -21.93 61.42 -4.58
CA PRO B 201 -20.72 61.40 -5.43
C PRO B 201 -19.81 60.20 -5.22
N ASN B 202 -19.92 59.51 -4.08
CA ASN B 202 -19.09 58.32 -3.86
C ASN B 202 -19.37 57.23 -4.88
N TRP B 203 -20.50 57.29 -5.57
CA TRP B 203 -20.88 56.30 -6.57
C TRP B 203 -20.83 56.91 -7.96
N ASN B 204 -20.62 56.05 -8.96
CA ASN B 204 -20.59 56.46 -10.35
C ASN B 204 -21.65 55.69 -11.13
N VAL B 205 -22.13 56.30 -12.21
CA VAL B 205 -23.14 55.69 -13.08
C VAL B 205 -22.50 55.45 -14.43
N THR B 206 -22.53 54.20 -14.89
CA THR B 206 -22.02 53.81 -16.19
C THR B 206 -23.17 53.19 -16.98
N GLU B 207 -23.54 53.82 -18.09
CA GLU B 207 -24.54 53.30 -19.00
C GLU B 207 -23.85 52.71 -20.22
N PHE B 208 -24.39 51.60 -20.72
CA PHE B 208 -23.80 50.86 -21.82
C PHE B 208 -24.70 50.91 -23.05
N HIS B 209 -24.08 50.88 -24.22
CA HIS B 209 -24.81 50.87 -25.47
C HIS B 209 -25.79 49.69 -25.51
N THR B 210 -26.83 49.84 -26.32
CA THR B 210 -27.82 48.79 -26.47
C THR B 210 -27.19 47.54 -27.09
N THR B 211 -27.45 46.39 -26.48
CA THR B 211 -26.98 45.15 -27.07
C THR B 211 -27.83 44.78 -28.28
N PRO B 212 -27.30 43.97 -29.20
CA PRO B 212 -28.17 43.34 -30.20
C PRO B 212 -29.15 42.41 -29.51
N LYS B 213 -30.12 41.91 -30.28
CA LYS B 213 -31.03 40.91 -29.74
C LYS B 213 -30.23 39.67 -29.35
N MET B 214 -30.37 39.25 -28.09
CA MET B 214 -29.53 38.19 -27.54
C MET B 214 -30.29 37.48 -26.44
N SER B 215 -29.70 36.39 -25.96
CA SER B 215 -30.30 35.58 -24.91
C SER B 215 -29.89 36.10 -23.53
N THR B 216 -30.81 35.96 -22.58
CA THR B 216 -30.54 36.43 -21.22
C THR B 216 -29.37 35.68 -20.58
N TYR B 217 -29.16 34.42 -20.97
CA TYR B 217 -28.09 33.64 -20.36
C TYR B 217 -26.71 34.08 -20.79
N LEU B 218 -26.60 35.05 -21.71
CA LEU B 218 -25.32 35.55 -22.17
C LEU B 218 -25.03 36.96 -21.67
N LEU B 219 -25.87 37.51 -20.80
CA LEU B 219 -25.63 38.81 -20.22
C LEU B 219 -24.53 38.76 -19.18
N ALA B 220 -23.81 39.86 -19.02
CA ALA B 220 -22.70 39.92 -18.07
C ALA B 220 -22.59 41.32 -17.48
N PHE B 221 -22.48 41.38 -16.15
CA PHE B 221 -22.28 42.64 -15.42
C PHE B 221 -21.12 42.42 -14.46
N ILE B 222 -20.08 43.25 -14.56
CA ILE B 222 -18.89 43.09 -13.73
C ILE B 222 -18.47 44.45 -13.19
N VAL B 223 -18.13 44.49 -11.91
CA VAL B 223 -17.58 45.67 -11.25
C VAL B 223 -16.30 45.25 -10.55
N SER B 224 -15.17 45.79 -10.98
CA SER B 224 -13.87 45.35 -10.49
C SER B 224 -12.92 46.53 -10.43
N GLU B 225 -11.77 46.31 -9.79
CA GLU B 225 -10.63 47.23 -9.85
C GLU B 225 -9.54 46.70 -10.77
N PHE B 226 -9.89 45.81 -11.70
CA PHE B 226 -8.92 45.20 -12.60
C PHE B 226 -8.35 46.24 -13.57
N ASP B 227 -7.18 45.93 -14.09
CA ASP B 227 -6.55 46.64 -15.20
C ASP B 227 -6.56 45.72 -16.42
N TYR B 228 -6.07 46.24 -17.55
CA TYR B 228 -6.12 45.45 -18.77
C TYR B 228 -5.04 45.87 -19.75
N VAL B 229 -4.80 44.98 -20.72
CA VAL B 229 -3.98 45.24 -21.89
C VAL B 229 -4.90 45.14 -23.10
N GLU B 230 -4.60 45.94 -24.14
CA GLU B 230 -5.50 46.03 -25.29
C GLU B 230 -4.72 45.87 -26.59
N LYS B 231 -5.48 45.57 -27.64
CA LYS B 231 -4.97 45.54 -29.00
C LYS B 231 -6.11 45.95 -29.93
N GLN B 232 -5.84 46.86 -30.85
CA GLN B 232 -6.81 47.31 -31.84
C GLN B 232 -6.59 46.50 -33.13
N ALA B 233 -7.49 45.56 -33.40
CA ALA B 233 -7.33 44.70 -34.56
C ALA B 233 -7.63 45.47 -35.85
N SER B 234 -6.99 45.02 -36.94
CA SER B 234 -7.29 45.60 -38.24
C SER B 234 -8.77 45.53 -38.56
N ASN B 235 -9.46 44.50 -38.05
CA ASN B 235 -10.90 44.41 -38.21
C ASN B 235 -11.62 45.62 -37.63
N GLY B 236 -10.94 46.40 -36.80
CA GLY B 236 -11.58 47.43 -36.01
C GLY B 236 -12.08 46.96 -34.67
N VAL B 237 -11.97 45.67 -34.38
CA VAL B 237 -12.46 45.11 -33.13
C VAL B 237 -11.49 45.47 -32.00
N LEU B 238 -12.04 45.95 -30.89
CA LEU B 238 -11.24 46.24 -29.72
C LEU B 238 -11.08 44.97 -28.89
N ILE B 239 -9.84 44.65 -28.55
CA ILE B 239 -9.49 43.44 -27.80
C ILE B 239 -8.88 43.87 -26.48
N ARG B 240 -9.39 43.30 -25.38
CA ARG B 240 -8.88 43.63 -24.05
C ARG B 240 -8.84 42.39 -23.17
N ILE B 241 -7.77 42.26 -22.41
CA ILE B 241 -7.59 41.20 -21.42
C ILE B 241 -7.56 41.85 -20.05
N TRP B 242 -8.52 41.49 -19.21
CA TRP B 242 -8.67 42.09 -17.89
C TRP B 242 -8.20 41.11 -16.81
N ALA B 243 -7.58 41.64 -15.77
CA ALA B 243 -7.11 40.81 -14.65
C ALA B 243 -6.66 41.72 -13.52
N ARG B 244 -6.22 41.11 -12.43
CA ARG B 244 -5.67 41.86 -11.30
C ARG B 244 -4.57 42.79 -11.80
N PRO B 245 -4.47 44.01 -11.28
CA PRO B 245 -3.41 44.92 -11.74
C PRO B 245 -2.02 44.32 -11.63
N SER B 246 -1.76 43.53 -10.58
CA SER B 246 -0.46 42.91 -10.42
C SER B 246 -0.15 41.96 -11.57
N ALA B 247 -1.15 41.19 -12.00
CA ALA B 247 -0.92 40.21 -13.06
C ALA B 247 -0.80 40.88 -14.42
N ILE B 248 -1.54 41.96 -14.64
CA ILE B 248 -1.46 42.68 -15.91
C ILE B 248 -0.08 43.32 -16.06
N ALA B 249 0.39 44.01 -15.01
CA ALA B 249 1.69 44.66 -15.07
C ALA B 249 2.80 43.65 -15.29
N ALA B 250 2.69 42.47 -14.67
CA ALA B 250 3.70 41.43 -14.86
C ALA B 250 3.70 40.88 -16.29
N GLY B 251 2.62 41.11 -17.05
CA GLY B 251 2.51 40.56 -18.39
C GLY B 251 1.88 39.19 -18.46
N HIS B 252 1.27 38.71 -17.38
CA HIS B 252 0.69 37.39 -17.36
C HIS B 252 -0.55 37.26 -18.24
N GLY B 253 -1.10 38.37 -18.70
CA GLY B 253 -2.17 38.35 -19.68
C GLY B 253 -1.72 38.62 -21.09
N ASP B 254 -0.41 38.80 -21.30
CA ASP B 254 0.09 39.16 -22.62
C ASP B 254 -0.12 38.02 -23.62
N TYR B 255 0.05 36.78 -23.18
CA TYR B 255 -0.09 35.67 -24.12
C TYR B 255 -1.52 35.54 -24.61
N ALA B 256 -2.50 35.71 -23.70
CA ALA B 256 -3.89 35.69 -24.12
C ALA B 256 -4.17 36.78 -25.13
N LEU B 257 -3.60 37.98 -24.92
CA LEU B 257 -3.75 39.04 -25.90
C LEU B 257 -3.14 38.63 -27.24
N ASN B 258 -1.97 37.98 -27.20
CA ASN B 258 -1.29 37.62 -28.44
C ASN B 258 -2.13 36.68 -29.29
N VAL B 259 -2.77 35.70 -28.68
CA VAL B 259 -3.51 34.70 -29.45
C VAL B 259 -4.94 35.13 -29.80
N THR B 260 -5.48 36.15 -29.12
CA THR B 260 -6.87 36.51 -29.36
C THR B 260 -7.05 37.14 -30.73
N GLY B 261 -6.10 37.97 -31.16
CA GLY B 261 -6.16 38.58 -32.47
C GLY B 261 -6.25 37.55 -33.57
N PRO B 262 -5.22 36.71 -33.68
CA PRO B 262 -5.27 35.64 -34.70
C PRO B 262 -6.53 34.79 -34.65
N ILE B 263 -6.96 34.39 -33.45
CA ILE B 263 -8.12 33.51 -33.35
C ILE B 263 -9.37 34.21 -33.87
N LEU B 264 -9.57 35.48 -33.49
CA LEU B 264 -10.70 36.22 -34.01
C LEU B 264 -10.62 36.36 -35.51
N ASN B 265 -9.41 36.56 -36.05
CA ASN B 265 -9.23 36.60 -37.49
C ASN B 265 -9.66 35.28 -38.13
N PHE B 266 -9.24 34.15 -37.53
CA PHE B 266 -9.56 32.86 -38.12
C PHE B 266 -11.06 32.62 -38.15
N PHE B 267 -11.75 32.87 -37.04
CA PHE B 267 -13.18 32.61 -36.99
C PHE B 267 -13.96 33.56 -37.89
N ALA B 268 -13.46 34.78 -38.10
CA ALA B 268 -14.11 35.69 -39.03
C ALA B 268 -14.15 35.09 -40.43
N GLY B 269 -13.07 34.45 -40.85
CA GLY B 269 -13.01 33.84 -42.17
C GLY B 269 -13.64 32.47 -42.20
N HIS B 270 -13.38 31.66 -41.17
CA HIS B 270 -13.99 30.33 -41.10
C HIS B 270 -15.51 30.43 -41.19
N TYR B 271 -16.09 31.40 -40.50
CA TYR B 271 -17.53 31.62 -40.53
C TYR B 271 -17.97 32.50 -41.68
N ASP B 272 -17.05 33.16 -42.39
CA ASP B 272 -17.40 34.11 -43.44
C ASP B 272 -18.33 35.19 -42.91
N THR B 273 -18.02 35.69 -41.70
CA THR B 273 -18.86 36.66 -41.02
C THR B 273 -18.01 37.47 -40.05
N PRO B 274 -18.06 38.80 -40.09
CA PRO B 274 -17.26 39.59 -39.15
C PRO B 274 -17.75 39.41 -37.72
N TYR B 275 -16.85 39.73 -36.78
CA TYR B 275 -17.17 39.67 -35.36
C TYR B 275 -18.35 40.59 -35.06
N PRO B 276 -19.45 40.08 -34.50
CA PRO B 276 -20.70 40.86 -34.48
C PRO B 276 -20.76 41.96 -33.42
N LEU B 277 -19.75 42.11 -32.58
CA LEU B 277 -19.77 43.11 -31.51
C LEU B 277 -18.63 44.09 -31.70
N PRO B 278 -18.72 45.28 -31.07
CA PRO B 278 -17.64 46.27 -31.24
C PRO B 278 -16.38 45.95 -30.47
N LYS B 279 -16.44 45.11 -29.44
CA LYS B 279 -15.26 44.76 -28.67
C LYS B 279 -15.39 43.36 -28.12
N SER B 280 -14.26 42.78 -27.74
CA SER B 280 -14.22 41.50 -27.05
C SER B 280 -13.41 41.69 -25.78
N ASP B 281 -14.08 41.57 -24.62
CA ASP B 281 -13.42 41.56 -23.33
C ASP B 281 -13.23 40.12 -22.86
N GLN B 282 -12.09 39.85 -22.23
CA GLN B 282 -11.84 38.57 -21.58
C GLN B 282 -11.23 38.88 -20.23
N ILE B 283 -11.79 38.32 -19.17
CA ILE B 283 -11.45 38.68 -17.80
C ILE B 283 -11.16 37.42 -16.99
N GLY B 284 -10.05 37.42 -16.26
CA GLY B 284 -9.68 36.31 -15.42
C GLY B 284 -9.98 36.61 -13.97
N LEU B 285 -10.83 35.79 -13.36
CA LEU B 285 -11.23 35.97 -11.97
C LEU B 285 -10.51 34.96 -11.09
N PRO B 286 -9.90 35.39 -9.98
CA PRO B 286 -9.12 34.43 -9.18
C PRO B 286 -9.84 33.14 -8.84
N ASP B 287 -11.09 33.21 -8.42
CA ASP B 287 -11.89 32.02 -8.15
C ASP B 287 -13.12 32.01 -9.04
N PHE B 288 -13.31 30.90 -9.77
CA PHE B 288 -14.39 30.78 -10.75
C PHE B 288 -14.51 29.28 -11.04
N ASN B 289 -15.35 28.60 -10.25
CA ASN B 289 -15.40 27.15 -10.33
C ASN B 289 -15.93 26.67 -11.67
N ALA B 290 -16.83 27.42 -12.29
CA ALA B 290 -17.13 27.21 -13.70
C ALA B 290 -15.84 27.38 -14.51
N GLY B 291 -15.70 26.61 -15.58
CA GLY B 291 -14.51 26.69 -16.38
C GLY B 291 -14.33 28.05 -17.02
N ALA B 292 -15.27 28.39 -17.90
CA ALA B 292 -15.28 29.65 -18.63
C ALA B 292 -16.66 29.81 -19.22
N MET B 293 -17.15 31.04 -19.26
CA MET B 293 -18.49 31.35 -19.77
C MET B 293 -18.38 32.30 -20.94
N GLU B 294 -19.10 32.00 -22.02
CA GLU B 294 -18.99 32.71 -23.28
C GLU B 294 -19.89 33.94 -23.36
N ASN B 295 -20.09 34.67 -22.26
CA ASN B 295 -20.91 35.87 -22.30
C ASN B 295 -20.53 36.74 -23.49
N TRP B 296 -21.52 37.19 -24.24
CA TRP B 296 -21.28 37.88 -25.51
C TRP B 296 -20.50 39.17 -25.30
N GLY B 297 -19.23 39.17 -25.69
CA GLY B 297 -18.39 40.35 -25.60
C GLY B 297 -17.66 40.52 -24.28
N LEU B 298 -17.91 39.65 -23.30
CA LEU B 298 -17.30 39.80 -21.97
C LEU B 298 -17.16 38.39 -21.38
N VAL B 299 -16.17 37.65 -21.87
CA VAL B 299 -16.01 36.25 -21.49
C VAL B 299 -15.25 36.15 -20.17
N THR B 300 -15.77 35.33 -19.27
CA THR B 300 -15.19 35.15 -17.95
C THR B 300 -14.41 33.85 -17.87
N TYR B 301 -13.25 33.90 -17.24
CA TYR B 301 -12.37 32.75 -17.12
C TYR B 301 -11.90 32.58 -15.68
N ARG B 302 -11.62 31.34 -15.29
CA ARG B 302 -10.79 31.11 -14.12
C ARG B 302 -9.39 31.63 -14.41
N GLU B 303 -8.84 32.39 -13.45
CA GLU B 303 -7.58 33.09 -13.68
C GLU B 303 -6.51 32.16 -14.27
N ASN B 304 -6.30 31.00 -13.64
CA ASN B 304 -5.22 30.12 -14.06
C ASN B 304 -5.46 29.50 -15.44
N SER B 305 -6.62 29.70 -16.04
CA SER B 305 -6.90 29.23 -17.39
C SER B 305 -6.82 30.34 -18.43
N LEU B 306 -6.69 31.58 -18.00
CA LEU B 306 -6.50 32.72 -18.90
C LEU B 306 -5.11 33.30 -18.84
N LEU B 307 -4.50 33.33 -17.65
CA LEU B 307 -3.16 33.89 -17.49
C LEU B 307 -2.10 32.85 -17.80
N PHE B 308 -0.91 33.34 -18.16
CA PHE B 308 0.24 32.49 -18.41
C PHE B 308 1.49 33.19 -17.90
N ASP B 309 2.25 32.50 -17.05
CA ASP B 309 3.51 33.02 -16.54
C ASP B 309 4.67 32.32 -17.26
N PRO B 310 5.39 33.00 -18.15
CA PRO B 310 6.48 32.33 -18.87
C PRO B 310 7.52 31.70 -17.94
N LEU B 311 7.56 32.10 -16.67
CA LEU B 311 8.58 31.61 -15.76
C LEU B 311 8.15 30.36 -14.98
N SER B 312 6.85 30.13 -14.82
CA SER B 312 6.38 29.06 -13.97
C SER B 312 5.38 28.14 -14.67
N SER B 313 4.66 28.68 -15.66
CA SER B 313 3.65 27.91 -16.35
C SER B 313 4.30 26.98 -17.38
N SER B 314 3.71 25.80 -17.54
CA SER B 314 4.24 24.79 -18.44
C SER B 314 3.63 24.93 -19.84
N SER B 315 4.20 24.18 -20.78
CA SER B 315 3.62 24.11 -22.12
C SER B 315 2.20 23.58 -22.09
N SER B 316 1.94 22.63 -21.19
CA SER B 316 0.57 22.12 -21.06
C SER B 316 -0.37 23.19 -20.54
N ASN B 317 0.12 24.04 -19.63
CA ASN B 317 -0.67 25.18 -19.19
C ASN B 317 -0.96 26.12 -20.35
N LYS B 318 0.03 26.34 -21.22
CA LYS B 318 -0.16 27.22 -22.36
C LYS B 318 -1.19 26.66 -23.33
N GLU B 319 -1.08 25.37 -23.66
CA GLU B 319 -2.05 24.76 -24.55
C GLU B 319 -3.47 24.96 -24.04
N ARG B 320 -3.66 24.82 -22.73
CA ARG B 320 -5.00 24.98 -22.15
C ARG B 320 -5.51 26.40 -22.35
N VAL B 321 -4.65 27.39 -22.17
CA VAL B 321 -5.08 28.78 -22.28
C VAL B 321 -5.58 29.07 -23.70
N VAL B 322 -4.77 28.76 -24.71
CA VAL B 322 -5.15 29.07 -26.08
C VAL B 322 -6.35 28.23 -26.51
N THR B 323 -6.44 27.00 -26.01
CA THR B 323 -7.55 26.12 -26.40
C THR B 323 -8.87 26.60 -25.80
N VAL B 324 -8.86 26.96 -24.52
CA VAL B 324 -10.10 27.44 -23.90
C VAL B 324 -10.49 28.80 -24.47
N ILE B 325 -9.51 29.62 -24.83
CA ILE B 325 -9.82 30.90 -25.48
C ILE B 325 -10.50 30.66 -26.82
N ALA B 326 -9.91 29.79 -27.64
CA ALA B 326 -10.52 29.47 -28.93
C ALA B 326 -11.93 28.92 -28.75
N HIS B 327 -12.15 28.11 -27.71
CA HIS B 327 -13.48 27.56 -27.47
C HIS B 327 -14.48 28.67 -27.17
N GLU B 328 -14.14 29.56 -26.24
CA GLU B 328 -15.08 30.62 -25.86
C GLU B 328 -15.29 31.60 -27.00
N LEU B 329 -14.24 31.91 -27.74
CA LEU B 329 -14.37 32.87 -28.84
C LEU B 329 -15.16 32.28 -30.01
N ALA B 330 -15.14 30.96 -30.17
CA ALA B 330 -15.97 30.33 -31.18
C ALA B 330 -17.45 30.61 -30.92
N HIS B 331 -17.84 30.66 -29.64
CA HIS B 331 -19.25 30.86 -29.29
C HIS B 331 -19.76 32.23 -29.71
N GLN B 332 -18.88 33.23 -29.84
CA GLN B 332 -19.33 34.57 -30.17
C GLN B 332 -20.10 34.59 -31.49
N TRP B 333 -19.83 33.64 -32.38
CA TRP B 333 -20.64 33.42 -33.56
C TRP B 333 -21.63 32.27 -33.30
N PHE B 334 -21.10 31.05 -33.23
CA PHE B 334 -21.92 29.84 -33.10
C PHE B 334 -22.31 29.65 -31.65
N GLY B 335 -23.53 30.06 -31.30
CA GLY B 335 -24.00 30.00 -29.94
C GLY B 335 -24.64 31.29 -29.49
N ASN B 336 -23.96 32.41 -29.73
CA ASN B 336 -24.40 33.72 -29.29
C ASN B 336 -25.11 34.50 -30.40
N LEU B 337 -24.50 34.60 -31.58
CA LEU B 337 -25.18 35.22 -32.71
C LEU B 337 -26.33 34.35 -33.20
N VAL B 338 -26.08 33.04 -33.33
CA VAL B 338 -27.12 32.05 -33.58
C VAL B 338 -27.17 31.15 -32.36
N THR B 339 -28.35 31.04 -31.75
CA THR B 339 -28.51 30.40 -30.46
C THR B 339 -29.47 29.21 -30.57
N ILE B 340 -29.25 28.21 -29.71
CA ILE B 340 -30.11 27.04 -29.73
C ILE B 340 -31.53 27.45 -29.32
N GLU B 341 -32.52 26.73 -29.85
CA GLU B 341 -33.90 27.02 -29.52
C GLU B 341 -34.21 26.66 -28.06
N TRP B 342 -33.75 25.51 -27.61
CA TRP B 342 -33.93 25.04 -26.25
C TRP B 342 -32.71 24.21 -25.88
N TRP B 343 -32.53 24.00 -24.57
CA TRP B 343 -31.31 23.37 -24.07
C TRP B 343 -31.14 21.93 -24.53
N ASN B 344 -32.19 21.29 -25.05
CA ASN B 344 -32.05 19.93 -25.56
C ASN B 344 -31.07 19.86 -26.73
N ASP B 345 -30.77 20.99 -27.37
CA ASP B 345 -29.82 21.05 -28.48
C ASP B 345 -28.45 21.56 -28.04
N LEU B 346 -28.15 21.54 -26.74
CA LEU B 346 -26.87 22.05 -26.26
C LEU B 346 -25.72 21.39 -26.98
N TRP B 347 -25.80 20.08 -27.23
CA TRP B 347 -24.68 19.36 -27.83
C TRP B 347 -24.21 20.01 -29.12
N LEU B 348 -25.13 20.61 -29.89
CA LEU B 348 -24.71 21.25 -31.14
C LEU B 348 -23.85 22.47 -30.87
N ASN B 349 -24.22 23.27 -29.89
CA ASN B 349 -23.44 24.47 -29.56
C ASN B 349 -22.11 24.08 -28.92
N GLU B 350 -22.15 23.29 -27.86
CA GLU B 350 -20.92 22.93 -27.15
C GLU B 350 -20.08 21.95 -27.93
N GLY B 351 -20.71 21.03 -28.67
CA GLY B 351 -19.95 20.12 -29.51
C GLY B 351 -19.19 20.85 -30.59
N PHE B 352 -19.86 21.79 -31.27
CA PHE B 352 -19.19 22.55 -32.32
C PHE B 352 -18.00 23.32 -31.78
N ALA B 353 -18.19 24.04 -30.67
CA ALA B 353 -17.09 24.79 -30.09
C ALA B 353 -15.96 23.87 -29.64
N SER B 354 -16.31 22.70 -29.09
CA SER B 354 -15.30 21.75 -28.66
C SER B 354 -14.49 21.20 -29.84
N TYR B 355 -15.05 21.23 -31.04
CA TYR B 355 -14.31 20.81 -32.24
C TYR B 355 -13.48 21.95 -32.80
N VAL B 356 -14.10 23.09 -33.09
CA VAL B 356 -13.39 24.17 -33.76
C VAL B 356 -12.43 24.92 -32.84
N GLU B 357 -12.47 24.67 -31.53
CA GLU B 357 -11.44 25.20 -30.66
C GLU B 357 -10.05 24.76 -31.13
N TYR B 358 -9.95 23.54 -31.65
CA TYR B 358 -8.67 23.07 -32.18
C TYR B 358 -8.30 23.81 -33.46
N LEU B 359 -9.28 24.08 -34.31
CA LEU B 359 -9.02 24.84 -35.53
C LEU B 359 -8.54 26.25 -35.19
N GLY B 360 -9.27 26.94 -34.33
CA GLY B 360 -8.86 28.28 -33.94
C GLY B 360 -7.49 28.31 -33.29
N ALA B 361 -7.20 27.32 -32.44
CA ALA B 361 -5.91 27.29 -31.76
C ALA B 361 -4.79 26.89 -32.70
N ASP B 362 -5.07 26.02 -33.67
CA ASP B 362 -4.06 25.66 -34.66
C ASP B 362 -3.60 26.88 -35.44
N TYR B 363 -4.54 27.78 -35.77
CA TYR B 363 -4.18 28.99 -36.51
C TYR B 363 -3.30 29.91 -35.65
N ALA B 364 -3.55 29.94 -34.34
CA ALA B 364 -2.75 30.79 -33.47
C ALA B 364 -1.37 30.21 -33.22
N GLU B 365 -1.26 28.88 -33.15
CA GLU B 365 0.01 28.19 -32.93
C GLU B 365 0.14 27.09 -33.99
N PRO B 366 0.47 27.46 -35.23
CA PRO B 366 0.46 26.46 -36.32
C PRO B 366 1.56 25.42 -36.21
N THR B 367 2.57 25.61 -35.36
CA THR B 367 3.67 24.67 -35.26
C THR B 367 3.36 23.47 -34.37
N TRP B 368 2.23 23.47 -33.69
CA TRP B 368 1.96 22.45 -32.67
C TRP B 368 1.28 21.20 -33.22
N ASN B 369 0.64 21.28 -34.38
CA ASN B 369 -0.20 20.19 -34.87
C ASN B 369 -1.28 19.85 -33.84
N LEU B 370 -1.85 20.89 -33.22
CA LEU B 370 -2.74 20.70 -32.09
C LEU B 370 -4.00 19.96 -32.46
N LYS B 371 -4.41 20.01 -33.74
CA LYS B 371 -5.65 19.35 -34.12
C LYS B 371 -5.58 17.85 -33.94
N ASP B 372 -4.39 17.29 -34.07
CA ASP B 372 -4.16 15.84 -33.94
C ASP B 372 -4.62 15.36 -32.55
N LEU B 373 -4.40 16.14 -31.52
CA LEU B 373 -4.66 15.69 -30.16
C LEU B 373 -6.15 15.62 -29.83
N MET B 374 -7.02 16.14 -30.68
CA MET B 374 -8.45 15.97 -30.44
C MET B 374 -8.82 14.49 -30.39
N VAL B 375 -8.08 13.65 -31.09
CA VAL B 375 -8.36 12.21 -31.14
C VAL B 375 -8.16 11.59 -29.74
N LEU B 376 -7.17 12.01 -29.00
CA LEU B 376 -6.96 11.46 -27.66
C LEU B 376 -7.81 12.18 -26.62
N ASN B 377 -7.86 13.50 -26.69
CA ASN B 377 -8.50 14.27 -25.62
C ASN B 377 -10.02 14.21 -25.67
N ASP B 378 -10.60 14.07 -26.86
CA ASP B 378 -12.05 14.08 -27.02
C ASP B 378 -12.60 12.77 -27.56
N VAL B 379 -12.08 12.28 -28.69
CA VAL B 379 -12.67 11.12 -29.33
C VAL B 379 -12.55 9.89 -28.42
N TYR B 380 -11.32 9.53 -28.06
CA TYR B 380 -11.14 8.33 -27.23
C TYR B 380 -11.66 8.54 -25.82
N ARG B 381 -11.64 9.77 -25.32
CA ARG B 381 -12.19 10.03 -24.00
C ARG B 381 -13.68 9.70 -23.95
N VAL B 382 -14.43 10.12 -24.97
CA VAL B 382 -15.87 9.90 -24.93
C VAL B 382 -16.22 8.48 -25.37
N MET B 383 -15.41 7.87 -26.23
CA MET B 383 -15.68 6.49 -26.63
C MET B 383 -15.57 5.52 -25.45
N ALA B 384 -14.81 5.89 -24.41
CA ALA B 384 -14.83 5.10 -23.18
C ALA B 384 -16.21 5.14 -22.54
N VAL B 385 -16.87 6.29 -22.58
CA VAL B 385 -18.18 6.44 -21.96
C VAL B 385 -19.28 5.97 -22.91
N ASP B 386 -19.12 6.22 -24.20
CA ASP B 386 -20.14 5.87 -25.19
C ASP B 386 -20.16 4.39 -25.52
N ALA B 387 -19.18 3.62 -25.05
CA ALA B 387 -19.14 2.18 -25.27
C ALA B 387 -19.83 1.39 -24.16
N LEU B 388 -20.62 2.06 -23.33
CA LEU B 388 -21.33 1.43 -22.24
C LEU B 388 -22.83 1.45 -22.53
N ALA B 389 -23.54 0.45 -21.98
CA ALA B 389 -24.98 0.38 -22.16
C ALA B 389 -25.70 1.51 -21.43
N SER B 390 -25.01 2.25 -20.57
CA SER B 390 -25.59 3.35 -19.82
C SER B 390 -25.42 4.71 -20.49
N SER B 391 -25.00 4.73 -21.75
CA SER B 391 -24.81 5.98 -22.46
C SER B 391 -26.17 6.52 -22.91
N HIS B 392 -26.16 7.59 -23.70
CA HIS B 392 -27.38 8.22 -24.18
C HIS B 392 -27.07 8.95 -25.48
N PRO B 393 -28.05 9.07 -26.37
CA PRO B 393 -27.78 9.72 -27.67
C PRO B 393 -27.61 11.23 -27.51
N LEU B 394 -26.97 11.82 -28.53
CA LEU B 394 -26.76 13.26 -28.52
C LEU B 394 -28.09 14.01 -28.45
N SER B 395 -29.06 13.61 -29.27
CA SER B 395 -30.31 14.32 -29.36
C SER B 395 -31.26 13.91 -28.24
N THR B 396 -31.99 14.89 -27.70
CA THR B 396 -33.02 14.69 -26.70
C THR B 396 -34.25 15.46 -27.14
N PRO B 397 -35.45 14.88 -27.05
CA PRO B 397 -36.66 15.65 -27.38
C PRO B 397 -36.87 16.78 -26.38
N ALA B 398 -37.24 17.95 -26.92
CA ALA B 398 -37.36 19.14 -26.08
C ALA B 398 -38.31 18.92 -24.91
N SER B 399 -39.33 18.07 -25.09
CA SER B 399 -40.33 17.87 -24.05
C SER B 399 -39.76 17.18 -22.81
N GLU B 400 -38.57 16.59 -22.91
CA GLU B 400 -37.96 15.91 -21.78
C GLU B 400 -37.04 16.82 -20.96
N ILE B 401 -36.80 18.03 -21.42
CA ILE B 401 -35.90 18.97 -20.76
C ILE B 401 -36.73 20.16 -20.29
N ASN B 402 -36.97 20.24 -18.98
CA ASN B 402 -37.87 21.26 -18.46
C ASN B 402 -37.32 21.96 -17.21
N THR B 403 -36.81 21.20 -16.26
CA THR B 403 -36.35 21.78 -15.01
C THR B 403 -34.88 22.17 -15.10
N PRO B 404 -34.46 23.13 -14.26
CA PRO B 404 -33.01 23.47 -14.24
C PRO B 404 -32.11 22.27 -14.02
N ALA B 405 -32.55 21.29 -13.21
CA ALA B 405 -31.72 20.12 -12.97
C ALA B 405 -31.61 19.26 -14.23
N GLN B 406 -32.68 19.17 -15.02
CA GLN B 406 -32.60 18.45 -16.28
C GLN B 406 -31.72 19.18 -17.29
N ILE B 407 -31.71 20.52 -17.22
CA ILE B 407 -30.82 21.28 -18.10
C ILE B 407 -29.37 20.98 -17.79
N SER B 408 -29.01 21.03 -16.50
CA SER B 408 -27.61 20.86 -16.12
C SER B 408 -27.08 19.49 -16.52
N GLU B 409 -27.95 18.47 -16.57
CA GLU B 409 -27.48 17.13 -16.89
C GLU B 409 -26.89 17.06 -18.30
N LEU B 410 -27.32 17.94 -19.20
CA LEU B 410 -26.84 17.88 -20.57
C LEU B 410 -25.41 18.37 -20.72
N PHE B 411 -24.86 19.05 -19.71
CA PHE B 411 -23.47 19.53 -19.76
C PHE B 411 -22.56 18.36 -19.36
N ASP B 412 -22.36 17.45 -20.30
CA ASP B 412 -21.61 16.23 -20.04
C ASP B 412 -20.74 15.88 -21.25
N ALA B 413 -19.98 14.80 -21.11
CA ALA B 413 -18.99 14.46 -22.13
C ALA B 413 -19.63 14.10 -23.46
N ILE B 414 -20.84 13.55 -23.45
CA ILE B 414 -21.51 13.23 -24.70
C ILE B 414 -21.81 14.50 -25.50
N SER B 415 -22.44 15.47 -24.84
CA SER B 415 -22.74 16.73 -25.53
C SER B 415 -21.47 17.40 -26.04
N TYR B 416 -20.41 17.39 -25.24
CA TYR B 416 -19.19 18.10 -25.60
C TYR B 416 -18.32 17.30 -26.57
N SER B 417 -17.90 16.10 -26.17
CA SER B 417 -16.86 15.38 -26.89
C SER B 417 -17.40 14.49 -28.00
N LYS B 418 -18.57 13.88 -27.83
CA LYS B 418 -19.18 13.19 -28.96
C LYS B 418 -19.74 14.18 -29.97
N GLY B 419 -20.39 15.24 -29.47
CA GLY B 419 -20.83 16.30 -30.36
C GLY B 419 -19.70 16.83 -31.23
N ALA B 420 -18.53 17.05 -30.62
CA ALA B 420 -17.37 17.49 -31.39
C ALA B 420 -16.92 16.42 -32.38
N SER B 421 -16.86 15.17 -31.92
CA SER B 421 -16.37 14.10 -32.80
C SER B 421 -17.33 13.85 -33.96
N VAL B 422 -18.63 14.01 -33.73
CA VAL B 422 -19.61 13.77 -34.79
C VAL B 422 -19.61 14.92 -35.79
N LEU B 423 -19.39 16.15 -35.33
CA LEU B 423 -19.34 17.28 -36.24
C LEU B 423 -18.04 17.28 -37.04
N ARG B 424 -16.94 16.86 -36.44
CA ARG B 424 -15.64 16.75 -37.15
C ARG B 424 -15.79 15.67 -38.23
N MET B 425 -16.56 14.61 -37.96
CA MET B 425 -16.84 13.51 -38.92
C MET B 425 -17.65 14.09 -40.08
N LEU B 426 -18.68 14.89 -39.78
CA LEU B 426 -19.58 15.54 -40.77
C LEU B 426 -18.78 16.45 -41.70
N SER B 427 -17.82 17.21 -41.18
CA SER B 427 -16.97 18.15 -41.93
C SER B 427 -15.90 17.42 -42.75
N SER B 428 -15.65 16.15 -42.45
CA SER B 428 -14.68 15.27 -43.14
C SER B 428 -15.36 14.50 -44.29
N PHE B 429 -16.62 14.07 -44.13
CA PHE B 429 -17.35 13.27 -45.16
C PHE B 429 -17.88 14.24 -46.22
N LEU B 430 -18.21 15.46 -45.80
CA LEU B 430 -18.43 16.60 -46.72
C LEU B 430 -17.05 17.25 -46.93
N SER B 431 -16.87 18.20 -47.81
CA SER B 431 -15.55 18.89 -47.85
C SER B 431 -15.54 19.92 -46.71
N GLU B 432 -14.39 20.31 -46.17
CA GLU B 432 -14.36 21.39 -45.15
C GLU B 432 -14.92 22.64 -45.82
N ASP B 433 -14.47 22.94 -47.04
CA ASP B 433 -14.95 24.07 -47.88
C ASP B 433 -16.48 23.99 -47.99
N VAL B 434 -17.04 22.81 -48.25
CA VAL B 434 -18.51 22.63 -48.42
C VAL B 434 -19.19 22.74 -47.06
N PHE B 435 -18.53 22.28 -46.00
CA PHE B 435 -19.02 22.37 -44.61
C PHE B 435 -19.03 23.85 -44.25
N LYS B 436 -17.93 24.56 -44.52
CA LYS B 436 -17.89 25.99 -44.27
C LYS B 436 -18.96 26.74 -45.06
N GLN B 437 -19.29 26.26 -46.27
CA GLN B 437 -20.26 26.96 -47.10
C GLN B 437 -21.65 26.92 -46.46
N GLY B 438 -22.13 25.72 -46.11
CA GLY B 438 -23.39 25.62 -45.40
C GLY B 438 -23.37 26.29 -44.05
N LEU B 439 -22.20 26.32 -43.41
CA LEU B 439 -22.07 27.00 -42.13
C LEU B 439 -22.31 28.49 -42.28
N ALA B 440 -21.69 29.10 -43.29
CA ALA B 440 -21.87 30.54 -43.51
C ALA B 440 -23.31 30.88 -43.87
N SER B 441 -23.94 30.04 -44.70
CA SER B 441 -25.34 30.28 -45.05
C SER B 441 -26.25 30.13 -43.83
N TYR B 442 -25.92 29.19 -42.94
CA TYR B 442 -26.70 28.99 -41.73
C TYR B 442 -26.62 30.20 -40.82
N LEU B 443 -25.41 30.72 -40.60
CA LEU B 443 -25.24 31.89 -39.74
C LEU B 443 -25.93 33.11 -40.32
N HIS B 444 -25.71 33.38 -41.60
CA HIS B 444 -26.31 34.55 -42.23
C HIS B 444 -27.83 34.50 -42.14
N THR B 445 -28.42 33.32 -42.36
CA THR B 445 -29.87 33.21 -42.39
C THR B 445 -30.48 33.44 -41.01
N PHE B 446 -29.93 32.80 -39.99
CA PHE B 446 -30.53 32.80 -38.66
C PHE B 446 -29.81 33.74 -37.68
N ALA B 447 -29.04 34.70 -38.20
CA ALA B 447 -28.34 35.63 -37.32
C ALA B 447 -29.33 36.34 -36.40
N TYR B 448 -28.98 36.41 -35.11
CA TYR B 448 -29.81 37.04 -34.09
C TYR B 448 -31.11 36.30 -33.85
N GLN B 449 -31.16 35.02 -34.23
CA GLN B 449 -32.36 34.21 -34.04
C GLN B 449 -31.98 32.88 -33.37
N ASN B 450 -32.91 31.93 -33.34
CA ASN B 450 -32.71 30.64 -32.71
C ASN B 450 -32.98 29.52 -33.70
N THR B 451 -32.28 28.40 -33.50
CA THR B 451 -32.36 27.29 -34.44
C THR B 451 -32.41 25.96 -33.70
N ILE B 452 -32.90 24.95 -34.41
CA ILE B 452 -32.71 23.57 -34.02
C ILE B 452 -31.63 22.99 -34.93
N TYR B 453 -31.10 21.82 -34.55
CA TYR B 453 -29.96 21.29 -35.31
C TYR B 453 -30.35 20.89 -36.73
N LEU B 454 -31.62 20.57 -36.96
CA LEU B 454 -32.04 20.22 -38.32
C LEU B 454 -31.97 21.42 -39.26
N ASN B 455 -31.99 22.65 -38.74
CA ASN B 455 -31.76 23.81 -39.59
C ASN B 455 -30.36 23.76 -40.18
N LEU B 456 -29.35 23.42 -39.36
CA LEU B 456 -27.99 23.31 -39.87
C LEU B 456 -27.89 22.22 -40.93
N TRP B 457 -28.48 21.05 -40.66
CA TRP B 457 -28.49 19.99 -41.67
C TRP B 457 -29.08 20.51 -42.98
N ASP B 458 -30.16 21.29 -42.90
CA ASP B 458 -30.80 21.78 -44.12
C ASP B 458 -29.86 22.65 -44.93
N HIS B 459 -29.12 23.55 -44.29
CA HIS B 459 -28.21 24.43 -45.00
C HIS B 459 -26.94 23.70 -45.46
N LEU B 460 -26.57 22.62 -44.78
CA LEU B 460 -25.48 21.78 -45.31
C LEU B 460 -25.96 20.96 -46.50
N GLN B 461 -27.22 20.52 -46.47
CA GLN B 461 -27.80 19.85 -47.63
C GLN B 461 -27.83 20.78 -48.84
N GLU B 462 -28.11 22.07 -48.61
CA GLU B 462 -28.13 23.02 -49.72
C GLU B 462 -26.74 23.25 -50.28
N ALA B 463 -25.72 23.29 -49.40
CA ALA B 463 -24.35 23.37 -49.89
C ALA B 463 -23.95 22.08 -50.60
N VAL B 464 -24.45 20.94 -50.12
CA VAL B 464 -24.15 19.67 -50.76
C VAL B 464 -24.74 19.65 -52.17
N ASN B 465 -26.01 20.02 -52.30
CA ASN B 465 -26.65 20.02 -53.61
C ASN B 465 -25.97 21.00 -54.55
N ASN B 466 -25.72 22.21 -54.09
CA ASN B 466 -25.15 23.26 -54.94
C ASN B 466 -23.69 23.01 -55.29
N ARG B 467 -23.05 21.95 -54.78
CA ARG B 467 -21.61 21.78 -54.95
C ARG B 467 -21.21 20.43 -55.53
N SER B 468 -22.16 19.62 -55.96
CA SER B 468 -21.91 18.37 -56.69
C SER B 468 -21.51 17.21 -55.78
N ILE B 469 -21.90 17.22 -54.52
CA ILE B 469 -21.44 16.22 -53.56
C ILE B 469 -22.43 15.05 -53.53
N GLN B 470 -21.94 13.85 -53.81
CA GLN B 470 -22.76 12.65 -53.84
C GLN B 470 -22.68 11.95 -52.49
N LEU B 471 -23.84 11.67 -51.91
CA LEU B 471 -23.97 11.00 -50.63
C LEU B 471 -24.95 9.84 -50.78
N PRO B 472 -24.83 8.81 -49.94
CA PRO B 472 -25.81 7.70 -50.00
C PRO B 472 -27.23 8.11 -49.64
N THR B 473 -27.43 9.28 -49.06
CA THR B 473 -28.78 9.75 -48.71
C THR B 473 -28.75 11.20 -48.28
N THR B 474 -29.79 11.66 -47.59
CA THR B 474 -29.80 13.02 -47.07
C THR B 474 -28.75 13.20 -45.99
N VAL B 475 -28.22 14.42 -45.89
CA VAL B 475 -27.38 14.75 -44.73
C VAL B 475 -28.14 14.43 -43.46
N ARG B 476 -29.43 14.78 -43.42
CA ARG B 476 -30.24 14.56 -42.23
C ARG B 476 -30.32 13.08 -41.88
N ASP B 477 -30.51 12.21 -42.88
CA ASP B 477 -30.64 10.78 -42.58
C ASP B 477 -29.31 10.16 -42.16
N ILE B 478 -28.20 10.67 -42.70
CA ILE B 478 -26.89 10.20 -42.24
C ILE B 478 -26.71 10.54 -40.76
N MET B 479 -26.92 11.81 -40.42
CA MET B 479 -26.67 12.26 -39.06
C MET B 479 -27.68 11.68 -38.06
N ASN B 480 -28.90 11.36 -38.53
CA ASN B 480 -29.86 10.73 -37.63
C ASN B 480 -29.28 9.46 -37.01
N ARG B 481 -28.51 8.70 -37.79
CA ARG B 481 -27.87 7.51 -37.25
C ARG B 481 -26.89 7.84 -36.14
N TRP B 482 -26.37 9.05 -36.11
CA TRP B 482 -25.34 9.44 -35.14
C TRP B 482 -25.86 10.33 -34.02
N THR B 483 -27.09 10.84 -34.13
CA THR B 483 -27.67 11.67 -33.08
C THR B 483 -28.87 11.05 -32.39
N LEU B 484 -29.59 10.15 -33.07
CA LEU B 484 -30.82 9.59 -32.50
C LEU B 484 -30.59 8.29 -31.74
N GLN B 485 -29.40 7.70 -31.84
CA GLN B 485 -29.06 6.50 -31.09
C GLN B 485 -27.69 6.69 -30.44
N MET B 486 -27.50 6.06 -29.30
CA MET B 486 -26.25 6.16 -28.57
C MET B 486 -25.20 5.23 -29.18
N GLY B 487 -23.99 5.34 -28.67
CA GLY B 487 -22.94 4.42 -29.03
C GLY B 487 -22.36 4.66 -30.41
N PHE B 488 -21.55 3.71 -30.84
CA PHE B 488 -20.86 3.77 -32.12
C PHE B 488 -20.48 2.36 -32.53
N PRO B 489 -20.18 2.14 -33.79
CA PRO B 489 -19.89 0.77 -34.26
C PRO B 489 -18.40 0.46 -34.24
N VAL B 490 -18.12 -0.85 -34.25
CA VAL B 490 -16.82 -1.38 -34.62
C VAL B 490 -16.98 -1.98 -36.01
N ILE B 491 -16.11 -1.57 -36.94
CA ILE B 491 -16.09 -2.08 -38.29
C ILE B 491 -15.01 -3.15 -38.36
N THR B 492 -15.40 -4.39 -38.67
CA THR B 492 -14.47 -5.51 -38.75
C THR B 492 -14.19 -5.82 -40.21
N VAL B 493 -12.91 -5.77 -40.59
CA VAL B 493 -12.48 -5.98 -41.97
C VAL B 493 -11.99 -7.41 -42.14
N ASP B 494 -12.40 -8.05 -43.23
CA ASP B 494 -11.88 -9.35 -43.66
C ASP B 494 -11.16 -9.11 -44.97
N THR B 495 -9.83 -8.93 -44.90
CA THR B 495 -9.06 -8.58 -46.08
C THR B 495 -8.91 -9.72 -47.08
N SER B 496 -9.41 -10.92 -46.75
CA SER B 496 -9.36 -12.01 -47.71
C SER B 496 -10.50 -11.93 -48.70
N THR B 497 -11.70 -11.58 -48.24
CA THR B 497 -12.87 -11.42 -49.10
C THR B 497 -13.25 -9.97 -49.33
N GLY B 498 -12.64 -9.03 -48.61
CA GLY B 498 -13.01 -7.64 -48.73
C GLY B 498 -14.34 -7.30 -48.11
N THR B 499 -14.69 -7.98 -47.02
CA THR B 499 -16.01 -7.85 -46.40
C THR B 499 -15.92 -6.95 -45.18
N LEU B 500 -16.81 -5.96 -45.12
CA LEU B 500 -16.97 -5.11 -43.95
C LEU B 500 -18.21 -5.54 -43.19
N SER B 501 -18.13 -5.49 -41.85
CA SER B 501 -19.28 -5.77 -41.01
C SER B 501 -19.22 -4.86 -39.79
N GLN B 502 -20.37 -4.29 -39.44
CA GLN B 502 -20.48 -3.35 -38.33
C GLN B 502 -21.37 -3.92 -37.24
N GLU B 503 -21.10 -3.51 -36.01
CA GLU B 503 -21.97 -3.84 -34.89
C GLU B 503 -21.69 -2.85 -33.77
N HIS B 504 -22.70 -2.68 -32.92
CA HIS B 504 -22.56 -1.84 -31.73
C HIS B 504 -21.34 -2.26 -30.92
N PHE B 505 -20.42 -1.33 -30.72
CA PHE B 505 -19.22 -1.62 -29.93
C PHE B 505 -19.53 -1.41 -28.46
N LEU B 506 -19.28 -2.45 -27.65
CA LEU B 506 -19.55 -2.42 -26.22
C LEU B 506 -18.34 -2.99 -25.50
N LEU B 507 -17.77 -2.19 -24.59
CA LEU B 507 -16.52 -2.60 -23.92
C LEU B 507 -16.74 -3.85 -23.08
N ASP B 508 -17.87 -3.94 -22.38
CA ASP B 508 -18.19 -5.10 -21.56
C ASP B 508 -18.78 -6.19 -22.45
N PRO B 509 -18.08 -7.32 -22.64
CA PRO B 509 -18.63 -8.38 -23.48
C PRO B 509 -19.94 -8.96 -22.94
N ASP B 510 -20.33 -8.61 -21.71
CA ASP B 510 -21.57 -9.07 -21.11
C ASP B 510 -22.54 -7.91 -20.87
N SER B 511 -22.43 -6.86 -21.69
CA SER B 511 -23.33 -5.73 -21.57
C SER B 511 -24.78 -6.16 -21.79
N ASN B 512 -25.70 -5.43 -21.17
CA ASN B 512 -27.13 -5.62 -21.34
C ASN B 512 -27.71 -4.31 -21.84
N VAL B 513 -27.74 -4.13 -23.15
CA VAL B 513 -28.31 -2.92 -23.75
C VAL B 513 -29.83 -3.05 -23.74
N THR B 514 -30.49 -2.08 -23.12
CA THR B 514 -31.95 -2.05 -23.07
C THR B 514 -32.57 -0.84 -23.75
N ARG B 515 -31.80 0.19 -24.04
CA ARG B 515 -32.32 1.38 -24.69
C ARG B 515 -32.65 1.06 -26.15
N PRO B 516 -33.92 1.12 -26.57
CA PRO B 516 -34.24 0.83 -27.97
C PRO B 516 -33.74 1.92 -28.90
N SER B 517 -33.52 1.50 -30.16
CA SER B 517 -33.14 2.42 -31.23
C SER B 517 -33.98 2.11 -32.46
N GLU B 518 -34.40 3.17 -33.16
CA GLU B 518 -35.15 2.99 -34.40
C GLU B 518 -34.30 2.36 -35.51
N PHE B 519 -33.00 2.18 -35.29
CA PHE B 519 -32.11 1.57 -36.27
C PHE B 519 -31.40 0.33 -35.75
N ASN B 520 -31.73 -0.12 -34.54
CA ASN B 520 -31.10 -1.31 -33.96
C ASN B 520 -29.58 -1.21 -33.99
N TYR B 521 -29.07 0.01 -33.80
CA TYR B 521 -27.63 0.25 -33.67
C TYR B 521 -26.88 -0.18 -34.93
N VAL B 522 -27.39 0.30 -36.07
CA VAL B 522 -26.72 0.22 -37.35
C VAL B 522 -26.50 1.65 -37.83
N TRP B 523 -25.34 1.91 -38.43
CA TRP B 523 -24.94 3.25 -38.82
C TRP B 523 -24.68 3.34 -40.31
N ILE B 524 -24.70 4.57 -40.81
CA ILE B 524 -24.21 4.91 -42.14
C ILE B 524 -22.84 5.54 -41.95
N VAL B 525 -21.80 4.84 -42.38
CA VAL B 525 -20.43 5.11 -41.96
C VAL B 525 -19.60 5.56 -43.15
N PRO B 526 -19.02 6.77 -43.12
CA PRO B 526 -18.02 7.13 -44.14
C PRO B 526 -16.70 6.44 -43.83
N ILE B 527 -16.14 5.76 -44.84
CA ILE B 527 -14.97 4.91 -44.65
C ILE B 527 -13.86 5.43 -45.53
N THR B 528 -12.80 6.00 -44.94
CA THR B 528 -11.55 6.37 -45.63
C THR B 528 -10.55 5.23 -45.41
N SER B 529 -9.57 5.08 -46.27
CA SER B 529 -8.66 3.92 -46.20
C SER B 529 -7.31 4.21 -46.82
N ILE B 530 -6.30 3.44 -46.44
CA ILE B 530 -4.98 3.47 -47.10
C ILE B 530 -4.61 2.02 -47.42
N ARG B 531 -3.96 1.79 -48.55
CA ARG B 531 -3.41 0.49 -48.94
C ARG B 531 -1.92 0.66 -49.14
N ASP B 532 -1.13 0.03 -48.27
CA ASP B 532 0.33 0.15 -48.33
C ASP B 532 0.78 1.61 -48.21
N GLY B 533 0.02 2.41 -47.47
CA GLY B 533 0.41 3.76 -47.16
C GLY B 533 -0.16 4.85 -48.05
N ARG B 534 -0.87 4.49 -49.11
CA ARG B 534 -1.44 5.46 -50.03
C ARG B 534 -2.97 5.41 -49.95
N GLN B 535 -3.59 6.58 -49.90
CA GLN B 535 -5.03 6.74 -49.67
C GLN B 535 -5.81 6.11 -50.81
N GLN B 536 -6.84 5.34 -50.50
CA GLN B 536 -7.75 4.77 -51.48
C GLN B 536 -8.97 5.66 -51.65
N GLN B 537 -9.90 5.21 -52.48
CA GLN B 537 -11.16 5.92 -52.66
C GLN B 537 -12.05 5.73 -51.44
N ASP B 538 -12.82 6.77 -51.13
CA ASP B 538 -13.75 6.71 -50.01
C ASP B 538 -14.87 5.69 -50.31
N TYR B 539 -15.47 5.19 -49.24
CA TYR B 539 -16.53 4.21 -49.34
C TYR B 539 -17.56 4.48 -48.26
N TRP B 540 -18.82 4.16 -48.57
CA TRP B 540 -19.94 4.38 -47.65
C TRP B 540 -20.54 3.03 -47.27
N LEU B 541 -20.38 2.66 -46.00
CA LEU B 541 -21.04 1.48 -45.46
C LEU B 541 -22.43 1.88 -45.00
N ILE B 542 -23.46 1.36 -45.66
CA ILE B 542 -24.84 1.65 -45.32
C ILE B 542 -25.60 0.42 -44.85
N ASP B 543 -24.98 -0.76 -44.88
CA ASP B 543 -25.59 -1.98 -44.42
C ASP B 543 -24.73 -2.60 -43.32
N VAL B 544 -25.30 -3.62 -42.66
CA VAL B 544 -24.58 -4.30 -41.60
C VAL B 544 -23.37 -5.02 -42.16
N ARG B 545 -23.48 -5.56 -43.37
CA ARG B 545 -22.43 -6.33 -44.00
C ARG B 545 -22.36 -5.94 -45.48
N ALA B 546 -21.14 -5.84 -45.99
CA ALA B 546 -20.95 -5.44 -47.38
C ALA B 546 -19.61 -5.96 -47.87
N GLN B 547 -19.50 -6.08 -49.19
CA GLN B 547 -18.26 -6.49 -49.85
C GLN B 547 -17.84 -5.39 -50.82
N ASN B 548 -16.53 -5.15 -50.88
CA ASN B 548 -15.96 -4.23 -51.84
C ASN B 548 -14.47 -4.53 -51.94
N ASP B 549 -13.96 -4.64 -53.16
CA ASP B 549 -12.55 -5.01 -53.35
C ASP B 549 -11.60 -3.93 -52.87
N LEU B 550 -12.10 -2.75 -52.48
CA LEU B 550 -11.24 -1.77 -51.82
C LEU B 550 -10.64 -2.31 -50.54
N PHE B 551 -11.24 -3.36 -49.95
CA PHE B 551 -10.82 -3.89 -48.68
C PHE B 551 -10.31 -5.32 -48.78
N SER B 552 -10.10 -5.84 -49.99
CA SER B 552 -9.52 -7.14 -50.20
C SER B 552 -8.04 -6.98 -50.51
N THR B 553 -7.22 -7.88 -49.98
CA THR B 553 -5.78 -7.84 -50.18
C THR B 553 -5.27 -9.19 -50.65
N SER B 554 -4.07 -9.17 -51.25
CA SER B 554 -3.37 -10.38 -51.63
C SER B 554 -1.88 -10.14 -51.43
N GLY B 555 -1.15 -11.23 -51.21
CA GLY B 555 0.28 -11.10 -50.98
C GLY B 555 0.55 -10.44 -49.64
N ASN B 556 1.46 -9.46 -49.64
CA ASN B 556 1.82 -8.73 -48.44
C ASN B 556 1.17 -7.35 -48.37
N GLU B 557 0.17 -7.11 -49.20
CA GLU B 557 -0.59 -5.87 -49.09
C GLU B 557 -1.33 -5.81 -47.75
N TRP B 558 -1.47 -4.61 -47.22
CA TRP B 558 -2.27 -4.38 -46.03
C TRP B 558 -3.13 -3.14 -46.23
N VAL B 559 -4.28 -3.12 -45.57
CA VAL B 559 -5.19 -1.98 -45.61
C VAL B 559 -5.37 -1.47 -44.19
N LEU B 560 -5.87 -0.24 -44.11
CA LEU B 560 -6.09 0.43 -42.83
C LEU B 560 -7.22 1.42 -43.01
N LEU B 561 -8.30 1.32 -42.25
CA LEU B 561 -9.47 2.21 -42.39
C LEU B 561 -9.41 3.36 -41.38
N ASN B 562 -10.19 4.40 -41.65
CA ASN B 562 -10.44 5.57 -40.79
C ASN B 562 -9.15 6.38 -40.65
N LEU B 563 -8.76 7.00 -41.74
CA LEU B 563 -7.54 7.83 -41.84
C LEU B 563 -7.63 9.00 -40.88
N ASN B 564 -6.67 9.17 -39.97
CA ASN B 564 -6.60 10.19 -38.90
C ASN B 564 -7.77 10.14 -37.91
N VAL B 565 -8.45 9.01 -37.78
CA VAL B 565 -9.67 8.77 -36.96
C VAL B 565 -10.67 9.92 -37.16
N THR B 566 -10.93 10.32 -38.39
CA THR B 566 -11.90 11.37 -38.67
C THR B 566 -13.24 10.76 -38.34
N GLY B 567 -13.48 9.42 -38.47
CA GLY B 567 -14.75 8.76 -38.24
C GLY B 567 -14.89 8.30 -36.80
N TYR B 568 -16.11 8.41 -36.28
CA TYR B 568 -16.42 8.04 -34.90
C TYR B 568 -16.76 6.55 -34.83
N TYR B 569 -15.75 5.73 -35.11
CA TYR B 569 -15.91 4.30 -35.05
C TYR B 569 -14.54 3.65 -34.85
N ARG B 570 -14.57 2.42 -34.35
CA ARG B 570 -13.37 1.61 -34.18
C ARG B 570 -13.29 0.57 -35.29
N VAL B 571 -12.07 0.06 -35.50
CA VAL B 571 -11.78 -0.84 -36.62
C VAL B 571 -11.07 -2.07 -36.10
N ASN B 572 -11.52 -3.24 -36.55
CA ASN B 572 -10.84 -4.51 -36.30
C ASN B 572 -10.55 -5.18 -37.64
N TYR B 573 -9.47 -5.95 -37.67
CA TYR B 573 -9.08 -6.67 -38.88
C TYR B 573 -8.93 -8.15 -38.60
N ASP B 574 -8.94 -8.94 -39.68
CA ASP B 574 -8.49 -10.32 -39.60
C ASP B 574 -7.05 -10.35 -39.13
N GLU B 575 -6.68 -11.43 -38.42
CA GLU B 575 -5.41 -11.43 -37.70
C GLU B 575 -4.21 -11.30 -38.64
N GLU B 576 -4.35 -11.73 -39.89
CA GLU B 576 -3.18 -11.63 -40.78
C GLU B 576 -2.98 -10.23 -41.33
N ASN B 577 -4.06 -9.46 -41.51
CA ASN B 577 -3.88 -8.04 -41.79
C ASN B 577 -3.26 -7.33 -40.60
N TRP B 578 -3.70 -7.67 -39.38
CA TRP B 578 -3.03 -7.18 -38.19
C TRP B 578 -1.55 -7.48 -38.25
N ARG B 579 -1.20 -8.73 -38.56
CA ARG B 579 0.22 -9.11 -38.61
C ARG B 579 0.98 -8.28 -39.64
N LYS B 580 0.35 -8.00 -40.78
CA LYS B 580 1.01 -7.19 -41.80
C LYS B 580 1.17 -5.75 -41.34
N ILE B 581 0.19 -5.24 -40.59
CA ILE B 581 0.35 -3.91 -39.99
C ILE B 581 1.48 -3.94 -38.97
N GLN B 582 1.58 -5.03 -38.22
CA GLN B 582 2.63 -5.14 -37.20
C GLN B 582 4.01 -5.14 -37.82
N THR B 583 4.20 -5.92 -38.89
CA THR B 583 5.50 -5.96 -39.54
C THR B 583 5.83 -4.63 -40.18
N GLN B 584 4.84 -3.95 -40.76
CA GLN B 584 5.06 -2.61 -41.28
C GLN B 584 5.55 -1.67 -40.19
N LEU B 585 4.96 -1.77 -38.99
CA LEU B 585 5.37 -0.90 -37.90
C LEU B 585 6.82 -1.14 -37.51
N GLN B 586 7.30 -2.39 -37.63
CA GLN B 586 8.68 -2.67 -37.28
C GLN B 586 9.65 -2.24 -38.37
N ARG B 587 9.34 -2.50 -39.64
CA ARG B 587 10.24 -2.14 -40.76
C ARG B 587 10.22 -0.63 -40.97
N ASP B 588 9.06 -0.02 -41.06
CA ASP B 588 8.98 1.44 -41.30
C ASP B 588 7.63 2.00 -40.83
N HIS B 589 7.56 2.49 -39.60
CA HIS B 589 6.31 2.97 -38.97
C HIS B 589 5.87 4.30 -39.58
N SER B 590 6.76 5.06 -40.20
CA SER B 590 6.47 6.34 -40.88
C SER B 590 5.48 6.17 -42.02
N ALA B 591 5.36 5.00 -42.66
CA ALA B 591 4.36 4.76 -43.71
C ALA B 591 2.95 4.97 -43.17
N ILE B 592 2.66 4.62 -41.93
CA ILE B 592 1.33 4.82 -41.33
C ILE B 592 1.29 6.21 -40.72
N PRO B 593 0.27 7.05 -40.97
CA PRO B 593 0.19 8.35 -40.32
C PRO B 593 0.18 8.21 -38.78
N VAL B 594 0.80 9.15 -38.08
CA VAL B 594 0.99 9.14 -36.61
C VAL B 594 -0.35 9.01 -35.89
N ILE B 595 -1.43 9.63 -36.33
CA ILE B 595 -2.73 9.48 -35.64
C ILE B 595 -3.12 8.01 -35.78
N ASN B 596 -2.84 7.40 -36.91
CA ASN B 596 -3.23 6.00 -37.18
C ASN B 596 -2.36 5.03 -36.38
N ARG B 597 -1.16 5.40 -36.02
CA ARG B 597 -0.34 4.60 -35.12
C ARG B 597 -0.94 4.58 -33.73
N ALA B 598 -1.49 5.71 -33.28
CA ALA B 598 -2.20 5.73 -32.01
C ALA B 598 -3.51 4.95 -32.09
N GLN B 599 -4.19 5.01 -33.23
CA GLN B 599 -5.42 4.26 -33.41
C GLN B 599 -5.16 2.75 -33.28
N ILE B 600 -4.14 2.26 -33.99
CA ILE B 600 -3.81 0.83 -33.92
C ILE B 600 -3.66 0.40 -32.46
N ILE B 601 -3.00 1.22 -31.66
CA ILE B 601 -2.80 0.88 -30.25
C ILE B 601 -4.11 0.95 -29.49
N ASN B 602 -4.80 2.09 -29.57
CA ASN B 602 -5.99 2.30 -28.77
C ASN B 602 -7.10 1.33 -29.16
N ASP B 603 -7.32 1.15 -30.47
CA ASP B 603 -8.36 0.24 -30.92
C ASP B 603 -8.11 -1.18 -30.42
N ALA B 604 -6.87 -1.65 -30.55
CA ALA B 604 -6.58 -3.04 -30.20
C ALA B 604 -6.79 -3.30 -28.71
N PHE B 605 -6.33 -2.38 -27.86
CA PHE B 605 -6.50 -2.57 -26.42
C PHE B 605 -7.97 -2.58 -26.04
N ASN B 606 -8.77 -1.73 -26.68
CA ASN B 606 -10.20 -1.70 -26.37
C ASN B 606 -10.90 -2.93 -26.95
N LEU B 607 -10.53 -3.34 -28.16
CA LEU B 607 -11.06 -4.58 -28.70
C LEU B 607 -10.70 -5.76 -27.80
N ALA B 608 -9.51 -5.75 -27.23
CA ALA B 608 -9.10 -6.84 -26.33
C ALA B 608 -10.03 -6.93 -25.13
N SER B 609 -10.30 -5.80 -24.49
CA SER B 609 -11.23 -5.80 -23.35
C SER B 609 -12.62 -6.23 -23.78
N ALA B 610 -13.02 -5.89 -25.00
CA ALA B 610 -14.32 -6.31 -25.53
C ALA B 610 -14.34 -7.76 -25.96
N HIS B 611 -13.21 -8.46 -25.87
CA HIS B 611 -13.10 -9.87 -26.26
C HIS B 611 -13.28 -10.04 -27.77
N LYS B 612 -12.75 -9.11 -28.55
CA LYS B 612 -12.79 -9.18 -30.00
C LYS B 612 -11.42 -9.42 -30.61
N VAL B 613 -10.35 -9.25 -29.84
CA VAL B 613 -9.02 -9.72 -30.23
C VAL B 613 -8.32 -10.27 -29.01
N PRO B 614 -7.39 -11.20 -29.22
CA PRO B 614 -6.62 -11.71 -28.07
C PRO B 614 -5.72 -10.63 -27.51
N VAL B 615 -5.55 -10.64 -26.19
CA VAL B 615 -4.82 -9.56 -25.52
C VAL B 615 -3.41 -9.44 -26.05
N THR B 616 -2.82 -10.57 -26.47
CA THR B 616 -1.45 -10.53 -26.99
C THR B 616 -1.35 -9.77 -28.30
N LEU B 617 -2.45 -9.65 -29.04
CA LEU B 617 -2.44 -8.82 -30.24
C LEU B 617 -2.27 -7.36 -29.88
N ALA B 618 -2.97 -6.90 -28.84
CA ALA B 618 -2.84 -5.51 -28.42
C ALA B 618 -1.43 -5.23 -27.88
N LEU B 619 -0.91 -6.14 -27.05
CA LEU B 619 0.43 -5.95 -26.53
C LEU B 619 1.45 -5.95 -27.66
N ASN B 620 1.23 -6.78 -28.69
CA ASN B 620 2.15 -6.81 -29.82
C ASN B 620 2.21 -5.47 -30.54
N ASN B 621 1.08 -4.75 -30.59
CA ASN B 621 1.05 -3.44 -31.25
C ASN B 621 1.86 -2.39 -30.51
N THR B 622 2.43 -2.71 -29.34
CA THR B 622 3.29 -1.79 -28.61
C THR B 622 4.77 -2.08 -28.82
N LEU B 623 5.12 -3.19 -29.47
CA LEU B 623 6.52 -3.55 -29.62
C LEU B 623 7.30 -2.52 -30.44
N PHE B 624 6.64 -1.88 -31.40
CA PHE B 624 7.33 -0.93 -32.27
C PHE B 624 7.71 0.36 -31.54
N LEU B 625 7.13 0.61 -30.36
CA LEU B 625 7.35 1.89 -29.69
C LEU B 625 8.80 2.10 -29.29
N ILE B 626 9.58 1.02 -29.15
CA ILE B 626 10.97 1.17 -28.76
C ILE B 626 11.74 2.06 -29.75
N GLU B 627 11.25 2.20 -30.98
CA GLU B 627 11.83 3.09 -31.97
C GLU B 627 10.94 4.29 -32.27
N GLU B 628 9.83 4.45 -31.56
CA GLU B 628 8.92 5.57 -31.77
C GLU B 628 9.35 6.75 -30.91
N ARG B 629 9.38 7.94 -31.51
CA ARG B 629 9.71 9.16 -30.81
C ARG B 629 8.57 10.16 -30.75
N GLN B 630 7.48 9.93 -31.49
CA GLN B 630 6.37 10.85 -31.46
C GLN B 630 5.58 10.72 -30.17
N TYR B 631 4.87 11.79 -29.83
CA TYR B 631 4.14 11.84 -28.57
C TYR B 631 2.89 10.96 -28.62
N MET B 632 2.13 11.04 -29.71
CA MET B 632 0.79 10.46 -29.70
C MET B 632 0.80 8.94 -29.56
N PRO B 633 1.56 8.18 -30.36
CA PRO B 633 1.54 6.72 -30.18
C PRO B 633 1.93 6.31 -28.78
N TRP B 634 2.98 6.93 -28.22
CA TRP B 634 3.38 6.62 -26.86
C TRP B 634 2.26 6.95 -25.87
N GLU B 635 1.64 8.13 -26.02
CA GLU B 635 0.59 8.52 -25.11
C GLU B 635 -0.60 7.56 -25.19
N ALA B 636 -0.96 7.13 -26.40
CA ALA B 636 -2.05 6.18 -26.54
C ALA B 636 -1.73 4.86 -25.83
N ALA B 637 -0.48 4.39 -25.95
CA ALA B 637 -0.09 3.16 -25.28
C ALA B 637 -0.11 3.32 -23.77
N LEU B 638 0.47 4.41 -23.26
CA LEU B 638 0.49 4.62 -21.82
C LEU B 638 -0.92 4.73 -21.26
N SER B 639 -1.82 5.41 -21.99
CA SER B 639 -3.18 5.56 -21.51
C SER B 639 -3.92 4.22 -21.51
N SER B 640 -3.71 3.40 -22.54
CA SER B 640 -4.35 2.09 -22.58
C SER B 640 -3.79 1.18 -21.51
N LEU B 641 -2.46 1.18 -21.32
CA LEU B 641 -1.84 0.36 -20.30
C LEU B 641 -2.17 0.82 -18.90
N SER B 642 -2.73 2.02 -18.73
CA SER B 642 -3.19 2.44 -17.42
C SER B 642 -4.17 1.42 -16.84
N TYR B 643 -4.97 0.79 -17.69
CA TYR B 643 -5.88 -0.26 -17.21
C TYR B 643 -5.12 -1.47 -16.72
N PHE B 644 -4.04 -1.86 -17.43
CA PHE B 644 -3.24 -2.99 -16.98
C PHE B 644 -2.60 -2.69 -15.63
N LYS B 645 -2.15 -1.45 -15.44
CA LYS B 645 -1.60 -1.05 -14.15
C LYS B 645 -2.64 -1.13 -13.05
N LEU B 646 -3.87 -0.71 -13.33
CA LEU B 646 -4.92 -0.79 -12.32
C LEU B 646 -5.24 -2.23 -11.97
N MET B 647 -5.26 -3.11 -12.97
CA MET B 647 -5.59 -4.50 -12.72
C MET B 647 -4.44 -5.25 -12.06
N PHE B 648 -3.20 -4.83 -12.28
CA PHE B 648 -2.05 -5.68 -11.97
C PHE B 648 -1.01 -5.08 -11.05
N ASP B 649 -1.08 -3.80 -10.70
CA ASP B 649 -0.01 -3.20 -9.91
C ASP B 649 -0.03 -3.62 -8.44
N ARG B 650 -0.87 -4.59 -8.08
CA ARG B 650 -0.81 -5.23 -6.77
C ARG B 650 -0.64 -6.74 -6.90
N SER B 651 0.02 -7.19 -7.97
CA SER B 651 0.12 -8.62 -8.27
C SER B 651 1.49 -8.93 -8.86
N GLU B 652 1.76 -10.24 -9.01
CA GLU B 652 3.02 -10.70 -9.54
C GLU B 652 3.25 -10.25 -10.99
N VAL B 653 2.20 -9.79 -11.67
CA VAL B 653 2.34 -9.40 -13.06
C VAL B 653 3.04 -8.07 -13.22
N TYR B 654 3.06 -7.23 -12.19
CA TYR B 654 3.53 -5.85 -12.36
C TYR B 654 5.03 -5.79 -12.58
N GLY B 655 5.79 -6.74 -12.04
CA GLY B 655 7.22 -6.76 -12.22
C GLY B 655 7.60 -6.90 -13.68
N PRO B 656 7.16 -7.99 -14.31
CA PRO B 656 7.38 -8.13 -15.76
C PRO B 656 6.82 -6.97 -16.57
N MET B 657 5.69 -6.39 -16.15
CA MET B 657 5.13 -5.25 -16.87
C MET B 657 6.09 -4.06 -16.82
N LYS B 658 6.58 -3.72 -15.63
CA LYS B 658 7.51 -2.61 -15.51
C LYS B 658 8.79 -2.89 -16.28
N ASN B 659 9.25 -4.15 -16.27
CA ASN B 659 10.46 -4.50 -17.00
C ASN B 659 10.25 -4.36 -18.50
N TYR B 660 9.06 -4.67 -18.99
CA TYR B 660 8.77 -4.46 -20.41
C TYR B 660 8.81 -2.97 -20.74
N LEU B 661 8.08 -2.15 -19.97
CA LEU B 661 8.08 -0.72 -20.24
C LEU B 661 9.47 -0.12 -20.08
N LYS B 662 10.23 -0.60 -19.10
CA LYS B 662 11.63 -0.18 -18.96
C LYS B 662 12.39 -0.39 -20.26
N LYS B 663 12.21 -1.56 -20.88
CA LYS B 663 12.94 -1.87 -22.11
C LYS B 663 12.49 -0.99 -23.27
N GLN B 664 11.18 -0.72 -23.36
CA GLN B 664 10.68 0.00 -24.52
C GLN B 664 11.04 1.49 -24.46
N VAL B 665 11.14 2.06 -23.26
CA VAL B 665 11.31 3.51 -23.13
C VAL B 665 12.76 3.93 -22.96
N THR B 666 13.64 3.05 -22.50
CA THR B 666 15.01 3.48 -22.20
C THR B 666 15.69 4.11 -23.40
N PRO B 667 15.63 3.54 -24.60
CA PRO B 667 16.21 4.24 -25.77
C PRO B 667 15.65 5.63 -25.96
N LEU B 668 14.34 5.82 -25.80
CA LEU B 668 13.77 7.15 -25.89
C LEU B 668 14.31 8.06 -24.80
N PHE B 669 14.45 7.53 -23.58
CA PHE B 669 15.02 8.33 -22.50
C PHE B 669 16.45 8.76 -22.83
N ILE B 670 17.23 7.85 -23.43
CA ILE B 670 18.61 8.18 -23.78
C ILE B 670 18.63 9.25 -24.87
N HIS B 671 17.83 9.07 -25.92
CA HIS B 671 17.80 10.04 -27.00
C HIS B 671 17.53 11.44 -26.49
N PHE B 672 16.65 11.56 -25.49
CA PHE B 672 16.33 12.88 -24.95
C PHE B 672 17.41 13.39 -24.01
N ARG B 673 18.12 12.50 -23.31
CA ARG B 673 19.24 12.94 -22.49
C ARG B 673 20.27 13.65 -23.35
N ASN B 674 20.49 13.16 -24.58
CA ASN B 674 21.45 13.78 -25.48
C ASN B 674 20.84 14.96 -26.22
N ASN B 675 19.59 14.83 -26.66
CA ASN B 675 18.95 15.93 -27.39
C ASN B 675 18.81 17.17 -26.52
N THR B 676 18.59 17.01 -25.23
CA THR B 676 18.46 18.12 -24.31
C THR B 676 19.79 18.59 -23.74
N ASN B 677 20.89 17.93 -24.10
CA ASN B 677 22.20 18.17 -23.48
C ASN B 677 22.10 18.12 -21.97
N ASN B 678 21.76 16.92 -21.48
CA ASN B 678 21.66 16.65 -20.04
C ASN B 678 20.59 17.51 -19.38
N TRP B 679 19.41 17.54 -19.98
CA TRP B 679 18.22 18.13 -19.38
C TRP B 679 18.39 19.63 -19.11
N ARG B 680 19.26 20.29 -19.89
CA ARG B 680 19.43 21.72 -19.78
C ARG B 680 18.58 22.50 -20.79
N GLU B 681 18.17 21.86 -21.88
CA GLU B 681 17.29 22.46 -22.87
C GLU B 681 16.03 21.61 -22.99
N ILE B 682 14.96 22.23 -23.47
CA ILE B 682 13.74 21.50 -23.80
C ILE B 682 13.59 21.52 -25.32
N PRO B 683 12.94 20.52 -25.92
CA PRO B 683 12.76 20.53 -27.37
C PRO B 683 11.97 21.77 -27.82
N GLU B 684 12.12 22.10 -29.11
CA GLU B 684 11.43 23.27 -29.63
C GLU B 684 9.99 22.97 -29.98
N ASN B 685 9.71 21.82 -30.58
CA ASN B 685 8.35 21.47 -30.98
C ASN B 685 7.54 21.04 -29.76
N LEU B 686 6.24 21.35 -29.80
CA LEU B 686 5.38 21.10 -28.65
C LEU B 686 5.23 19.60 -28.40
N MET B 687 4.95 18.82 -29.44
CA MET B 687 4.75 17.39 -29.24
C MET B 687 6.04 16.69 -28.84
N ASP B 688 7.19 17.22 -29.27
CA ASP B 688 8.45 16.69 -28.77
C ASP B 688 8.63 17.01 -27.29
N GLN B 689 8.18 18.18 -26.86
CA GLN B 689 8.20 18.52 -25.44
C GLN B 689 7.36 17.55 -24.63
N TYR B 690 6.14 17.27 -25.10
CA TYR B 690 5.28 16.32 -24.41
C TYR B 690 5.89 14.92 -24.44
N SER B 691 6.47 14.52 -25.57
CA SER B 691 7.09 13.21 -25.66
C SER B 691 8.24 13.07 -24.66
N GLU B 692 9.00 14.15 -24.45
CA GLU B 692 10.09 14.10 -23.48
C GLU B 692 9.53 13.87 -22.07
N VAL B 693 8.50 14.60 -21.70
CA VAL B 693 7.92 14.46 -20.36
C VAL B 693 7.42 13.04 -20.15
N ASN B 694 6.74 12.47 -21.17
CA ASN B 694 6.27 11.10 -21.04
C ASN B 694 7.44 10.11 -20.94
N ALA B 695 8.54 10.41 -21.62
CA ALA B 695 9.72 9.53 -21.54
C ALA B 695 10.31 9.54 -20.14
N ILE B 696 10.38 10.71 -19.52
CA ILE B 696 10.90 10.80 -18.16
C ILE B 696 9.95 10.10 -17.19
N SER B 697 8.65 10.40 -17.31
CA SER B 697 7.67 9.80 -16.40
C SER B 697 7.66 8.28 -16.52
N THR B 698 7.69 7.76 -17.74
CA THR B 698 7.67 6.31 -17.93
C THR B 698 8.98 5.68 -17.49
N ALA B 699 10.12 6.33 -17.80
CA ALA B 699 11.41 5.80 -17.40
C ALA B 699 11.52 5.69 -15.88
N CYS B 700 11.14 6.76 -15.17
CA CYS B 700 11.26 6.76 -13.72
C CYS B 700 10.21 5.87 -13.08
N SER B 701 9.00 5.84 -13.63
CA SER B 701 7.93 5.03 -13.04
C SER B 701 8.27 3.55 -13.06
N ASN B 702 9.04 3.09 -14.04
CA ASN B 702 9.28 1.67 -14.23
C ASN B 702 10.71 1.25 -13.92
N GLY B 703 11.47 2.10 -13.24
CA GLY B 703 12.72 1.67 -12.65
C GLY B 703 13.97 1.88 -13.48
N VAL B 704 14.03 2.94 -14.28
CA VAL B 704 15.26 3.27 -14.99
C VAL B 704 16.15 4.04 -14.03
N PRO B 705 17.22 3.43 -13.51
CA PRO B 705 17.97 4.10 -12.43
C PRO B 705 18.52 5.47 -12.81
N GLU B 706 18.87 5.70 -14.08
CA GLU B 706 19.44 6.99 -14.46
C GLU B 706 18.41 8.11 -14.32
N CYS B 707 17.15 7.85 -14.67
CA CYS B 707 16.10 8.85 -14.46
C CYS B 707 15.83 9.03 -12.98
N GLU B 708 15.80 7.94 -12.22
CA GLU B 708 15.62 8.03 -10.77
C GLU B 708 16.67 8.97 -10.17
N GLU B 709 17.93 8.82 -10.59
CA GLU B 709 18.99 9.68 -10.08
C GLU B 709 18.80 11.12 -10.53
N MET B 710 18.39 11.32 -11.80
CA MET B 710 18.26 12.67 -12.33
C MET B 710 17.18 13.45 -11.60
N VAL B 711 15.99 12.85 -11.44
CA VAL B 711 14.90 13.57 -10.80
C VAL B 711 15.21 13.82 -9.33
N SER B 712 15.84 12.84 -8.66
CA SER B 712 16.22 13.04 -7.27
C SER B 712 17.25 14.15 -7.14
N GLY B 713 18.19 14.23 -8.08
CA GLY B 713 19.21 15.26 -8.01
C GLY B 713 18.65 16.65 -8.25
N LEU B 714 17.74 16.78 -9.20
CA LEU B 714 17.13 18.08 -9.48
C LEU B 714 16.37 18.60 -8.27
N PHE B 715 15.58 17.74 -7.63
CA PHE B 715 14.82 18.15 -6.45
C PHE B 715 15.75 18.57 -5.33
N LYS B 716 16.85 17.84 -5.14
CA LYS B 716 17.80 18.21 -4.09
C LYS B 716 18.38 19.60 -4.34
N GLN B 717 18.67 19.92 -5.61
CA GLN B 717 19.15 21.26 -5.94
C GLN B 717 18.14 22.31 -5.49
N TRP B 718 16.86 22.10 -5.79
CA TRP B 718 15.83 23.06 -5.41
C TRP B 718 15.78 23.22 -3.90
N MET B 719 15.84 22.12 -3.16
CA MET B 719 15.83 22.21 -1.70
C MET B 719 17.02 23.02 -1.20
N GLU B 720 18.20 22.85 -1.82
CA GLU B 720 19.38 23.58 -1.41
C GLU B 720 19.34 25.04 -1.87
N ASN B 721 18.49 25.37 -2.83
CA ASN B 721 18.35 26.75 -3.34
C ASN B 721 16.87 27.02 -3.53
N PRO B 722 16.11 27.10 -2.44
CA PRO B 722 14.63 27.10 -2.56
C PRO B 722 14.09 28.16 -3.51
N ASN B 723 14.68 29.35 -3.53
CA ASN B 723 14.11 30.47 -4.28
C ASN B 723 14.53 30.51 -5.74
N ASN B 724 15.37 29.57 -6.18
CA ASN B 724 15.78 29.47 -7.58
C ASN B 724 15.45 28.06 -8.04
N ASN B 725 14.20 27.83 -8.40
CA ASN B 725 13.75 26.53 -8.88
C ASN B 725 14.49 26.16 -10.16
N PRO B 726 15.30 25.11 -10.15
CA PRO B 726 16.03 24.73 -11.37
C PRO B 726 15.28 23.78 -12.29
N ILE B 727 14.04 23.42 -11.96
CA ILE B 727 13.27 22.46 -12.75
C ILE B 727 12.41 23.24 -13.73
N HIS B 728 12.53 22.92 -15.01
CA HIS B 728 11.70 23.57 -16.01
C HIS B 728 10.24 23.22 -15.80
N PRO B 729 9.32 24.18 -15.99
CA PRO B 729 7.90 23.89 -15.71
C PRO B 729 7.38 22.62 -16.36
N ASN B 730 7.80 22.31 -17.59
CA ASN B 730 7.33 21.10 -18.26
C ASN B 730 7.60 19.86 -17.41
N LEU B 731 8.71 19.85 -16.67
CA LEU B 731 9.15 18.67 -15.95
C LEU B 731 8.76 18.67 -14.48
N ARG B 732 8.13 19.75 -14.00
CA ARG B 732 7.93 19.89 -12.56
C ARG B 732 7.02 18.80 -12.00
N SER B 733 5.90 18.54 -12.68
CA SER B 733 4.97 17.54 -12.16
C SER B 733 5.63 16.17 -12.04
N THR B 734 6.41 15.78 -13.05
CA THR B 734 7.04 14.45 -13.00
C THR B 734 8.19 14.41 -12.01
N VAL B 735 8.97 15.50 -11.91
CA VAL B 735 10.10 15.51 -10.99
C VAL B 735 9.62 15.57 -9.56
N TYR B 736 8.61 16.41 -9.27
CA TYR B 736 8.07 16.50 -7.92
C TYR B 736 7.56 15.13 -7.45
N CYS B 737 6.79 14.45 -8.30
CA CYS B 737 6.15 13.21 -7.88
C CYS B 737 7.17 12.09 -7.68
N ASN B 738 8.15 11.97 -8.58
CA ASN B 738 9.12 10.90 -8.47
C ASN B 738 10.13 11.19 -7.36
N ALA B 739 10.52 12.45 -7.20
CA ALA B 739 11.45 12.80 -6.12
C ALA B 739 10.81 12.56 -4.76
N ILE B 740 9.54 12.90 -4.61
CA ILE B 740 8.83 12.63 -3.36
C ILE B 740 8.70 11.13 -3.16
N ALA B 741 8.38 10.39 -4.22
CA ALA B 741 8.26 8.95 -4.10
C ALA B 741 9.58 8.31 -3.69
N GLN B 742 10.71 8.86 -4.15
CA GLN B 742 12.00 8.29 -3.82
C GLN B 742 12.51 8.76 -2.46
N GLY B 743 12.10 9.94 -2.01
CA GLY B 743 12.57 10.50 -0.76
C GLY B 743 11.76 10.05 0.44
N GLY B 744 11.65 10.94 1.41
CA GLY B 744 10.89 10.66 2.63
C GLY B 744 10.37 11.92 3.27
N GLU B 745 10.40 11.95 4.60
CA GLU B 745 9.85 13.07 5.35
C GLU B 745 10.41 14.40 4.88
N GLU B 746 11.73 14.47 4.66
CA GLU B 746 12.37 15.74 4.34
C GLU B 746 11.85 16.30 3.03
N GLU B 747 11.84 15.48 1.97
CA GLU B 747 11.37 15.95 0.67
C GLU B 747 9.89 16.30 0.70
N TRP B 748 9.10 15.53 1.46
CA TRP B 748 7.67 15.77 1.49
C TRP B 748 7.34 17.08 2.22
N ASP B 749 7.95 17.28 3.39
CA ASP B 749 7.69 18.49 4.16
C ASP B 749 8.11 19.74 3.39
N PHE B 750 9.19 19.65 2.60
CA PHE B 750 9.59 20.79 1.78
C PHE B 750 8.54 21.08 0.72
N ALA B 751 8.08 20.05 0.01
CA ALA B 751 7.03 20.25 -0.99
C ALA B 751 5.76 20.81 -0.35
N TRP B 752 5.40 20.32 0.83
CA TRP B 752 4.21 20.82 1.51
C TRP B 752 4.35 22.30 1.85
N GLU B 753 5.54 22.72 2.28
CA GLU B 753 5.75 24.13 2.58
C GLU B 753 5.69 24.97 1.30
N GLN B 754 6.29 24.48 0.22
CA GLN B 754 6.18 25.19 -1.06
C GLN B 754 4.73 25.30 -1.50
N PHE B 755 3.91 24.28 -1.21
CA PHE B 755 2.50 24.34 -1.58
C PHE B 755 1.76 25.37 -0.74
N ARG B 756 1.97 25.36 0.57
CA ARG B 756 1.30 26.31 1.45
C ARG B 756 1.61 27.75 1.05
N ASN B 757 2.85 28.00 0.61
CA ASN B 757 3.29 29.34 0.26
C ASN B 757 3.20 29.60 -1.25
N ALA B 758 2.49 28.76 -2.00
CA ALA B 758 2.39 28.95 -3.43
C ALA B 758 1.51 30.15 -3.75
N THR B 759 2.01 31.02 -4.63
CA THR B 759 1.24 32.16 -5.10
C THR B 759 0.52 31.89 -6.42
N LEU B 760 1.07 31.01 -7.26
CA LEU B 760 0.42 30.63 -8.50
C LEU B 760 -0.37 29.34 -8.29
N VAL B 761 -1.63 29.35 -8.72
CA VAL B 761 -2.44 28.13 -8.65
C VAL B 761 -1.85 27.05 -9.55
N ASN B 762 -1.22 27.44 -10.67
CA ASN B 762 -0.63 26.46 -11.56
C ASN B 762 0.47 25.68 -10.86
N GLU B 763 1.29 26.36 -10.04
CA GLU B 763 2.33 25.65 -9.30
C GLU B 763 1.75 24.86 -8.15
N ALA B 764 0.77 25.43 -7.44
CA ALA B 764 0.15 24.73 -6.32
C ALA B 764 -0.46 23.41 -6.77
N ASP B 765 -1.08 23.39 -7.95
CA ASP B 765 -1.73 22.17 -8.41
C ASP B 765 -0.71 21.06 -8.64
N LYS B 766 0.44 21.40 -9.24
CA LYS B 766 1.47 20.39 -9.47
C LYS B 766 1.96 19.81 -8.15
N LEU B 767 2.17 20.67 -7.14
CA LEU B 767 2.65 20.19 -5.85
C LEU B 767 1.58 19.34 -5.15
N ARG B 768 0.32 19.77 -5.22
CA ARG B 768 -0.75 19.03 -4.55
C ARG B 768 -0.81 17.59 -5.04
N ALA B 769 -0.62 17.38 -6.35
CA ALA B 769 -0.65 16.03 -6.89
C ALA B 769 0.63 15.26 -6.57
N ALA B 770 1.77 15.96 -6.55
CA ALA B 770 3.03 15.29 -6.26
C ALA B 770 3.08 14.78 -4.82
N LEU B 771 2.48 15.53 -3.90
CA LEU B 771 2.48 15.11 -2.50
C LEU B 771 1.76 13.78 -2.31
N ALA B 772 0.96 13.35 -3.27
CA ALA B 772 0.24 12.10 -3.17
C ALA B 772 1.06 10.89 -3.60
N CYS B 773 2.28 11.10 -4.11
CA CYS B 773 3.11 10.00 -4.57
C CYS B 773 4.04 9.46 -3.49
N SER B 774 3.89 9.91 -2.25
CA SER B 774 4.71 9.35 -1.17
C SER B 774 4.52 7.84 -1.09
N LYS B 775 5.59 7.14 -0.74
CA LYS B 775 5.54 5.70 -0.53
C LYS B 775 5.37 5.34 0.94
N GLU B 776 5.35 6.32 1.84
CA GLU B 776 5.18 6.09 3.27
C GLU B 776 3.70 6.14 3.61
N LEU B 777 3.17 5.04 4.13
CA LEU B 777 1.74 4.97 4.39
C LEU B 777 1.31 6.01 5.41
N TRP B 778 2.12 6.24 6.45
CA TRP B 778 1.73 7.20 7.47
C TRP B 778 1.73 8.63 6.93
N ILE B 779 2.53 8.90 5.90
CA ILE B 779 2.52 10.22 5.27
C ILE B 779 1.29 10.39 4.39
N LEU B 780 0.93 9.34 3.65
CA LEU B 780 -0.29 9.41 2.85
C LEU B 780 -1.51 9.63 3.73
N ASN B 781 -1.59 8.91 4.86
CA ASN B 781 -2.75 9.06 5.74
C ASN B 781 -2.77 10.42 6.43
N ARG B 782 -1.60 10.99 6.73
CA ARG B 782 -1.56 12.34 7.24
C ARG B 782 -2.00 13.34 6.16
N TYR B 783 -1.57 13.12 4.91
CA TYR B 783 -2.02 13.96 3.81
C TYR B 783 -3.52 13.85 3.62
N LEU B 784 -4.07 12.62 3.68
CA LEU B 784 -5.51 12.46 3.61
C LEU B 784 -6.20 13.25 4.73
N SER B 785 -5.59 13.28 5.91
CA SER B 785 -6.10 14.14 6.98
C SER B 785 -6.18 15.59 6.51
N TYR B 786 -5.16 16.06 5.80
CA TYR B 786 -5.11 17.46 5.40
C TYR B 786 -6.19 17.79 4.38
N THR B 787 -6.48 16.86 3.45
CA THR B 787 -7.41 17.16 2.37
C THR B 787 -8.80 17.46 2.89
N LEU B 788 -9.16 16.97 4.06
CA LEU B 788 -10.46 17.22 4.66
C LEU B 788 -10.50 18.50 5.48
N ASN B 789 -9.37 19.20 5.59
CA ASN B 789 -9.30 20.44 6.36
C ASN B 789 -9.33 21.62 5.39
N PRO B 790 -10.42 22.39 5.32
CA PRO B 790 -10.47 23.48 4.33
C PRO B 790 -9.40 24.54 4.56
N ASP B 791 -8.84 24.64 5.76
CA ASP B 791 -7.76 25.60 5.99
C ASP B 791 -6.48 25.22 5.27
N LEU B 792 -6.30 23.94 4.94
CA LEU B 792 -5.08 23.44 4.32
C LEU B 792 -5.26 23.07 2.86
N ILE B 793 -6.36 22.42 2.51
CA ILE B 793 -6.71 22.10 1.13
C ILE B 793 -8.09 22.69 0.88
N ARG B 794 -8.19 23.54 -0.14
CA ARG B 794 -9.47 24.18 -0.44
C ARG B 794 -10.52 23.13 -0.80
N LYS B 795 -11.75 23.35 -0.31
CA LYS B 795 -12.82 22.38 -0.53
C LYS B 795 -12.97 22.04 -2.01
N GLN B 796 -12.77 23.03 -2.88
CA GLN B 796 -12.84 22.77 -4.32
C GLN B 796 -11.78 21.79 -4.79
N ASP B 797 -10.74 21.56 -3.98
CA ASP B 797 -9.65 20.66 -4.36
C ASP B 797 -9.66 19.36 -3.55
N ALA B 798 -10.68 19.14 -2.73
CA ALA B 798 -10.67 17.99 -1.83
C ALA B 798 -10.73 16.68 -2.60
N THR B 799 -11.73 16.52 -3.48
CA THR B 799 -11.85 15.28 -4.23
C THR B 799 -10.61 15.05 -5.11
N SER B 800 -10.14 16.12 -5.77
CA SER B 800 -8.98 15.97 -6.64
C SER B 800 -7.79 15.41 -5.88
N THR B 801 -7.56 15.88 -4.65
CA THR B 801 -6.43 15.41 -3.87
C THR B 801 -6.66 13.98 -3.38
N ILE B 802 -7.87 13.67 -2.93
CA ILE B 802 -8.18 12.32 -2.49
C ILE B 802 -8.03 11.34 -3.65
N ILE B 803 -8.47 11.74 -4.85
CA ILE B 803 -8.30 10.88 -6.02
C ILE B 803 -6.83 10.67 -6.33
N SER B 804 -6.02 11.73 -6.17
CA SER B 804 -4.58 11.60 -6.39
C SER B 804 -3.98 10.60 -5.41
N ILE B 805 -4.45 10.61 -4.16
CA ILE B 805 -3.97 9.62 -3.20
C ILE B 805 -4.40 8.22 -3.62
N THR B 806 -5.66 8.08 -4.07
CA THR B 806 -6.14 6.78 -4.51
C THR B 806 -5.30 6.23 -5.66
N ASN B 807 -4.86 7.11 -6.56
CA ASN B 807 -4.03 6.65 -7.69
C ASN B 807 -2.74 6.01 -7.20
N ASN B 808 -2.26 6.42 -6.02
CA ASN B 808 -1.10 5.78 -5.40
C ASN B 808 -1.47 4.38 -4.94
N VAL B 809 -0.70 3.38 -5.41
CA VAL B 809 -1.01 2.00 -5.06
C VAL B 809 -1.04 1.81 -3.55
N ILE B 810 -0.25 2.59 -2.81
CA ILE B 810 -0.29 2.50 -1.36
C ILE B 810 -1.51 3.23 -0.80
N GLY B 811 -2.00 4.26 -1.50
CA GLY B 811 -3.18 4.98 -1.04
C GLY B 811 -4.49 4.30 -1.32
N GLN B 812 -4.49 3.31 -2.23
CA GLN B 812 -5.72 2.60 -2.57
C GLN B 812 -6.44 2.11 -1.32
N GLY B 813 -5.79 1.22 -0.57
CA GLY B 813 -6.44 0.65 0.61
C GLY B 813 -6.83 1.70 1.63
N LEU B 814 -6.05 2.78 1.73
CA LEU B 814 -6.33 3.80 2.72
C LEU B 814 -7.60 4.58 2.37
N VAL B 815 -7.76 4.94 1.09
CA VAL B 815 -8.93 5.73 0.70
C VAL B 815 -10.18 4.86 0.67
N TRP B 816 -10.05 3.62 0.20
CA TRP B 816 -11.20 2.71 0.19
C TRP B 816 -11.69 2.42 1.61
N ASP B 817 -10.77 2.29 2.56
CA ASP B 817 -11.14 2.09 3.98
C ASP B 817 -11.80 3.37 4.48
N PHE B 818 -11.26 4.52 4.11
CA PHE B 818 -11.85 5.79 4.51
C PHE B 818 -13.27 5.93 3.97
N VAL B 819 -13.49 5.54 2.72
CA VAL B 819 -14.80 5.72 2.10
C VAL B 819 -15.83 4.82 2.76
N GLN B 820 -15.52 3.54 2.91
CA GLN B 820 -16.44 2.63 3.58
C GLN B 820 -16.74 3.09 5.00
N SER B 821 -15.76 3.74 5.65
CA SER B 821 -15.88 4.08 7.06
C SER B 821 -16.56 5.42 7.29
N ASN B 822 -16.52 6.33 6.31
CA ASN B 822 -16.93 7.71 6.56
C ASN B 822 -17.93 8.22 5.53
N TRP B 823 -18.63 7.34 4.82
CA TRP B 823 -19.49 7.81 3.73
C TRP B 823 -20.53 8.80 4.24
N LYS B 824 -21.21 8.45 5.34
CA LYS B 824 -22.25 9.32 5.88
C LYS B 824 -21.70 10.71 6.16
N LYS B 825 -20.65 10.79 6.96
CA LYS B 825 -20.02 12.08 7.23
C LYS B 825 -19.61 12.77 5.93
N LEU B 826 -19.00 12.02 5.01
CA LEU B 826 -18.58 12.61 3.75
C LEU B 826 -19.76 13.16 2.96
N PHE B 827 -20.87 12.43 2.94
CA PHE B 827 -22.02 12.81 2.13
C PHE B 827 -22.77 13.99 2.74
N ASN B 828 -22.96 13.98 4.07
CA ASN B 828 -23.59 15.10 4.74
C ASN B 828 -22.77 16.38 4.54
N ASP B 829 -21.46 16.31 4.76
CA ASP B 829 -20.65 17.50 4.88
C ASP B 829 -20.36 18.13 3.51
N TYR B 830 -19.94 17.32 2.54
CA TYR B 830 -19.52 17.82 1.24
C TYR B 830 -20.59 17.67 0.18
N GLY B 831 -21.84 17.45 0.57
CA GLY B 831 -22.92 17.36 -0.39
C GLY B 831 -23.38 18.69 -0.93
N PHE B 835 -17.70 19.02 -4.58
CA PHE B 835 -17.31 17.65 -4.26
C PHE B 835 -18.05 16.69 -5.18
N SER B 836 -17.31 16.02 -6.05
CA SER B 836 -17.88 15.07 -6.99
C SER B 836 -17.83 13.68 -6.36
N PHE B 837 -18.96 13.25 -5.80
CA PHE B 837 -19.04 11.87 -5.30
C PHE B 837 -18.89 10.88 -6.43
N SER B 838 -19.29 11.26 -7.64
CA SER B 838 -19.18 10.35 -8.78
C SER B 838 -17.74 10.06 -9.13
N ASN B 839 -16.88 11.10 -9.22
CA ASN B 839 -15.51 10.80 -9.61
C ASN B 839 -14.77 10.10 -8.49
N LEU B 840 -15.08 10.42 -7.23
CA LEU B 840 -14.47 9.69 -6.12
C LEU B 840 -14.79 8.20 -6.22
N ILE B 841 -16.06 7.86 -6.49
CA ILE B 841 -16.46 6.45 -6.55
C ILE B 841 -15.78 5.76 -7.72
N GLN B 842 -15.65 6.44 -8.85
CA GLN B 842 -14.96 5.84 -9.99
C GLN B 842 -13.49 5.59 -9.67
N ALA B 843 -12.83 6.59 -9.08
CA ALA B 843 -11.39 6.46 -8.81
C ALA B 843 -11.11 5.33 -7.83
N VAL B 844 -11.90 5.23 -6.77
CA VAL B 844 -11.58 4.28 -5.71
C VAL B 844 -11.88 2.85 -6.13
N THR B 845 -12.80 2.66 -7.08
CA THR B 845 -13.22 1.31 -7.46
C THR B 845 -12.55 0.79 -8.73
N ARG B 846 -11.81 1.62 -9.46
CA ARG B 846 -11.33 1.15 -10.77
C ARG B 846 -10.20 0.13 -10.67
N ARG B 847 -9.63 -0.08 -9.49
CA ARG B 847 -8.67 -1.17 -9.31
C ARG B 847 -9.36 -2.50 -9.02
N PHE B 848 -10.65 -2.49 -8.71
CA PHE B 848 -11.30 -3.71 -8.23
C PHE B 848 -11.30 -4.78 -9.30
N SER B 849 -10.84 -5.99 -8.93
CA SER B 849 -10.75 -7.08 -9.89
C SER B 849 -10.95 -8.45 -9.24
N THR B 850 -11.49 -8.51 -8.03
CA THR B 850 -11.68 -9.77 -7.33
C THR B 850 -13.10 -9.83 -6.77
N GLU B 851 -13.56 -11.06 -6.51
CA GLU B 851 -14.87 -11.24 -5.91
C GLU B 851 -14.95 -10.56 -4.55
N TYR B 852 -13.85 -10.57 -3.79
CA TYR B 852 -13.86 -9.95 -2.47
C TYR B 852 -14.13 -8.45 -2.57
N GLU B 853 -13.46 -7.78 -3.51
CA GLU B 853 -13.70 -6.36 -3.69
C GLU B 853 -15.13 -6.10 -4.17
N LEU B 854 -15.66 -6.98 -5.01
CA LEU B 854 -17.04 -6.82 -5.46
C LEU B 854 -18.01 -6.91 -4.30
N GLN B 855 -17.82 -7.87 -3.40
CA GLN B 855 -18.74 -8.02 -2.27
C GLN B 855 -18.61 -6.84 -1.31
N GLN B 856 -17.39 -6.34 -1.13
CA GLN B 856 -17.22 -5.09 -0.38
C GLN B 856 -18.05 -3.97 -0.99
N LEU B 857 -17.98 -3.83 -2.32
CA LEU B 857 -18.72 -2.76 -2.98
C LEU B 857 -20.22 -2.97 -2.87
N GLU B 858 -20.68 -4.22 -2.98
CA GLU B 858 -22.10 -4.50 -2.75
C GLU B 858 -22.50 -4.16 -1.33
N GLN B 859 -21.64 -4.47 -0.36
CA GLN B 859 -21.93 -4.14 1.04
C GLN B 859 -21.92 -2.63 1.26
N PHE B 860 -20.99 -1.93 0.60
CA PHE B 860 -20.97 -0.47 0.69
C PHE B 860 -22.27 0.13 0.18
N LYS B 861 -22.83 -0.45 -0.89
CA LYS B 861 -24.09 0.06 -1.42
C LYS B 861 -25.24 -0.20 -0.46
N LYS B 862 -25.32 -1.39 0.12
CA LYS B 862 -26.44 -1.71 1.00
C LYS B 862 -26.28 -1.02 2.35
N ASP B 863 -25.05 -0.95 2.87
CA ASP B 863 -24.84 -0.30 4.17
C ASP B 863 -25.25 1.16 4.15
N ASN B 864 -25.18 1.82 2.98
CA ASN B 864 -25.47 3.24 2.86
C ASN B 864 -26.71 3.52 2.03
N GLU B 865 -27.59 2.53 1.86
CA GLU B 865 -28.83 2.73 1.14
C GLU B 865 -29.62 3.89 1.73
N GLU B 866 -29.87 3.84 3.04
CA GLU B 866 -30.56 4.91 3.75
C GLU B 866 -30.01 6.28 3.37
N THR B 867 -28.70 6.45 3.51
CA THR B 867 -28.09 7.76 3.29
C THR B 867 -28.20 8.18 1.82
N GLY B 868 -28.00 7.24 0.91
CA GLY B 868 -27.99 7.56 -0.50
C GLY B 868 -26.61 7.91 -1.00
N PHE B 869 -26.54 8.18 -2.30
CA PHE B 869 -25.29 8.54 -2.95
C PHE B 869 -25.41 9.77 -3.83
N GLY B 870 -26.61 10.33 -4.00
CA GLY B 870 -26.77 11.60 -4.68
C GLY B 870 -26.16 11.58 -6.06
N SER B 871 -25.25 12.54 -6.30
CA SER B 871 -24.60 12.65 -7.60
C SER B 871 -23.93 11.35 -8.02
N GLY B 872 -23.48 10.55 -7.06
CA GLY B 872 -22.73 9.35 -7.35
C GLY B 872 -23.53 8.09 -7.46
N THR B 873 -24.85 8.18 -7.52
CA THR B 873 -25.67 6.97 -7.58
C THR B 873 -25.38 6.18 -8.86
N ARG B 874 -25.26 6.87 -9.99
CA ARG B 874 -25.01 6.18 -11.25
C ARG B 874 -23.57 5.70 -11.37
N ALA B 875 -22.62 6.43 -10.80
CA ALA B 875 -21.24 5.96 -10.78
C ALA B 875 -21.11 4.66 -10.00
N LEU B 876 -21.91 4.49 -8.96
CA LEU B 876 -21.87 3.26 -8.17
C LEU B 876 -22.36 2.07 -8.98
N GLU B 877 -23.51 2.22 -9.64
CA GLU B 877 -24.01 1.15 -10.50
C GLU B 877 -22.98 0.80 -11.58
N GLN B 878 -22.35 1.83 -12.17
CA GLN B 878 -21.33 1.57 -13.19
C GLN B 878 -20.13 0.84 -12.60
N ALA B 879 -19.69 1.26 -11.41
CA ALA B 879 -18.55 0.60 -10.78
C ALA B 879 -18.84 -0.88 -10.54
N LEU B 880 -20.07 -1.20 -10.13
CA LEU B 880 -20.43 -2.60 -9.91
C LEU B 880 -20.28 -3.40 -11.20
N GLU B 881 -20.86 -2.91 -12.30
CA GLU B 881 -20.76 -3.61 -13.57
C GLU B 881 -19.30 -3.74 -14.00
N LYS B 882 -18.51 -2.69 -13.83
CA LYS B 882 -17.12 -2.73 -14.27
C LYS B 882 -16.31 -3.70 -13.42
N THR B 883 -16.57 -3.75 -12.11
CA THR B 883 -15.87 -4.71 -11.26
C THR B 883 -16.13 -6.14 -11.72
N LYS B 884 -17.36 -6.45 -12.11
CA LYS B 884 -17.67 -7.80 -12.60
C LYS B 884 -16.95 -8.07 -13.91
N ALA B 885 -16.87 -7.08 -14.80
CA ALA B 885 -16.12 -7.27 -16.04
C ALA B 885 -14.63 -7.41 -15.75
N ASN B 886 -14.11 -6.63 -14.80
CA ASN B 886 -12.70 -6.75 -14.43
C ASN B 886 -12.39 -8.13 -13.88
N ILE B 887 -13.27 -8.65 -13.02
CA ILE B 887 -13.06 -9.98 -12.45
C ILE B 887 -12.94 -11.02 -13.56
N LYS B 888 -13.87 -10.97 -14.51
CA LYS B 888 -13.85 -11.91 -15.64
C LYS B 888 -12.59 -11.75 -16.47
N TRP B 889 -12.18 -10.50 -16.72
CA TRP B 889 -11.07 -10.25 -17.63
C TRP B 889 -9.74 -10.68 -17.01
N VAL B 890 -9.55 -10.44 -15.72
CA VAL B 890 -8.29 -10.81 -15.09
C VAL B 890 -8.13 -12.33 -15.06
N LYS B 891 -9.21 -13.05 -14.72
CA LYS B 891 -9.11 -14.51 -14.65
C LYS B 891 -8.73 -15.10 -15.99
N GLU B 892 -9.23 -14.51 -17.08
CA GLU B 892 -8.98 -15.07 -18.41
C GLU B 892 -7.59 -14.71 -18.93
N ASN B 893 -7.02 -13.58 -18.49
CA ASN B 893 -5.87 -13.01 -19.17
C ASN B 893 -4.60 -12.87 -18.34
N LYS B 894 -4.66 -13.04 -17.02
CA LYS B 894 -3.51 -12.69 -16.20
C LYS B 894 -2.31 -13.59 -16.51
N GLU B 895 -2.55 -14.86 -16.80
CA GLU B 895 -1.44 -15.76 -17.11
C GLU B 895 -0.83 -15.45 -18.47
N VAL B 896 -1.68 -15.21 -19.47
CA VAL B 896 -1.17 -14.83 -20.79
C VAL B 896 -0.39 -13.53 -20.70
N VAL B 897 -0.91 -12.56 -19.94
CA VAL B 897 -0.24 -11.26 -19.83
C VAL B 897 1.08 -11.41 -19.08
N LEU B 898 1.09 -12.21 -18.02
CA LEU B 898 2.34 -12.47 -17.31
C LEU B 898 3.38 -13.06 -18.25
N GLN B 899 2.99 -14.09 -19.01
CA GLN B 899 3.92 -14.74 -19.92
C GLN B 899 4.37 -13.77 -21.02
N TRP B 900 3.46 -12.92 -21.50
CA TRP B 900 3.82 -12.01 -22.58
C TRP B 900 4.84 -10.98 -22.13
N PHE B 901 4.58 -10.32 -21.00
CA PHE B 901 5.53 -9.34 -20.48
C PHE B 901 6.87 -10.01 -20.17
N THR B 902 6.83 -11.22 -19.60
CA THR B 902 8.07 -11.93 -19.28
C THR B 902 8.88 -12.20 -20.54
N GLU B 903 8.23 -12.73 -21.58
CA GLU B 903 8.95 -13.08 -22.80
C GLU B 903 9.53 -11.84 -23.48
N ASN B 904 8.78 -10.74 -23.48
CA ASN B 904 9.20 -9.54 -24.20
C ASN B 904 9.95 -8.55 -23.33
N SER B 905 10.23 -8.89 -22.07
CA SER B 905 11.02 -8.05 -21.19
C SER B 905 12.51 -8.38 -21.24
N LYS B 906 12.90 -9.40 -21.99
CA LYS B 906 14.29 -9.84 -22.04
C LYS B 906 15.14 -8.90 -22.89
N HIS C 11 70.74 -42.98 -1.45
CA HIS C 11 69.59 -42.28 -0.87
C HIS C 11 68.38 -43.20 -0.81
N MET C 12 67.47 -42.93 0.13
CA MET C 12 66.29 -43.76 0.33
C MET C 12 65.21 -42.92 0.98
N PHE C 13 63.96 -43.21 0.63
CA PHE C 13 62.80 -42.57 1.24
C PHE C 13 62.21 -43.50 2.31
N ILE C 14 61.76 -42.91 3.41
CA ILE C 14 61.02 -43.62 4.45
C ILE C 14 59.58 -43.11 4.39
N VAL C 15 58.68 -43.95 3.89
CA VAL C 15 57.31 -43.53 3.57
C VAL C 15 56.35 -44.27 4.49
N LEU C 16 55.53 -43.51 5.22
CA LEU C 16 54.47 -44.06 6.05
C LEU C 16 53.14 -43.68 5.44
N TYR C 17 52.39 -44.68 4.95
CA TYR C 17 51.07 -44.45 4.40
C TYR C 17 50.02 -44.65 5.48
N VAL C 18 49.08 -43.72 5.57
CA VAL C 18 47.98 -43.82 6.52
C VAL C 18 46.67 -43.50 5.79
N ASN C 19 45.79 -44.49 5.74
CA ASN C 19 44.48 -44.34 5.12
C ASN C 19 43.42 -44.90 6.05
N PHE C 20 42.23 -44.31 6.01
CA PHE C 20 41.11 -44.84 6.77
C PHE C 20 39.82 -44.45 6.07
N GLU C 21 38.78 -45.23 6.33
CA GLU C 21 37.46 -45.01 5.77
C GLU C 21 36.42 -45.06 6.88
N LEU C 22 35.34 -44.32 6.69
CA LEU C 22 34.20 -44.38 7.60
C LEU C 22 33.25 -45.50 7.15
N ARG C 23 32.49 -46.03 8.11
CA ARG C 23 31.48 -47.02 7.78
C ARG C 23 30.45 -46.40 6.84
N ARG C 24 30.02 -47.17 5.84
CA ARG C 24 29.02 -46.70 4.89
C ARG C 24 27.67 -46.52 5.57
N GLY C 25 26.89 -45.58 5.04
CA GLY C 25 25.52 -45.41 5.48
C GLY C 25 24.68 -46.62 5.08
N PRO C 26 23.41 -46.66 5.51
CA PRO C 26 22.69 -45.63 6.28
C PRO C 26 23.04 -45.61 7.76
N GLY C 27 22.71 -44.52 8.43
CA GLY C 27 22.94 -44.43 9.86
C GLY C 27 24.38 -44.64 10.28
N ARG C 28 25.31 -44.00 9.58
CA ARG C 28 26.72 -44.07 9.95
C ARG C 28 27.02 -43.05 11.04
N CYS C 29 27.90 -43.43 11.97
CA CYS C 29 28.37 -42.54 13.03
C CYS C 29 29.56 -41.76 12.50
N TYR C 30 29.38 -40.46 12.28
CA TYR C 30 30.38 -39.71 11.54
C TYR C 30 31.64 -39.46 12.37
N ASN C 31 31.51 -39.41 13.70
CA ASN C 31 32.62 -39.09 14.57
C ASN C 31 33.20 -40.31 15.28
N CYS C 32 32.70 -41.50 14.98
CA CYS C 32 33.24 -42.71 15.59
C CYS C 32 34.59 -43.05 14.99
N ARG C 33 35.33 -43.91 15.68
CA ARG C 33 36.60 -44.39 15.17
C ARG C 33 36.41 -45.00 13.78
N PRO C 34 37.21 -44.60 12.79
CA PRO C 34 37.00 -45.13 11.43
C PRO C 34 36.91 -46.65 11.42
N ALA C 35 35.93 -47.16 10.67
CA ALA C 35 35.71 -48.60 10.62
C ALA C 35 36.86 -49.32 9.93
N VAL C 36 37.46 -48.69 8.92
CA VAL C 36 38.55 -49.28 8.16
C VAL C 36 39.80 -48.44 8.36
N VAL C 37 40.92 -49.10 8.60
CA VAL C 37 42.21 -48.45 8.85
C VAL C 37 43.29 -49.24 8.13
N ASN C 38 44.04 -48.56 7.26
CA ASN C 38 45.14 -49.18 6.52
C ASN C 38 46.39 -48.33 6.74
N ILE C 39 47.28 -48.79 7.61
CA ILE C 39 48.54 -48.14 7.89
C ILE C 39 49.66 -49.01 7.33
N THR C 40 50.41 -48.47 6.37
CA THR C 40 51.47 -49.19 5.69
C THR C 40 52.76 -48.39 5.79
N LEU C 41 53.82 -49.03 6.30
CA LEU C 41 55.16 -48.48 6.23
C LEU C 41 55.89 -49.18 5.09
N ALA C 42 56.31 -48.41 4.09
CA ALA C 42 56.82 -48.98 2.86
C ALA C 42 58.07 -49.81 3.10
N ASN C 43 58.12 -50.98 2.44
CA ASN C 43 59.29 -51.85 2.49
C ASN C 43 59.56 -52.38 3.89
N PHE C 44 58.48 -52.63 4.64
CA PHE C 44 58.58 -53.14 6.00
C PHE C 44 57.86 -54.48 6.10
N ASN C 45 58.54 -55.48 6.65
CA ASN C 45 57.96 -56.80 6.88
C ASN C 45 58.01 -57.08 8.37
N GLU C 46 56.84 -57.28 8.96
CA GLU C 46 56.72 -57.42 10.42
C GLU C 46 57.63 -58.52 10.95
N THR C 47 57.71 -59.64 10.25
CA THR C 47 58.46 -60.80 10.73
C THR C 47 59.96 -60.66 10.52
N LYS C 48 60.44 -59.61 9.85
CA LYS C 48 61.87 -59.38 9.77
C LYS C 48 62.35 -58.32 10.75
N GLY C 49 61.48 -57.40 11.14
CA GLY C 49 61.81 -56.43 12.16
C GLY C 49 61.93 -55.02 11.64
N PRO C 50 62.48 -54.13 12.46
CA PRO C 50 62.55 -52.71 12.09
C PRO C 50 63.20 -52.48 10.74
N LEU C 51 62.61 -51.58 9.97
CA LEU C 51 63.20 -51.10 8.72
C LEU C 51 64.24 -50.05 9.08
N CYS C 52 65.50 -50.42 9.00
CA CYS C 52 66.59 -49.54 9.40
C CYS C 52 67.23 -48.87 8.19
N VAL C 53 67.96 -47.79 8.46
CA VAL C 53 68.46 -46.91 7.41
C VAL C 53 69.73 -47.50 6.81
N ASP C 54 69.77 -47.58 5.48
CA ASP C 54 70.91 -48.07 4.74
C ASP C 54 71.54 -46.96 3.90
N THR C 55 71.41 -45.72 4.35
CA THR C 55 71.69 -44.56 3.52
C THR C 55 72.94 -43.82 3.97
N SER C 56 73.37 -42.90 3.11
CA SER C 56 74.15 -41.74 3.52
C SER C 56 73.25 -40.57 3.91
N HIS C 57 72.07 -40.48 3.28
CA HIS C 57 71.05 -39.51 3.62
C HIS C 57 69.69 -40.13 3.29
N PHE C 58 68.67 -39.77 4.07
CA PHE C 58 67.33 -40.33 3.87
C PHE C 58 66.30 -39.22 4.08
N THR C 59 65.11 -39.44 3.51
CA THR C 59 64.03 -38.47 3.55
C THR C 59 62.76 -39.17 3.99
N THR C 60 62.09 -38.60 5.01
CA THR C 60 60.83 -39.14 5.50
C THR C 60 59.67 -38.46 4.78
N GLN C 61 58.69 -39.27 4.38
CA GLN C 61 57.49 -38.78 3.70
C GLN C 61 56.27 -39.33 4.42
N PHE C 62 55.35 -38.44 4.78
CA PHE C 62 54.08 -38.83 5.38
C PHE C 62 52.97 -38.68 4.35
N VAL C 63 52.23 -39.75 4.12
CA VAL C 63 51.17 -39.79 3.11
C VAL C 63 49.89 -40.10 3.86
N GLY C 64 49.22 -39.06 4.36
CA GLY C 64 48.03 -39.20 5.17
C GLY C 64 46.78 -38.80 4.40
N VAL C 65 45.68 -39.49 4.68
CA VAL C 65 44.43 -39.23 4.00
C VAL C 65 43.80 -37.96 4.54
N LYS C 66 43.02 -37.29 3.70
CA LYS C 66 42.35 -36.05 4.09
C LYS C 66 41.10 -35.92 3.23
N PHE C 67 39.93 -36.03 3.86
CA PHE C 67 38.66 -35.82 3.17
C PHE C 67 37.73 -35.04 4.10
N ASP C 68 37.19 -33.94 3.60
CA ASP C 68 36.30 -33.06 4.36
C ASP C 68 37.00 -32.72 5.68
N ARG C 69 36.37 -32.90 6.82
CA ARG C 69 36.95 -32.52 8.11
C ARG C 69 37.80 -33.62 8.72
N TRP C 70 37.92 -34.77 8.05
CA TRP C 70 38.74 -35.87 8.56
C TRP C 70 40.14 -35.80 7.96
N SER C 71 41.13 -36.13 8.78
CA SER C 71 42.52 -36.13 8.32
C SER C 71 43.34 -37.06 9.20
N ALA C 72 44.37 -37.64 8.61
CA ALA C 72 45.34 -38.45 9.33
C ALA C 72 46.55 -37.59 9.71
N SER C 73 47.14 -37.91 10.85
CA SER C 73 48.34 -37.21 11.30
C SER C 73 49.20 -38.18 12.10
N ILE C 74 50.49 -37.86 12.17
CA ILE C 74 51.43 -38.56 13.03
C ILE C 74 51.92 -37.58 14.08
N ASN C 75 51.78 -37.94 15.35
CA ASN C 75 52.17 -37.07 16.44
C ASN C 75 53.63 -37.31 16.82
N THR C 76 54.15 -36.44 17.69
CA THR C 76 55.52 -36.59 18.13
C THR C 76 55.65 -37.62 19.25
N GLY C 77 54.59 -37.81 20.05
CA GLY C 77 54.65 -38.76 21.13
C GLY C 77 55.76 -38.45 22.11
N ASN C 78 56.35 -39.51 22.67
CA ASN C 78 57.48 -39.40 23.59
C ASN C 78 58.82 -39.42 22.86
N CYS C 79 58.92 -38.71 21.74
CA CYS C 79 60.07 -38.78 20.86
C CYS C 79 60.80 -37.45 20.84
N PRO C 80 62.11 -37.42 21.12
CA PRO C 80 62.84 -36.14 21.10
C PRO C 80 62.79 -35.44 19.74
N PHE C 81 62.23 -36.06 18.72
CA PHE C 81 62.13 -35.47 17.39
C PHE C 81 60.73 -35.75 16.85
N SER C 82 60.51 -35.38 15.59
CA SER C 82 59.22 -35.58 14.95
C SER C 82 59.42 -36.10 13.53
N PHE C 83 58.52 -36.98 13.10
CA PHE C 83 58.51 -37.48 11.74
C PHE C 83 58.47 -36.30 10.76
N GLY C 84 59.56 -36.10 10.02
CA GLY C 84 59.61 -35.03 9.05
C GLY C 84 60.75 -34.06 9.29
N LYS C 85 60.99 -33.71 10.55
CA LYS C 85 62.05 -32.77 10.91
C LYS C 85 63.38 -33.48 11.16
N VAL C 86 63.41 -34.81 11.14
CA VAL C 86 64.67 -35.54 11.22
C VAL C 86 65.35 -35.52 9.86
N VAL C 90 69.48 -33.66 10.47
CA VAL C 90 69.64 -34.26 11.80
C VAL C 90 70.58 -35.46 11.72
N LYS C 91 71.67 -35.40 12.48
CA LYS C 91 72.70 -36.42 12.40
C LYS C 91 72.22 -37.74 13.00
N PHE C 92 72.88 -38.82 12.57
CA PHE C 92 72.43 -40.17 12.89
C PHE C 92 73.62 -41.10 12.96
N GLY C 93 73.54 -42.07 13.86
CA GLY C 93 74.39 -43.24 13.76
C GLY C 93 73.74 -44.23 12.82
N SER C 94 72.44 -44.46 13.04
CA SER C 94 71.61 -45.36 12.23
C SER C 94 70.21 -45.32 12.84
N VAL C 95 69.19 -45.04 12.02
CA VAL C 95 67.83 -44.89 12.53
C VAL C 95 66.96 -46.02 11.98
N CYS C 96 66.06 -46.54 12.82
CA CYS C 96 65.19 -47.65 12.46
C CYS C 96 63.73 -47.26 12.68
N PHE C 97 62.87 -47.79 11.82
CA PHE C 97 61.44 -47.51 11.85
C PHE C 97 60.66 -48.82 11.82
N SER C 98 59.54 -48.86 12.54
CA SER C 98 58.72 -50.06 12.57
C SER C 98 57.32 -49.72 13.05
N LEU C 99 56.38 -50.61 12.74
CA LEU C 99 55.02 -50.54 13.25
C LEU C 99 54.77 -51.52 14.38
N LYS C 100 55.82 -52.15 14.90
CA LYS C 100 55.76 -52.96 16.11
C LYS C 100 56.76 -52.41 17.12
N ASP C 101 56.59 -52.79 18.37
CA ASP C 101 57.36 -52.19 19.45
C ASP C 101 58.85 -52.45 19.26
N ILE C 102 59.65 -51.38 19.36
CA ILE C 102 61.10 -51.48 19.43
C ILE C 102 61.52 -51.10 20.85
N PRO C 103 61.64 -52.06 21.77
CA PRO C 103 62.08 -51.71 23.13
C PRO C 103 63.33 -50.83 23.13
N GLY C 104 63.22 -49.69 23.80
CA GLY C 104 64.30 -48.72 23.83
C GLY C 104 64.18 -47.59 22.83
N GLY C 105 63.03 -47.44 22.18
CA GLY C 105 62.85 -46.41 21.19
C GLY C 105 61.72 -45.45 21.50
N CYS C 106 61.31 -44.64 20.53
CA CYS C 106 60.24 -43.69 20.69
C CYS C 106 58.97 -44.20 20.04
N ALA C 107 57.84 -43.61 20.45
CA ALA C 107 56.52 -44.02 19.97
C ALA C 107 55.81 -42.78 19.42
N MET C 108 55.57 -42.77 18.11
CA MET C 108 54.87 -41.67 17.47
C MET C 108 53.42 -42.08 17.23
N PRO C 109 52.46 -41.55 17.97
CA PRO C 109 51.06 -41.94 17.75
C PRO C 109 50.55 -41.52 16.38
N ILE C 110 49.74 -42.38 15.78
CA ILE C 110 49.10 -42.12 14.50
C ILE C 110 47.61 -41.92 14.76
N MET C 111 47.09 -40.75 14.38
CA MET C 111 45.74 -40.37 14.75
C MET C 111 44.87 -40.15 13.52
N ALA C 112 43.57 -40.42 13.69
CA ALA C 112 42.52 -39.99 12.77
C ALA C 112 41.76 -38.86 13.45
N ASN C 113 41.82 -37.67 12.87
CA ASN C 113 41.34 -36.46 13.51
C ASN C 113 40.12 -35.90 12.78
N LEU C 114 39.04 -35.69 13.53
CA LEU C 114 37.82 -35.03 13.01
C LEU C 114 37.91 -33.57 13.48
N ALA C 115 38.16 -32.61 12.57
CA ALA C 115 38.32 -31.16 12.84
C ALA C 115 37.30 -30.68 13.89
N ASN C 116 37.75 -30.16 15.05
CA ASN C 116 36.93 -29.56 16.15
C ASN C 116 36.08 -30.59 16.88
N LEU C 117 36.39 -31.88 16.78
CA LEU C 117 35.64 -32.95 17.49
C LEU C 117 36.60 -34.06 17.91
N ASN C 118 36.23 -35.33 17.73
CA ASN C 118 36.99 -36.46 18.23
C ASN C 118 38.34 -36.60 17.53
N SER C 119 39.29 -37.20 18.26
CA SER C 119 40.54 -37.71 17.72
C SER C 119 40.66 -39.16 18.12
N HIS C 120 41.15 -40.00 17.21
CA HIS C 120 41.23 -41.44 17.44
C HIS C 120 42.62 -41.94 17.13
N ASN C 121 43.24 -42.63 18.09
CA ASN C 121 44.51 -43.30 17.87
C ASN C 121 44.27 -44.57 17.06
N ILE C 122 44.86 -44.64 15.87
CA ILE C 122 44.63 -45.75 14.96
C ILE C 122 45.90 -46.54 14.66
N GLY C 123 47.01 -46.21 15.30
CA GLY C 123 48.25 -46.92 15.06
C GLY C 123 49.39 -46.26 15.80
N THR C 124 50.58 -46.85 15.62
CA THR C 124 51.77 -46.36 16.30
C THR C 124 52.99 -46.62 15.44
N LEU C 125 53.77 -45.57 15.17
CA LEU C 125 55.07 -45.69 14.54
C LEU C 125 56.15 -45.70 15.63
N TYR C 126 57.03 -46.70 15.58
CA TYR C 126 58.12 -46.81 16.53
C TYR C 126 59.43 -46.47 15.84
N VAL C 127 60.26 -45.67 16.49
CA VAL C 127 61.54 -45.24 15.94
C VAL C 127 62.65 -45.61 16.93
N SER C 128 63.83 -45.87 16.37
CA SER C 128 64.99 -46.27 17.15
C SER C 128 66.23 -45.69 16.47
N TRP C 129 67.24 -45.37 17.28
CA TRP C 129 68.43 -44.74 16.72
C TRP C 129 69.62 -44.90 17.65
N SER C 130 70.81 -44.77 17.06
CA SER C 130 72.07 -44.70 17.77
C SER C 130 72.71 -43.35 17.50
N ASP C 131 73.63 -42.94 18.38
CA ASP C 131 74.26 -41.65 18.26
C ASP C 131 75.44 -41.71 17.30
N GLY C 132 75.59 -40.66 16.50
CA GLY C 132 76.68 -40.60 15.53
C GLY C 132 76.43 -39.63 14.38
N ILE D 14 25.46 67.51 -25.79
CA ILE D 14 24.16 67.26 -26.41
C ILE D 14 23.51 66.05 -25.74
N VAL D 15 22.65 66.32 -24.76
CA VAL D 15 21.96 65.29 -23.99
C VAL D 15 20.49 65.29 -24.39
N LEU D 16 19.96 64.08 -24.61
CA LEU D 16 18.55 63.90 -24.94
C LEU D 16 17.89 63.18 -23.77
N TYR D 17 17.13 63.92 -22.97
CA TYR D 17 16.40 63.37 -21.84
C TYR D 17 15.04 62.86 -22.32
N VAL D 18 14.69 61.65 -21.90
CA VAL D 18 13.40 61.06 -22.24
C VAL D 18 12.84 60.37 -21.01
N ASN D 19 11.70 60.84 -20.51
CA ASN D 19 11.05 60.25 -19.35
C ASN D 19 9.55 60.29 -19.55
N PHE D 20 8.86 59.25 -19.09
CA PHE D 20 7.40 59.18 -19.19
C PHE D 20 6.85 58.46 -17.96
N GLU D 21 5.58 58.70 -17.69
CA GLU D 21 4.85 58.03 -16.63
C GLU D 21 3.70 57.22 -17.22
N LEU D 22 3.22 56.26 -16.44
CA LEU D 22 2.13 55.39 -16.87
C LEU D 22 0.78 55.96 -16.43
N ARG D 23 -0.26 55.57 -17.16
CA ARG D 23 -1.61 55.95 -16.79
C ARG D 23 -1.94 55.45 -15.39
N ARG D 24 -2.85 56.15 -14.72
CA ARG D 24 -3.16 55.92 -13.32
C ARG D 24 -4.57 55.36 -13.17
N GLY D 25 -4.96 55.13 -11.91
CA GLY D 25 -6.33 54.87 -11.56
C GLY D 25 -6.77 53.44 -11.75
N PRO D 26 -8.06 53.19 -11.57
CA PRO D 26 -8.60 51.85 -11.81
C PRO D 26 -8.94 51.64 -13.27
N GLY D 27 -8.90 50.39 -13.69
CA GLY D 27 -9.23 50.07 -15.07
C GLY D 27 -8.37 50.79 -16.09
N ARG D 28 -7.07 50.86 -15.84
CA ARG D 28 -6.15 51.48 -16.78
C ARG D 28 -5.70 50.46 -17.82
N CYS D 29 -5.34 50.96 -19.01
CA CYS D 29 -4.71 50.15 -20.05
C CYS D 29 -3.21 50.20 -19.83
N TYR D 30 -2.62 49.07 -19.44
CA TYR D 30 -1.23 49.08 -19.00
C TYR D 30 -0.27 49.25 -20.18
N ASN D 31 -0.60 48.67 -21.33
CA ASN D 31 0.27 48.70 -22.50
C ASN D 31 -0.10 49.79 -23.49
N CYS D 32 -0.94 50.74 -23.11
CA CYS D 32 -1.34 51.82 -23.99
C CYS D 32 -0.28 52.93 -23.97
N ARG D 33 -0.50 53.96 -24.78
CA ARG D 33 0.45 55.06 -24.86
C ARG D 33 0.59 55.73 -23.49
N PRO D 34 1.82 55.93 -22.99
CA PRO D 34 1.97 56.57 -21.67
C PRO D 34 1.22 57.89 -21.55
N ALA D 35 0.95 58.32 -20.31
CA ALA D 35 0.06 59.44 -20.08
C ALA D 35 0.80 60.77 -20.18
N VAL D 36 1.97 60.88 -19.56
CA VAL D 36 2.77 62.09 -19.60
C VAL D 36 4.13 61.75 -20.19
N VAL D 37 4.59 62.56 -21.14
CA VAL D 37 5.88 62.38 -21.80
C VAL D 37 6.62 63.70 -21.73
N ASN D 38 7.87 63.66 -21.29
CA ASN D 38 8.71 64.85 -21.17
C ASN D 38 10.03 64.55 -21.87
N ILE D 39 10.13 64.94 -23.13
CA ILE D 39 11.33 64.78 -23.94
C ILE D 39 12.05 66.13 -23.94
N THR D 40 13.24 66.17 -23.36
CA THR D 40 14.01 67.40 -23.22
C THR D 40 15.36 67.22 -23.92
N LEU D 41 15.70 68.20 -24.75
CA LEU D 41 17.02 68.26 -25.40
C LEU D 41 17.80 69.41 -24.78
N ALA D 42 18.96 69.09 -24.21
CA ALA D 42 19.73 70.06 -23.45
C ALA D 42 19.95 71.35 -24.22
N ASN D 43 19.53 72.47 -23.63
CA ASN D 43 19.81 73.80 -24.13
C ASN D 43 19.16 74.09 -25.47
N PHE D 44 18.08 73.38 -25.80
CA PHE D 44 17.33 73.61 -27.02
C PHE D 44 16.14 74.51 -26.72
N ASN D 45 16.07 75.66 -27.39
CA ASN D 45 14.98 76.60 -27.26
C ASN D 45 14.22 76.62 -28.59
N GLU D 46 12.97 76.16 -28.55
CA GLU D 46 12.19 76.04 -29.78
C GLU D 46 12.11 77.37 -30.51
N THR D 47 11.95 78.47 -29.78
CA THR D 47 11.84 79.77 -30.43
C THR D 47 13.14 80.17 -31.12
N LYS D 48 14.29 79.76 -30.57
CA LYS D 48 15.57 80.19 -31.10
C LYS D 48 16.05 79.35 -32.27
N GLY D 49 15.58 78.10 -32.38
CA GLY D 49 15.94 77.27 -33.51
C GLY D 49 16.79 76.08 -33.14
N PRO D 50 17.24 75.34 -34.16
CA PRO D 50 18.05 74.15 -33.91
C PRO D 50 19.31 74.48 -33.10
N LEU D 51 19.86 73.44 -32.47
CA LEU D 51 21.12 73.53 -31.73
C LEU D 51 22.22 72.91 -32.59
N CYS D 52 23.15 73.74 -33.04
CA CYS D 52 24.20 73.32 -33.95
C CYS D 52 25.56 73.50 -33.30
N VAL D 53 26.47 72.56 -33.59
CA VAL D 53 27.84 72.59 -33.08
C VAL D 53 28.74 71.87 -34.09
N ASP D 54 30.05 71.95 -33.86
CA ASP D 54 31.02 71.39 -34.78
C ASP D 54 31.13 69.87 -34.61
N THR D 55 31.57 69.22 -35.68
CA THR D 55 31.73 67.77 -35.65
C THR D 55 32.74 67.32 -34.61
N SER D 56 33.71 68.19 -34.26
CA SER D 56 34.81 67.84 -33.39
C SER D 56 34.67 68.51 -32.03
N HIS D 57 33.42 68.88 -31.66
CA HIS D 57 33.14 69.82 -30.57
C HIS D 57 32.01 69.40 -29.71
N PHE D 58 31.73 68.12 -29.60
CA PHE D 58 30.61 67.71 -28.79
C PHE D 58 30.54 66.20 -28.69
N THR D 59 29.82 65.75 -27.67
CA THR D 59 29.54 64.32 -27.49
C THR D 59 28.03 64.13 -27.43
N THR D 60 27.57 62.99 -27.94
CA THR D 60 26.15 62.66 -27.99
C THR D 60 25.82 61.65 -26.90
N GLN D 61 24.79 61.97 -26.11
CA GLN D 61 24.41 61.15 -24.97
C GLN D 61 22.90 61.01 -24.91
N PHE D 62 22.44 59.81 -24.52
CA PHE D 62 21.03 59.51 -24.38
C PHE D 62 20.76 59.07 -22.94
N VAL D 63 19.68 59.61 -22.36
CA VAL D 63 19.30 59.34 -20.99
C VAL D 63 17.84 58.92 -20.99
N GLY D 64 17.58 57.62 -20.91
CA GLY D 64 16.23 57.09 -21.00
C GLY D 64 15.80 56.41 -19.72
N VAL D 65 14.55 56.65 -19.33
CA VAL D 65 14.03 56.08 -18.08
C VAL D 65 14.01 54.55 -18.16
N LYS D 66 13.95 53.92 -16.99
CA LYS D 66 13.92 52.47 -16.90
C LYS D 66 13.20 52.10 -15.61
N PHE D 67 12.03 51.47 -15.73
CA PHE D 67 11.27 51.05 -14.56
C PHE D 67 10.37 49.88 -14.95
N ASP D 68 10.38 48.83 -14.13
CA ASP D 68 9.62 47.61 -14.38
C ASP D 68 9.99 47.13 -15.80
N ARG D 69 9.02 46.89 -16.68
CA ARG D 69 9.30 46.45 -18.04
C ARG D 69 9.33 47.59 -19.04
N TRP D 70 9.20 48.83 -18.60
CA TRP D 70 9.13 49.98 -19.49
C TRP D 70 10.50 50.64 -19.62
N SER D 71 10.84 51.04 -20.84
CA SER D 71 12.12 51.69 -21.12
C SER D 71 11.94 52.67 -22.26
N ALA D 72 12.91 53.57 -22.39
CA ALA D 72 12.94 54.55 -23.47
C ALA D 72 14.03 54.19 -24.47
N SER D 73 13.87 54.70 -25.70
CA SER D 73 14.77 54.31 -26.78
C SER D 73 14.68 55.33 -27.91
N ILE D 74 15.68 55.27 -28.80
CA ILE D 74 15.74 56.12 -29.99
C ILE D 74 16.26 55.27 -31.14
N ASN D 75 15.58 55.33 -32.28
CA ASN D 75 15.91 54.50 -33.43
C ASN D 75 16.43 55.37 -34.58
N THR D 76 17.05 54.71 -35.55
CA THR D 76 17.67 55.45 -36.66
C THR D 76 16.61 56.04 -37.59
N GLY D 77 15.58 55.26 -37.92
CA GLY D 77 14.51 55.76 -38.77
C GLY D 77 15.02 56.19 -40.14
N ASN D 78 14.70 57.44 -40.48
CA ASN D 78 15.00 58.16 -41.70
C ASN D 78 16.48 58.42 -41.95
N CYS D 79 17.32 58.22 -40.96
CA CYS D 79 18.63 58.84 -41.02
C CYS D 79 19.67 57.83 -41.47
N PRO D 80 20.64 58.24 -42.28
CA PRO D 80 21.71 57.31 -42.68
C PRO D 80 22.69 57.04 -41.56
N PHE D 81 22.61 57.78 -40.47
CA PHE D 81 23.47 57.63 -39.30
C PHE D 81 22.64 57.11 -38.13
N SER D 82 23.27 56.99 -36.97
CA SER D 82 22.56 56.74 -35.72
C SER D 82 22.94 57.79 -34.70
N PHE D 83 22.09 57.96 -33.70
CA PHE D 83 22.30 59.00 -32.70
C PHE D 83 23.65 58.85 -32.01
N GLY D 84 23.99 57.62 -31.61
CA GLY D 84 25.13 57.37 -30.75
C GLY D 84 26.47 57.74 -31.37
N LYS D 85 26.57 57.70 -32.69
CA LYS D 85 27.82 58.27 -33.27
C LYS D 85 27.56 58.98 -34.63
N VAL D 86 27.54 60.29 -34.48
CA VAL D 86 27.17 61.21 -35.52
C VAL D 86 28.51 61.52 -36.24
N ASN D 87 28.88 60.65 -37.17
CA ASN D 87 30.06 60.86 -37.94
C ASN D 87 30.37 59.81 -38.98
N GLY D 93 31.28 68.54 -40.82
CA GLY D 93 31.12 69.98 -40.91
C GLY D 93 30.23 70.55 -39.82
N SER D 94 28.92 70.50 -40.03
CA SER D 94 27.95 71.06 -39.11
C SER D 94 26.77 70.11 -38.95
N VAL D 95 26.28 69.99 -37.72
CA VAL D 95 25.15 69.12 -37.41
C VAL D 95 24.22 69.87 -36.47
N CYS D 96 22.95 69.99 -36.85
CA CYS D 96 21.94 70.69 -36.06
C CYS D 96 20.91 69.67 -35.58
N PHE D 97 20.74 69.61 -34.25
CA PHE D 97 19.73 68.77 -33.63
C PHE D 97 18.55 69.63 -33.17
N SER D 98 17.35 69.09 -33.29
CA SER D 98 16.15 69.82 -32.89
C SER D 98 15.03 68.84 -32.61
N LEU D 99 14.03 69.30 -31.88
CA LEU D 99 12.85 68.50 -31.56
C LEU D 99 11.67 68.78 -32.47
N LYS D 100 11.80 69.70 -33.42
CA LYS D 100 10.79 69.96 -34.43
C LYS D 100 11.45 69.95 -35.80
N ASP D 101 10.63 69.77 -36.83
CA ASP D 101 11.13 69.53 -38.18
C ASP D 101 11.94 70.71 -38.71
N ILE D 102 13.26 70.54 -38.78
CA ILE D 102 14.15 71.51 -39.42
C ILE D 102 14.26 71.12 -40.89
N PRO D 103 14.45 72.08 -41.80
CA PRO D 103 14.37 71.73 -43.23
C PRO D 103 15.47 70.78 -43.66
N GLY D 104 15.09 69.79 -44.46
CA GLY D 104 16.05 68.85 -45.03
C GLY D 104 16.77 68.00 -44.00
N GLY D 105 16.06 67.60 -42.95
CA GLY D 105 16.65 66.83 -41.88
C GLY D 105 16.02 65.46 -41.75
N CYS D 106 16.82 64.50 -41.30
CA CYS D 106 16.34 63.16 -41.01
C CYS D 106 15.55 63.14 -39.69
N ALA D 107 14.66 62.17 -39.57
CA ALA D 107 13.82 62.04 -38.39
C ALA D 107 14.16 60.73 -37.68
N MET D 108 14.54 60.82 -36.40
CA MET D 108 14.89 59.66 -35.59
C MET D 108 13.85 59.47 -34.51
N PRO D 109 13.01 58.43 -34.59
CA PRO D 109 11.87 58.34 -33.65
C PRO D 109 12.30 57.97 -32.23
N ILE D 110 11.60 58.54 -31.26
CA ILE D 110 11.81 58.29 -29.84
C ILE D 110 10.64 57.44 -29.36
N MET D 111 10.94 56.28 -28.79
CA MET D 111 9.91 55.30 -28.44
C MET D 111 9.91 54.99 -26.96
N ALA D 112 8.76 54.56 -26.46
CA ALA D 112 8.59 54.01 -25.12
C ALA D 112 8.22 52.54 -25.29
N ASN D 113 9.13 51.65 -24.88
CA ASN D 113 8.99 50.23 -25.14
C ASN D 113 8.56 49.48 -23.88
N LEU D 114 7.56 48.63 -24.02
CA LEU D 114 7.16 47.69 -22.97
C LEU D 114 7.71 46.32 -23.34
N ALA D 115 8.55 45.76 -22.47
CA ALA D 115 9.29 44.54 -22.80
C ALA D 115 8.37 43.44 -23.28
N ASN D 116 8.76 42.83 -24.41
CA ASN D 116 8.04 41.69 -24.98
C ASN D 116 6.59 42.03 -25.32
N LEU D 117 6.34 43.28 -25.70
CA LEU D 117 5.03 43.68 -26.20
C LEU D 117 5.20 44.90 -27.11
N ASN D 118 4.28 45.85 -27.04
CA ASN D 118 4.24 46.93 -28.02
C ASN D 118 5.06 48.14 -27.57
N SER D 119 5.38 48.99 -28.55
CA SER D 119 6.13 50.21 -28.34
C SER D 119 5.40 51.36 -29.01
N HIS D 120 5.52 52.55 -28.42
CA HIS D 120 4.80 53.72 -28.86
C HIS D 120 5.76 54.84 -29.24
N ASN D 121 5.53 55.44 -30.41
CA ASN D 121 6.27 56.63 -30.81
C ASN D 121 5.79 57.81 -29.98
N ILE D 122 6.70 58.38 -29.17
CA ILE D 122 6.36 59.47 -28.27
C ILE D 122 7.05 60.77 -28.65
N GLY D 123 7.88 60.77 -29.69
CA GLY D 123 8.53 61.99 -30.11
C GLY D 123 9.41 61.74 -31.32
N THR D 124 10.11 62.78 -31.74
CA THR D 124 10.96 62.71 -32.91
C THR D 124 12.19 63.58 -32.71
N LEU D 125 13.36 63.05 -33.08
CA LEU D 125 14.62 63.76 -33.05
C LEU D 125 15.02 64.07 -34.49
N TYR D 126 15.12 65.35 -34.82
CA TYR D 126 15.42 65.77 -36.18
C TYR D 126 16.89 66.18 -36.28
N VAL D 127 17.58 65.64 -37.28
CA VAL D 127 18.99 65.90 -37.52
C VAL D 127 19.16 66.48 -38.92
N SER D 128 19.89 67.58 -39.03
CA SER D 128 20.31 68.12 -40.32
C SER D 128 21.82 68.30 -40.30
N TRP D 129 22.43 68.18 -41.47
CA TRP D 129 23.88 68.30 -41.58
C TRP D 129 24.28 68.91 -42.93
C1 NAG E . 4.95 -56.67 24.95
C2 NAG E . 3.84 -57.68 25.18
C3 NAG E . 3.91 -58.23 26.59
C4 NAG E . 5.28 -58.80 26.88
C5 NAG E . 6.35 -57.75 26.58
C6 NAG E . 7.76 -58.28 26.72
C7 NAG E . 1.84 -57.29 23.81
C8 NAG E . 0.52 -56.60 23.71
N2 NAG E . 2.54 -57.08 24.92
O3 NAG E . 2.92 -59.25 26.76
O4 NAG E . 5.39 -59.20 28.24
O5 NAG E . 6.22 -57.29 25.23
O6 NAG E . 8.04 -59.26 25.73
O7 NAG E . 2.26 -58.01 22.90
H1 NAG E . 4.83 -55.91 25.56
H2 NAG E . 3.97 -58.43 24.56
H3 NAG E . 3.72 -57.52 27.23
H4 NAG E . 5.44 -59.58 26.31
H5 NAG E . 6.23 -57.00 27.19
H61 NAG E . 8.39 -57.53 26.62
H62 NAG E . 7.87 -58.67 27.61
H81 NAG E . -0.08 -56.94 24.41
H82 NAG E . 0.12 -56.77 22.84
H83 NAG E . 0.63 -55.64 23.84
HN2 NAG E . 2.17 -56.54 25.56
HO3 NAG E . 3.03 -59.65 27.55
HO4 NAG E . 5.41 -58.49 28.76
HO6 NAG E . 8.92 -59.45 25.75
C1 NAG E . 5.42 -60.60 28.63
C2 NAG E . 5.95 -60.91 30.03
C3 NAG E . 5.86 -62.41 30.30
C4 NAG E . 4.44 -62.92 30.06
C5 NAG E . 3.98 -62.51 28.66
C6 NAG E . 2.53 -62.87 28.41
C7 NAG E . 7.60 -59.30 30.85
C8 NAG E . 9.06 -58.96 30.94
N2 NAG E . 7.30 -60.43 30.20
O3 NAG E . 6.24 -62.67 31.64
O4 NAG E . 4.41 -64.33 30.17
O5 NAG E . 4.09 -61.09 28.49
O6 NAG E . 2.30 -63.20 27.04
O7 NAG E . 6.74 -58.59 31.36
H1 NAG E . 5.98 -61.03 27.97
H2 NAG E . 5.37 -60.45 30.68
H3 NAG E . 6.47 -62.87 29.70
H4 NAG E . 3.85 -62.53 30.72
H5 NAG E . 4.54 -62.95 27.99
H61 NAG E . 2.28 -63.62 28.97
H62 NAG E . 1.96 -62.10 28.64
H81 NAG E . 9.42 -58.84 30.03
H82 NAG E . 9.54 -59.68 31.38
H83 NAG E . 9.17 -58.14 31.45
HN2 NAG E . 7.98 -60.92 29.84
HO3 NAG E . 6.79 -63.37 31.66
HO4 NAG E . 4.06 -64.56 30.94
HO6 NAG E . 1.45 -63.41 26.93
C1 NAG F . 20.01 -9.45 40.96
C2 NAG F . 20.84 -10.17 42.02
C3 NAG F . 22.32 -9.91 41.78
C4 NAG F . 22.70 -10.30 40.36
C5 NAG F . 21.79 -9.61 39.35
C6 NAG F . 22.02 -10.08 37.93
C7 NAG F . 20.06 -10.63 44.30
C8 NAG F . 19.70 -10.04 45.63
N2 NAG F . 20.45 -9.76 43.36
O3 NAG F . 23.08 -10.68 42.71
O4 NAG F . 24.05 -9.91 40.11
O5 NAG F . 20.41 -9.88 39.66
O6 NAG F . 21.28 -9.32 37.00
O7 NAG F . 20.00 -11.83 44.08
H1 NAG F . 20.15 -8.49 41.03
H2 NAG F . 20.67 -11.13 41.93
H3 NAG F . 22.50 -8.96 41.93
H4 NAG F . 22.61 -11.27 40.26
H5 NAG F . 21.93 -8.64 39.39
H61 NAG F . 22.97 -10.01 37.73
H62 NAG F . 21.75 -11.02 37.87
H81 NAG F . 18.74 -10.11 45.77
H82 NAG F . 19.97 -9.10 45.64
H83 NAG F . 20.17 -10.53 46.33
HN2 NAG F . 20.47 -8.88 43.56
HO3 NAG F . 23.70 -10.16 43.09
HO4 NAG F . 24.10 -9.03 40.01
HO6 NAG F . 21.56 -9.51 36.18
C1 NAG F . 25.15 -10.83 40.10
C2 NAG F . 26.28 -10.09 39.37
C3 NAG F . 27.51 -10.99 39.27
C4 NAG F . 27.90 -11.53 40.64
C5 NAG F . 26.70 -12.22 41.29
C6 NAG F . 26.98 -12.69 42.69
C7 NAG F . 25.61 -8.37 37.76
C8 NAG F . 25.18 -8.10 36.35
N2 NAG F . 25.86 -9.65 38.06
O3 NAG F . 28.60 -10.24 38.72
O4 NAG F . 28.97 -12.48 40.51
O5 NAG F . 25.62 -11.28 41.37
O6 NAG F . 26.71 -11.68 43.66
O7 NAG F . 25.72 -7.48 38.58
H1 NAG F . 24.88 -11.60 39.56
H2 NAG F . 26.53 -9.31 39.90
H3 NAG F . 27.31 -11.74 38.68
H4 NAG F . 28.20 -10.80 41.21
H5 NAG F . 26.44 -12.97 40.75
H61 NAG F . 26.43 -13.47 42.88
H62 NAG F . 27.92 -12.94 42.76
H81 NAG F . 25.01 -7.14 36.24
H82 NAG F . 25.88 -8.39 35.73
H83 NAG F . 24.35 -8.59 36.16
HN2 NAG F . 25.75 -10.28 37.41
HO3 NAG F . 29.03 -10.74 38.12
HO4 NAG F . 29.72 -12.12 40.82
HO6 NAG F . 26.73 -12.03 44.47
C1 NAG G . -33.29 50.50 -25.15
C2 NAG G . -34.73 51.00 -25.00
C3 NAG G . -35.32 51.33 -26.38
C4 NAG G . -34.40 52.27 -27.14
C5 NAG G . -32.99 51.71 -27.19
C6 NAG G . -32.00 52.65 -27.84
C7 NAG G . -36.05 50.22 -23.09
C8 NAG G . -36.87 49.09 -22.53
N2 NAG G . -35.56 50.03 -24.32
O3 NAG G . -36.60 51.93 -26.20
O4 NAG G . -34.88 52.45 -28.47
O5 NAG G . -32.52 51.46 -25.86
O6 NAG G . -31.74 53.78 -27.01
O7 NAG G . -35.83 51.24 -22.45
H1 NAG G . -33.30 49.66 -25.64
H2 NAG G . -34.71 51.83 -24.48
H3 NAG G . -35.41 50.50 -26.88
H4 NAG G . -34.39 53.14 -26.69
H5 NAG G . -33.00 50.87 -27.69
H61 NAG G . -32.36 52.96 -28.70
H62 NAG G . -31.17 52.17 -28.00
H81 NAG G . -37.12 49.30 -21.61
H82 NAG G . -36.36 48.27 -22.56
H83 NAG G . -37.68 48.99 -23.07
HN2 NAG G . -35.75 49.24 -24.74
HO3 NAG G . -36.78 52.43 -26.91
HO4 NAG G . -34.89 51.66 -28.89
HO6 NAG G . -31.09 54.25 -27.37
C1 NAG G . -35.24 53.75 -28.96
C2 NAG G . -35.42 53.77 -30.48
C3 NAG G . -36.06 55.08 -30.93
C4 NAG G . -37.34 55.35 -30.15
C5 NAG G . -37.07 55.28 -28.65
C6 NAG G . -38.31 55.43 -27.82
C7 NAG G . -33.78 52.39 -31.67
C8 NAG G . -32.43 52.36 -32.33
N2 NAG G . -34.15 53.55 -31.15
O3 NAG G . -36.35 54.99 -32.32
O4 NAG G . -37.83 56.65 -30.47
O5 NAG G . -36.50 53.99 -28.32
O6 NAG G . -39.00 54.19 -27.66
O7 NAG G . -34.49 51.40 -31.61
H1 NAG G . -34.62 54.46 -28.71
H2 NAG G . -36.03 53.03 -30.72
H3 NAG G . -35.43 55.80 -30.77
H4 NAG G . -38.01 54.68 -30.38
H5 NAG G . -36.43 55.98 -28.40
H61 NAG G . -38.06 55.76 -26.92
H62 NAG G . -38.91 56.08 -28.24
H81 NAG G . -32.26 51.46 -32.68
H82 NAG G . -32.41 53.01 -33.05
H83 NAG G . -31.74 52.59 -31.67
HN2 NAG G . -33.58 54.26 -31.22
HO3 NAG G . -36.11 55.75 -32.72
HO4 NAG G . -37.16 57.24 -30.46
HO6 NAG G . -39.65 54.28 -27.06
C1 NAG H . -3.63 13.20 -41.44
C2 NAG H . -3.59 13.88 -42.85
C3 NAG H . -2.39 14.70 -43.17
C4 NAG H . -2.01 15.42 -41.94
C5 NAG H . -1.91 14.52 -40.73
C6 NAG H . -1.59 15.32 -39.51
C7 NAG H . -5.33 13.19 -44.27
C8 NAG H . -5.90 12.22 -45.21
N2 NAG H . -4.16 12.95 -43.77
O3 NAG H . -2.89 15.74 -43.94
O4 NAG H . -0.74 15.88 -42.24
O5 NAG H . -3.17 14.04 -40.48
O6 NAG H . -0.79 14.56 -38.67
O7 NAG H . -5.94 14.18 -44.02
C1 NAG H . -0.57 17.26 -42.12
C2 NAG H . 0.91 17.45 -42.28
C3 NAG H . 1.30 18.85 -42.68
C4 NAG H . 0.55 19.15 -43.94
C5 NAG H . -0.91 19.07 -43.58
C6 NAG H . -1.72 19.44 -44.80
C7 NAG H . 2.26 15.89 -41.11
C8 NAG H . 2.99 15.53 -39.88
N2 NAG H . 1.64 17.05 -41.10
O3 NAG H . 2.69 18.84 -42.98
O4 NAG H . 0.85 20.44 -44.46
O5 NAG H . -1.15 17.72 -43.29
O6 NAG H . -2.68 20.44 -44.48
O7 NAG H . 2.18 15.15 -42.07
ZN ZN I . 7.62 -28.32 26.67
C1 NAG J . -9.26 -44.01 3.55
C2 NAG J . -8.39 -43.42 2.44
C3 NAG J . -8.93 -42.07 1.99
C4 NAG J . -10.39 -42.19 1.61
C5 NAG J . -11.18 -42.79 2.78
C6 NAG J . -12.64 -43.00 2.48
C7 NAG J . -5.97 -43.85 2.25
C8 NAG J . -4.62 -43.61 2.88
N2 NAG J . -7.00 -43.30 2.89
O3 NAG J . -8.18 -41.61 0.87
O4 NAG J . -10.92 -40.91 1.29
O5 NAG J . -10.63 -44.07 3.10
O6 NAG J . -12.85 -44.22 1.79
O7 NAG J . -6.10 -44.51 1.23
H1 NAG J . -9.21 -43.44 4.33
H2 NAG J . -8.41 -44.03 1.67
H3 NAG J . -8.84 -41.43 2.71
H4 NAG J . -10.49 -42.76 0.83
H5 NAG J . -11.10 -42.20 3.55
H61 NAG J . -12.96 -42.26 1.92
H62 NAG J . -13.13 -43.01 3.31
H81 NAG J . -4.44 -42.66 2.90
H82 NAG J . -3.94 -44.05 2.34
H83 NAG J . -4.61 -43.97 3.78
HN2 NAG J . -6.84 -42.81 3.64
HO3 NAG J . -8.03 -40.73 0.96
HO4 NAG J . -11.01 -40.84 0.41
HO6 NAG J . -13.72 -44.41 1.80
C1 NAG K . 18.87 -55.12 6.31
C2 NAG K . 20.00 -54.38 7.02
C3 NAG K . 21.35 -54.77 6.43
C4 NAG K . 21.50 -56.29 6.38
C5 NAG K . 20.30 -56.93 5.70
C6 NAG K . 20.32 -58.44 5.73
C7 NAG K . 19.55 -52.17 8.00
C8 NAG K . 19.38 -50.70 7.72
N2 NAG K . 19.80 -52.95 6.94
O3 NAG K . 22.38 -54.22 7.22
O4 NAG K . 22.68 -56.63 5.65
O5 NAG K . 19.09 -56.52 6.36
O6 NAG K . 20.14 -58.92 7.06
O7 NAG K . 19.47 -52.63 9.14
H1 NAG K . 18.83 -54.84 5.38
H2 NAG K . 19.99 -54.65 7.97
H3 NAG K . 21.40 -54.42 5.52
H4 NAG K . 21.57 -56.63 7.29
H5 NAG K . 20.26 -56.63 4.77
H61 NAG K . 21.19 -58.75 5.40
H62 NAG K . 19.62 -58.79 5.16
H81 NAG K . 18.62 -50.57 7.12
H82 NAG K . 20.19 -50.36 7.30
H83 NAG K . 19.21 -50.24 8.55
HN2 NAG K . 19.86 -52.55 6.11
HO3 NAG K . 23.03 -53.90 6.71
HO4 NAG K . 23.32 -56.87 6.22
HO6 NAG K . 20.11 -59.82 7.05
C1 NAG L . 32.24 -28.99 20.94
C2 NAG L . 32.64 -27.83 20.09
C3 NAG L . 34.08 -27.92 19.66
C4 NAG L . 34.99 -28.21 20.82
C5 NAG L . 34.49 -29.48 21.39
C6 NAG L . 35.31 -29.91 22.54
C7 NAG L . 30.92 -26.92 18.73
C8 NAG L . 30.24 -26.77 17.44
N2 NAG L . 31.85 -27.83 18.90
O3 NAG L . 34.42 -26.79 18.96
O4 NAG L . 36.28 -28.54 20.38
O5 NAG L . 33.24 -29.21 21.89
O6 NAG L . 35.38 -28.85 23.47
O7 NAG L . 30.63 -26.20 19.60
C1 NAG M . 10.84 -35.34 54.99
C2 NAG M . 11.19 -36.00 53.66
C3 NAG M . 10.63 -37.42 53.61
C4 NAG M . 11.07 -38.21 54.82
C5 NAG M . 10.73 -37.46 56.11
C6 NAG M . 11.26 -38.14 57.35
C7 NAG M . 11.49 -34.43 51.80
C8 NAG M . 10.81 -33.69 50.68
N2 NAG M . 10.70 -35.21 52.55
O3 NAG M . 11.07 -38.05 52.41
O4 NAG M . 10.42 -39.48 54.84
O5 NAG M . 11.31 -36.15 56.06
O6 NAG M . 12.66 -37.97 57.47
O7 NAG M . 12.68 -34.33 52.00
H1 NAG M . 9.87 -35.26 55.06
H2 NAG M . 12.17 -36.06 53.60
H3 NAG M . 9.65 -37.36 53.60
H4 NAG M . 12.04 -38.35 54.78
H5 NAG M . 9.76 -37.38 56.17
H61 NAG M . 10.82 -37.76 58.13
H62 NAG M . 11.06 -39.10 57.30
H81 NAG M . 11.48 -33.24 50.13
H82 NAG M . 10.30 -34.32 50.13
H83 NAG M . 10.19 -33.03 51.06
HN2 NAG M . 9.81 -35.24 52.35
HO3 NAG M . 10.39 -38.51 52.05
HO4 NAG M . 10.98 -40.10 54.54
HO6 NAG M . 12.93 -38.24 58.27
C1 NAG N . 7.86 14.39 32.44
C2 NAG N . 7.28 14.34 33.85
C3 NAG N . 6.97 15.73 34.36
C4 NAG N . 8.17 16.66 34.17
C5 NAG N . 8.70 16.57 32.75
C6 NAG N . 9.95 17.44 32.57
C7 NAG N . 5.64 12.87 34.91
C8 NAG N . 6.46 13.01 36.17
N2 NAG N . 6.07 13.53 33.84
O3 NAG N . 6.64 15.68 35.75
O4 NAG N . 7.78 18.01 34.46
O5 NAG N . 9.03 15.22 32.44
O6 NAG N . 10.28 17.53 31.18
O7 NAG N . 4.63 12.20 34.89
H2 NAG N . 8.02 13.87 34.51
H3 NAG N . 6.12 16.14 33.79
H4 NAG N . 8.97 16.35 34.86
H5 NAG N . 7.93 16.93 32.06
H61 NAG N . 10.78 17.01 33.12
H62 NAG N . 9.76 18.44 32.96
H81 NAG N . 5.93 12.61 36.99
H82 NAG N . 7.37 12.49 36.05
H83 NAG N . 6.66 14.04 36.34
HN2 NAG N . 5.55 13.46 32.97
HO3 NAG N . 6.31 16.55 36.04
HO4 NAG N . 7.57 18.09 35.39
HO6 NAG N . 11.08 17.00 31.01
ZN ZN O . -18.73 26.05 -24.78
C1 NAG P . -35.70 39.20 0.85
C2 NAG P . -34.46 39.57 1.68
C3 NAG P . -34.20 38.49 2.72
C4 NAG P . -35.44 38.24 3.57
C5 NAG P . -36.64 37.94 2.67
C6 NAG P . -37.93 37.81 3.43
C7 NAG P . -32.63 40.90 0.73
C8 NAG P . -31.46 40.91 -0.20
N2 NAG P . -33.30 39.74 0.82
O3 NAG P . -33.12 38.90 3.56
O4 NAG P . -35.22 37.14 4.44
O5 NAG P . -36.81 39.01 1.72
O6 NAG P . -38.52 39.09 3.69
O7 NAG P . -32.96 41.88 1.38
H1 NAG P . -35.53 38.38 0.37
H2 NAG P . -34.64 40.40 2.15
H3 NAG P . -33.95 37.66 2.27
H4 NAG P . -35.63 39.04 4.09
H5 NAG P . -36.47 37.11 2.18
H61 NAG P . -38.55 37.27 2.91
H62 NAG P . -37.75 37.37 4.28
H81 NAG P . -31.05 41.79 -0.20
H82 NAG P . -31.76 40.68 -1.10
H83 NAG P . -30.81 40.24 0.09
HN2 NAG P . -33.02 39.03 0.31
HO3 NAG P . -32.58 38.21 3.72
HO4 NAG P . -35.04 37.44 5.26
HO6 NAG P . -39.35 38.98 3.98
C1 NAG Q . -16.26 58.42 -11.69
C2 NAG Q . -15.15 57.99 -12.63
C3 NAG Q . -14.03 59.03 -12.65
C4 NAG Q . -14.60 60.41 -12.95
C5 NAG Q . -15.76 60.74 -12.01
C6 NAG Q . -16.45 62.03 -12.35
C7 NAG Q . -14.55 55.64 -13.05
C8 NAG Q . -13.97 54.38 -12.48
N2 NAG Q . -14.62 56.69 -12.23
O3 NAG Q . -13.07 58.68 -13.64
O4 NAG Q . -13.59 61.40 -12.78
O5 NAG Q . -16.75 59.70 -12.09
O6 NAG Q . -16.79 62.10 -13.73
O7 NAG Q . -14.94 55.71 -14.22
H1 NAG Q . -15.91 58.48 -10.78
H2 NAG Q . -15.51 57.91 -13.53
H3 NAG Q . -13.60 59.05 -11.77
H4 NAG Q . -14.93 60.42 -13.87
H5 NAG Q . -15.42 60.78 -11.09
H61 NAG Q . -17.27 62.10 -11.82
H62 NAG Q . -15.86 62.78 -12.12
H81 NAG Q . -14.49 54.12 -11.69
H82 NAG Q . -13.04 54.54 -12.22
H83 NAG Q . -14.02 53.67 -13.14
HN2 NAG Q . -14.31 56.59 -11.38
HO3 NAG Q . -12.26 58.79 -13.32
HO4 NAG Q . -13.24 61.31 -11.98
HO6 NAG Q . -17.24 62.85 -13.88
C1 NAG R . 3.43 38.29 -27.19
C2 NAG R . 4.48 37.46 -26.45
C3 NAG R . 5.84 38.12 -26.57
C4 NAG R . 6.19 38.37 -28.03
C5 NAG R . 5.06 39.12 -28.73
C6 NAG R . 5.28 39.25 -30.23
C7 NAG R . 3.86 36.07 -24.53
C8 NAG R . 3.51 36.07 -23.07
N2 NAG R . 4.12 37.27 -25.06
O3 NAG R . 6.83 37.28 -25.97
O4 NAG R . 7.38 39.15 -28.11
O5 NAG R . 3.82 38.44 -28.55
O6 NAG R . 4.33 40.10 -30.82
O7 NAG R . 3.92 35.04 -25.19
H1 NAG R . 3.36 39.17 -26.78
H2 NAG R . 4.53 36.58 -26.88
H3 NAG R . 5.82 38.98 -26.09
H4 NAG R . 6.32 37.52 -28.48
H5 NAG R . 4.98 40.02 -28.34
H61 NAG R . 6.18 39.60 -30.39
H62 NAG R . 5.21 38.37 -30.63
H81 NAG R . 4.22 36.51 -22.56
H82 NAG R . 2.67 36.54 -22.94
H83 NAG R . 3.41 35.14 -22.76
HN2 NAG R . 4.06 38.01 -24.53
HO3 NAG R . 7.51 37.78 -25.70
HO4 NAG R . 8.06 38.63 -28.38
HO6 NAG R . 4.48 40.15 -31.70
C1 NAG S . 2.14 -11.56 -30.88
C2 NAG S . 1.20 -12.54 -31.51
C3 NAG S . 1.64 -13.90 -31.08
C4 NAG S . 3.05 -14.13 -31.53
C5 NAG S . 3.89 -12.99 -31.03
C6 NAG S . 5.28 -13.09 -31.57
C7 NAG S . -1.08 -12.58 -32.04
C8 NAG S . -2.45 -12.42 -31.59
N2 NAG S . -0.17 -12.42 -31.13
O3 NAG S . 0.75 -14.85 -31.62
O4 NAG S . 3.46 -15.35 -30.95
O5 NAG S . 3.34 -11.82 -31.53
O6 NAG S . 5.07 -13.21 -32.96
O7 NAG S . -0.81 -12.83 -33.18
C1 NAG T . 46.97 -49.98 2.01
C2 NAG T . 46.38 -50.65 0.75
C3 NAG T . 47.48 -50.95 -0.27
C4 NAG T . 48.29 -49.69 -0.57
C5 NAG T . 48.83 -49.12 0.74
C6 NAG T . 49.59 -47.83 0.54
C7 NAG T . 44.35 -52.00 1.14
C8 NAG T . 43.82 -53.34 1.53
N2 NAG T . 45.69 -51.89 1.12
O3 NAG T . 46.88 -51.43 -1.47
O4 NAG T . 49.37 -50.00 -1.44
O5 NAG T . 47.74 -48.83 1.62
O6 NAG T . 48.73 -46.77 0.13
O7 NAG T . 43.62 -51.06 0.85
H1 NAG T . 47.56 -50.62 2.46
H2 NAG T . 45.76 -50.04 0.35
H3 NAG T . 48.08 -51.62 0.09
H4 NAG T . 47.72 -49.03 -1.00
H5 NAG T . 49.42 -49.77 1.16
H61 NAG T . 50.01 -47.57 1.39
H62 NAG T . 50.28 -47.97 -0.13
H81 NAG T . 44.11 -53.55 2.44
H82 NAG T . 44.15 -54.02 0.92
H83 NAG T . 42.84 -53.32 1.50
HN2 NAG T . 46.18 -52.61 1.34
HO3 NAG T . 47.35 -52.11 -1.79
HO4 NAG T . 49.17 -49.76 -2.26
HO6 NAG T . 49.17 -46.00 0.15
C1 NAG U . 57.96 -61.52 5.58
C2 NAG U . 57.59 -62.23 4.29
C3 NAG U . 57.32 -63.71 4.55
C4 NAG U . 58.51 -64.35 5.26
C5 NAG U . 58.84 -63.57 6.53
C6 NAG U . 60.09 -64.07 7.22
C7 NAG U . 56.53 -60.76 2.64
C8 NAG U . 55.23 -60.22 2.11
N2 NAG U . 56.43 -61.61 3.66
O3 NAG U . 57.06 -64.40 3.33
O4 NAG U . 58.22 -65.70 5.60
O5 NAG U . 59.07 -62.19 6.20
O6 NAG U . 61.23 -63.94 6.39
O7 NAG U . 57.61 -60.45 2.13
H1 NAG U . 57.18 -61.54 6.18
H2 NAG U . 58.35 -62.17 3.68
H3 NAG U . 56.53 -63.79 5.12
H4 NAG U . 59.28 -64.34 4.66
H5 NAG U . 58.08 -63.63 7.14
H61 NAG U . 60.23 -63.56 8.03
H62 NAG U . 59.96 -65.02 7.45
H81 NAG U . 55.41 -59.61 1.37
H82 NAG U . 54.77 -59.74 2.82
H83 NAG U . 54.67 -60.95 1.81
HN2 NAG U . 55.61 -61.80 3.98
HO3 NAG U . 56.36 -64.93 3.43
HO4 NAG U . 58.61 -66.25 5.03
HO6 NAG U . 61.97 -64.12 6.85
C1 NAG V . 13.70 81.04 -25.55
C2 NAG V . 13.79 81.56 -24.12
C3 NAG V . 12.81 82.73 -23.94
C4 NAG V . 13.07 83.80 -24.98
C5 NAG V . 13.02 83.21 -26.38
C6 NAG V . 13.40 84.20 -27.45
C7 NAG V . 14.48 80.02 -22.34
C8 NAG V . 14.03 78.94 -21.41
N2 NAG V . 13.54 80.51 -23.15
O3 NAG V . 12.97 83.26 -22.62
O4 NAG V . 12.08 84.83 -24.87
O5 NAG V . 13.94 82.11 -26.48
O6 NAG V . 14.80 84.39 -27.51
O7 NAG V . 15.63 80.44 -22.36
H1 NAG V . 12.81 80.67 -25.70
H2 NAG V . 14.70 81.90 -23.97
H3 NAG V . 11.91 82.39 -24.03
H4 NAG V . 13.95 84.19 -24.82
H5 NAG V . 12.11 82.87 -26.55
H61 NAG V . 13.09 83.86 -28.32
H62 NAG V . 12.97 85.05 -27.27
H81 NAG V . 13.33 79.28 -20.82
H82 NAG V . 13.69 78.19 -21.92
H83 NAG V . 14.79 78.65 -20.87
HN2 NAG V . 12.70 80.16 -23.11
HO3 NAG V . 12.16 83.45 -22.29
HO4 NAG V . 12.43 85.54 -24.46
HO6 NAG V . 15.03 84.75 -28.28
C1 NAG W . 11.52 67.51 -18.18
C2 NAG W . 11.40 67.87 -16.71
C3 NAG W . 12.51 68.82 -16.32
C4 NAG W . 13.83 68.08 -16.35
C5 NAG W . 13.88 67.04 -17.46
C6 NAG W . 13.66 65.63 -16.95
C7 NAG W . 9.28 68.02 -15.48
C8 NAG W . 7.98 68.74 -15.34
N2 NAG W . 10.10 68.47 -16.43
O3 NAG W . 12.26 69.33 -15.02
O4 NAG W . 14.89 69.02 -16.56
O5 NAG W . 12.93 67.27 -18.52
O6 NAG W . 14.86 64.87 -16.93
O7 NAG W . 9.57 67.07 -14.75
H1 NAG W . 11.19 68.25 -18.73
H2 NAG W . 11.49 67.05 -16.18
H3 NAG W . 12.53 69.57 -16.95
H4 NAG W . 13.94 67.64 -15.49
H5 NAG W . 14.77 67.10 -17.88
H61 NAG W . 13.30 65.68 -16.05
H62 NAG W . 13.02 65.19 -17.53
H81 NAG W . 8.15 69.68 -15.16
H82 NAG W . 7.47 68.66 -16.17
H83 NAG W . 7.46 68.36 -14.61
HN2 NAG W . 9.83 69.18 -16.92
HO3 NAG W . 12.50 70.19 -15.00
HO4 NAG W . 15.44 69.02 -15.86
HO6 NAG W . 14.68 64.03 -16.71
#